data_6SYQ
#
_entry.id   6SYQ
#
_cell.length_a   100.723
_cell.length_b   135.648
_cell.length_c   238.936
_cell.angle_alpha   90.000
_cell.angle_beta   90.000
_cell.angle_gamma   90.000
#
_symmetry.space_group_name_H-M   'P 21 21 21'
#
loop_
_entity.id
_entity.type
_entity.pdbx_description
1 polymer Alternansucrase
2 polymer Alternansucrase
3 branched alpha-D-glucopyranose-(1-6)-alpha-D-glucopyranose-(1-6)-alpha-D-glucopyranose
4 branched alpha-D-glucopyranose-(1-6)-alpha-D-glucopyranose
5 non-polymer 'CALCIUM ION'
6 non-polymer alpha-D-glucopyranose
#
loop_
_entity_poly.entity_id
_entity_poly.type
_entity_poly.pdbx_seq_one_letter_code
_entity_poly.pdbx_strand_id
1 'polypeptide(L)'
;SDPITGGHYENHNGYFVYIDASGKQVTGLQNIDGNLQYFDDNGYQVKGSFRDVNGKHIYFDSVTGKASSNVDIVNGKAQG
YDAQGNQLKKSYVADSSGQTYYFDGNGQPLIGLQTIDGNLQYFNQQGVQIKGGFQDVNNKRIYFAPNTGNAVANTEIING
KLQGRDANGNQVKNAFSKDVAGNTFYFDANGVMLTGLQTISGKTYYLDEQGHLRKNYAGTFNNQFMYFDADTGAGKTAIE
YQFDQGLVSQSNENTPHNAAKSYDKSSFENVDGYLTADTWYRPTDILKNGDTWTASTETDMRPLLMTWWPDKQTQANYLN
FMSSKGLGITTTYTAATSQKTLNDAAFVIQTAIEQQISLKKSTEWLRDAIDSFVKTQANWNKQTEDEAFDGLQWLQGGFL
AYQDDSHRTPNTDSGNNRKLGRQPINIDGSKDTTDGKGSEFLLANDIDNSNPIVQAEQLNWLHYLMNFGSITGNNDNANF
DGIRVDAVDNVDADLLKIAGDYFKALYGTDKSDANANKHLSILEDWNGKDPQYVNQQGNAQLTMDYTVTSQFGNSLTHGA
NNRSNMWYFLDTGYYLNGDLNKKIVDKNRPNSGTLVNRIANSGDTKVIPNYSFVRAHDYDAQDPIRKAMIDHGIIKNMQD
TFTFDQLAQGMEFYYKDQENPSGFKKYNDYNLPSAYAMLLTNKDTVPRVYYGDMYLEGGQYMEKGTIYNPVISALLKARI
KYVSGGQTMATDSSGKDLKDGETDLLTSVRFGKGIMTSDQTTTQDNSQDYKNQGIGVIVGNNPDLKLNNDKTITLHMGKA
HKNQLYRALVLSNDSGIDVYDSDDKAPTLRTNDNGDLIFHKTNTFVKQDGTIINYEMKGSLNALISGYLGVWVPVGASDS
QDARTVATESSSSNDGSVFHSNAALDSNVIYEGFSNFQAMPTSPEQSTNVVIATKANLFKELGITSFELAPQYRSSGDTN
YGGMSFLDSFLNNGYAFTDRYDLGFNKADGNPNPTKYGTDQDLRNAIEALHKNGMQAIADWVPDQIYALPGKEVVTATRV
DERGNQLKDTDFVNLLYVANTKSSGVDYQAKYGGEFLDKLREEYPSLFKQNQVSTGQPIDASTKIKQWSAKYMNGTNILH
RGAYYVLKDWATNQYFNIAKTNEVFLPLQLQNKDAQTGFISDASGVKYYSISGYQAKDTFIEDGNGNWYYFDKDGYMVRS
QQGENPIRTVETSVNTRNGNYYFMPNGVELRKGFGTDNSGNVYYFDDQGKMVRDKYINDDANNFYHLNVDGTMSR
;
A
2 'polypeptide(L)'
;KSYVADSSGQTYYFDGNGQPLIGLQTIDGNLQYFNQQGVQIKGGFQDVNNKRIYFAPNTGNAVANTEIINGKLQGRDANG
NQVKNAFSKDVAGNTFYFDANGVMLTGLQTISGKTYYLDEQGHLRKNYAGTFNNQFMYFDADTGAGKTAIEYQFDQGLVS
QSNENTPHNAAKSYDKSSFENVDGYLTADTWYRPTDILKNGDTWTASTETDMRPLLMTWWPDKQTQANYLNFMSSKGLGI
TTTYTAATSQKTLNDAAFVIQTAIEQQISLKKSTEWLRDAIDSFVKTQANWNKQTEDEAFDGLQWLQGGFLAYQDDSHRT
PNTDSGNNRKLGRQPINIDGSKDTTDGKGSEFLLANDIDNSNPIVQAEQLNWLHYLMNFGSITGNNDNANFDGIRVDAVD
NVDADLLKIAGDYFKALYGTDKSDANANKHLSILEDWNGKDPQYVNQQGNAQLTMDYTVTSQFGNSLTHGANNRSNMWYF
LDTGYYLNGDLNKKIVDKNRPNSGTLVNRIANSGDTKVIPNYSFVRAHDYDAQDPIRKAMIDHGIIKNMQDTFTFDQLAQ
GMEFYYKDQENPSGFKKYNDYNLPSAYAMLLTNKDTVPRVYYGDMYLEGGQYMEKGTIYNPVISALLKARIKYVSGGQTM
ATDSSGKDLKDGETDLLTSVRFGKGIMTSDQTTTQDNSQDYKNQGIGVIVGNNPDLKLNNDKTITLHMGKAHKNQLYRAL
VLSNDSGIDVYDSDDKAPTLRTNDNGDLIFHKTNTFVKQDGTIINYEMKGSLNALISGYLGVWVPVGASDSQDARTVATE
SSSSNDGSVFHSNAALDSNVIYEGFSNFQAMPTSPEQSTNVVIATKANLFKELGITSFELAPQYRSSGDTNYGGMSFLDS
FLNNGYAFTDRYDLGFNKADGNPNPTKYGTDQDLRNAIEALHKNGMQAIADWVPDQIYALPGKEVVTATRVDERGNQLKD
TDFVNLLYVANTKSSGVDYQAKYGGEFLDKLREEYPSLFKQNQVSTGQPIDASTKIKQWSAKYMNGTNILHRGAYYVLKD
WATNQYFNIAKTNEVFLPLQLQNKDAQTGFISDASGVKYYSISGYQAKDTFIEDGNGNWYYFDKDGYMVRSQQGENPIRT
VETSVNTRNGNYYFMPNGVELRKGFGTDNSGNVYYFDDQGKMVRDKYINDDANNFYHLNVDGTMS
;
B
#
# COMPACT_ATOMS: atom_id res chain seq x y z
N SER A 1 -4.05 30.67 -11.77
CA SER A 1 -3.15 31.86 -11.88
C SER A 1 -1.99 31.65 -12.88
N ASP A 2 -1.86 32.60 -13.80
CA ASP A 2 -0.84 32.52 -14.85
C ASP A 2 0.53 32.57 -14.22
N PRO A 3 1.47 31.74 -14.74
CA PRO A 3 2.85 31.56 -14.26
C PRO A 3 3.78 32.76 -14.50
N ILE A 4 4.82 32.85 -13.69
CA ILE A 4 5.83 33.89 -13.80
C ILE A 4 7.19 33.22 -13.63
N THR A 5 8.22 33.89 -14.13
CA THR A 5 9.61 33.44 -14.00
C THR A 5 10.60 34.63 -13.95
N GLY A 6 11.82 34.33 -13.50
CA GLY A 6 12.87 35.33 -13.41
C GLY A 6 12.88 36.18 -12.14
N GLY A 7 12.02 35.88 -11.16
CA GLY A 7 12.04 36.56 -9.85
C GLY A 7 12.62 35.65 -8.77
N HIS A 8 13.70 36.10 -8.13
CA HIS A 8 14.36 35.38 -7.01
C HIS A 8 13.51 35.28 -5.72
N TYR A 9 13.84 34.27 -4.89
CA TYR A 9 13.23 34.09 -3.55
C TYR A 9 14.10 34.73 -2.48
N GLU A 10 13.48 35.47 -1.56
CA GLU A 10 14.23 36.07 -0.45
C GLU A 10 13.63 35.64 0.86
N ASN A 11 14.51 35.46 1.84
CA ASN A 11 14.09 35.10 3.19
C ASN A 11 14.20 36.30 4.13
N HIS A 12 13.07 36.70 4.71
CA HIS A 12 13.06 37.75 5.71
C HIS A 12 12.42 37.28 7.00
N ASN A 13 13.15 37.39 8.11
CA ASN A 13 12.66 37.07 9.45
C ASN A 13 12.09 35.67 9.56
N GLY A 14 12.72 34.72 8.86
CA GLY A 14 12.26 33.35 8.85
C GLY A 14 11.21 33.02 7.80
N TYR A 15 10.93 33.93 6.89
CA TYR A 15 9.85 33.68 5.93
C TYR A 15 10.33 33.86 4.52
N PHE A 16 9.73 33.09 3.61
CA PHE A 16 9.96 33.23 2.19
C PHE A 16 9.09 34.32 1.53
N VAL A 17 9.77 35.26 0.88
CA VAL A 17 9.17 36.27 0.05
C VAL A 17 9.60 35.95 -1.37
N TYR A 18 8.82 36.41 -2.34
CA TYR A 18 9.18 36.31 -3.76
C TYR A 18 9.14 37.68 -4.42
N ILE A 19 10.29 38.09 -4.98
CA ILE A 19 10.42 39.37 -5.68
C ILE A 19 10.53 39.14 -7.20
N ASP A 20 9.58 39.78 -7.91
CA ASP A 20 9.37 39.66 -9.37
C ASP A 20 10.60 40.07 -10.21
N ALA A 21 10.56 39.74 -11.50
CA ALA A 21 11.49 40.31 -12.49
C ALA A 21 11.33 41.83 -12.58
N SER A 22 10.06 42.30 -12.50
CA SER A 22 9.78 43.73 -12.32
C SER A 22 10.59 44.26 -11.14
N GLY A 23 10.74 43.42 -10.11
CA GLY A 23 11.40 43.79 -8.86
C GLY A 23 10.40 44.14 -7.77
N LYS A 24 9.11 43.85 -8.00
CA LYS A 24 8.09 44.09 -6.99
C LYS A 24 7.77 42.79 -6.23
N GLN A 25 7.62 42.94 -4.91
CA GLN A 25 7.19 41.89 -3.99
C GLN A 25 5.80 41.38 -4.38
N VAL A 26 5.58 40.08 -4.24
CA VAL A 26 4.38 39.43 -4.73
C VAL A 26 3.43 39.07 -3.58
N THR A 27 2.15 39.38 -3.77
CA THR A 27 1.10 38.94 -2.84
C THR A 27 0.07 38.10 -3.58
N GLY A 28 -0.73 37.36 -2.82
CA GLY A 28 -1.82 36.58 -3.38
C GLY A 28 -1.38 35.28 -4.00
N LEU A 29 -2.35 34.58 -4.59
CA LEU A 29 -2.11 33.29 -5.21
C LEU A 29 -1.27 33.50 -6.46
N GLN A 30 -0.25 32.67 -6.65
CA GLN A 30 0.65 32.80 -7.81
C GLN A 30 1.14 31.44 -8.28
N ASN A 31 1.01 31.15 -9.57
CA ASN A 31 1.77 30.05 -10.18
C ASN A 31 3.19 30.51 -10.58
N ILE A 32 4.20 30.15 -9.79
CA ILE A 32 5.61 30.46 -10.13
C ILE A 32 6.29 29.19 -10.68
N ASP A 33 6.69 29.20 -11.95
CA ASP A 33 7.36 28.07 -12.61
C ASP A 33 6.63 26.71 -12.46
N GLY A 34 5.31 26.72 -12.63
CA GLY A 34 4.52 25.49 -12.56
C GLY A 34 4.09 25.04 -11.16
N ASN A 35 4.43 25.82 -10.13
CA ASN A 35 4.03 25.56 -8.72
C ASN A 35 3.05 26.61 -8.19
N LEU A 36 1.91 26.15 -7.66
CA LEU A 36 0.84 27.03 -7.19
C LEU A 36 1.03 27.40 -5.70
N GLN A 37 1.23 28.68 -5.42
CA GLN A 37 1.67 29.17 -4.08
C GLN A 37 0.83 30.36 -3.65
N TYR A 38 0.93 30.73 -2.37
CA TYR A 38 0.18 31.88 -1.86
C TYR A 38 1.05 32.76 -0.92
N PHE A 39 0.85 34.08 -0.99
CA PHE A 39 1.48 35.04 -0.08
C PHE A 39 0.41 35.93 0.53
N ASP A 40 0.45 36.10 1.85
CA ASP A 40 -0.53 36.96 2.53
C ASP A 40 -0.24 38.43 2.15
N ASP A 41 -0.95 39.36 2.80
CA ASP A 41 -0.75 40.80 2.53
C ASP A 41 0.67 41.38 2.80
N ASN A 42 1.39 40.85 3.81
CA ASN A 42 2.78 41.28 4.03
C ASN A 42 3.82 40.73 3.02
N GLY A 43 3.41 39.76 2.18
CA GLY A 43 4.27 39.23 1.12
C GLY A 43 4.99 37.95 1.49
N TYR A 44 4.79 37.50 2.73
CA TYR A 44 5.30 36.21 3.20
C TYR A 44 4.52 35.04 2.58
N GLN A 45 5.22 33.93 2.37
CA GLN A 45 4.64 32.74 1.78
C GLN A 45 4.00 31.86 2.84
N VAL A 46 2.92 31.19 2.46
CA VAL A 46 2.19 30.30 3.36
C VAL A 46 2.57 28.86 3.06
N LYS A 47 2.88 28.12 4.12
CA LYS A 47 3.17 26.67 4.07
C LYS A 47 2.42 25.95 5.17
N GLY A 48 1.89 24.77 4.85
CA GLY A 48 1.19 23.94 5.84
C GLY A 48 -0.08 24.54 6.43
N SER A 49 -0.72 25.44 5.71
CA SER A 49 -1.95 26.05 6.17
C SER A 49 -2.92 26.10 4.99
N PHE A 50 -4.22 26.22 5.27
CA PHE A 50 -5.26 26.40 4.23
C PHE A 50 -5.51 27.89 3.98
N ARG A 51 -5.65 28.30 2.72
CA ARG A 51 -6.12 29.67 2.42
C ARG A 51 -7.36 29.67 1.53
N ASP A 52 -8.15 30.74 1.62
CA ASP A 52 -9.32 30.92 0.77
C ASP A 52 -9.04 31.96 -0.32
N VAL A 53 -9.09 31.51 -1.58
CA VAL A 53 -8.98 32.42 -2.73
C VAL A 53 -10.14 32.11 -3.68
N ASN A 54 -10.84 33.15 -4.11
CA ASN A 54 -12.08 33.03 -4.90
C ASN A 54 -13.09 32.14 -4.18
N GLY A 55 -13.61 31.09 -4.82
CA GLY A 55 -14.49 30.16 -4.13
C GLY A 55 -13.76 28.91 -3.66
N LYS A 56 -12.42 28.95 -3.64
CA LYS A 56 -11.63 27.75 -3.39
C LYS A 56 -10.97 27.70 -2.00
N HIS A 57 -11.00 26.52 -1.38
CA HIS A 57 -10.32 26.24 -0.13
C HIS A 57 -9.08 25.40 -0.45
N ILE A 58 -7.92 26.05 -0.55
CA ILE A 58 -6.69 25.39 -1.01
C ILE A 58 -5.67 25.24 0.11
N TYR A 59 -5.24 24.01 0.38
CA TYR A 59 -4.11 23.78 1.29
C TYR A 59 -2.80 23.95 0.54
N PHE A 60 -1.75 24.39 1.23
CA PHE A 60 -0.41 24.46 0.66
C PHE A 60 0.54 23.60 1.51
N ASP A 61 1.48 22.91 0.87
CA ASP A 61 2.35 21.92 1.55
C ASP A 61 3.26 22.57 2.60
N SER A 62 3.67 21.77 3.58
CA SER A 62 4.45 22.25 4.73
C SER A 62 5.96 22.45 4.41
N VAL A 63 6.47 21.71 3.42
CA VAL A 63 7.88 21.81 2.99
C VAL A 63 8.04 22.87 1.89
N THR A 64 7.35 22.63 0.77
CA THR A 64 7.51 23.39 -0.49
C THR A 64 6.57 24.62 -0.57
N GLY A 65 5.44 24.57 0.15
CA GLY A 65 4.40 25.62 0.04
C GLY A 65 3.53 25.50 -1.20
N LYS A 66 3.52 24.30 -1.78
CA LYS A 66 2.86 24.00 -3.06
C LYS A 66 1.44 23.49 -2.84
N ALA A 67 0.51 23.95 -3.67
CA ALA A 67 -0.90 23.58 -3.52
C ALA A 67 -1.14 22.08 -3.74
N SER A 68 -1.70 21.43 -2.71
CA SER A 68 -2.05 19.99 -2.77
C SER A 68 -3.24 19.61 -1.85
N SER A 69 -3.78 18.41 -2.07
CA SER A 69 -4.98 17.94 -1.38
C SER A 69 -4.82 17.85 0.11
N ASN A 70 -5.88 18.16 0.84
CA ASN A 70 -5.90 17.83 2.26
C ASN A 70 -7.34 17.69 2.75
N VAL A 71 -7.49 17.34 4.01
CA VAL A 71 -8.75 17.36 4.70
C VAL A 71 -8.71 18.50 5.71
N ASP A 72 -9.76 19.33 5.73
CA ASP A 72 -9.89 20.35 6.75
C ASP A 72 -11.11 20.00 7.58
N ILE A 73 -11.01 20.20 8.90
CA ILE A 73 -12.20 20.15 9.73
C ILE A 73 -12.82 21.54 9.52
N VAL A 74 -14.01 21.53 8.93
CA VAL A 74 -14.76 22.75 8.62
C VAL A 74 -15.97 22.74 9.51
N ASN A 75 -16.10 23.79 10.30
CA ASN A 75 -17.06 23.80 11.38
C ASN A 75 -16.93 22.46 12.10
N GLY A 76 -18.02 21.76 12.37
CA GLY A 76 -17.89 20.50 13.12
C GLY A 76 -17.34 19.27 12.37
N LYS A 77 -17.14 19.36 11.06
CA LYS A 77 -17.09 18.16 10.25
C LYS A 77 -15.98 18.15 9.24
N ALA A 78 -15.58 16.95 8.85
CA ALA A 78 -14.49 16.80 7.92
C ALA A 78 -14.99 16.99 6.50
N GLN A 79 -14.15 17.64 5.67
CA GLN A 79 -14.45 17.82 4.26
C GLN A 79 -13.14 17.76 3.46
N GLY A 80 -13.13 16.98 2.38
CA GLY A 80 -11.89 16.75 1.59
C GLY A 80 -11.72 17.81 0.56
N TYR A 81 -10.50 18.06 0.09
CA TYR A 81 -10.26 19.12 -0.90
C TYR A 81 -9.16 18.70 -1.81
N ASP A 82 -9.23 19.15 -3.05
CA ASP A 82 -8.20 18.81 -4.02
C ASP A 82 -7.13 19.88 -4.13
N ALA A 83 -6.22 19.66 -5.07
CA ALA A 83 -5.12 20.59 -5.33
C ALA A 83 -5.60 21.96 -5.78
N GLN A 84 -6.76 22.03 -6.44
CA GLN A 84 -7.32 23.32 -6.90
C GLN A 84 -8.31 23.97 -5.95
N GLY A 85 -8.56 23.30 -4.83
CA GLY A 85 -9.39 23.84 -3.75
C GLY A 85 -10.88 23.52 -3.82
N ASN A 86 -11.24 22.50 -4.59
CA ASN A 86 -12.64 22.07 -4.73
C ASN A 86 -12.97 21.00 -3.72
N GLN A 87 -14.15 21.13 -3.09
CA GLN A 87 -14.61 20.06 -2.21
C GLN A 87 -14.73 18.77 -3.04
N LEU A 88 -14.12 17.71 -2.55
CA LEU A 88 -14.14 16.43 -3.24
C LEU A 88 -15.41 15.65 -2.88
N LYS A 89 -15.94 14.97 -3.89
CA LYS A 89 -17.07 14.04 -3.77
C LYS A 89 -16.64 12.66 -4.31
N LYS A 90 -17.08 11.59 -3.64
CA LYS A 90 -16.74 10.21 -4.03
C LYS A 90 -15.26 10.03 -4.37
N SER A 91 -14.42 10.34 -3.39
CA SER A 91 -12.99 10.18 -3.54
C SER A 91 -12.32 9.96 -2.19
N TYR A 92 -11.17 9.29 -2.23
CA TYR A 92 -10.28 9.17 -1.08
C TYR A 92 -9.44 10.44 -0.98
N VAL A 93 -9.18 10.90 0.23
CA VAL A 93 -8.09 11.87 0.43
C VAL A 93 -7.26 11.55 1.67
N ALA A 94 -5.95 11.77 1.52
CA ALA A 94 -5.03 11.60 2.62
C ALA A 94 -4.74 12.97 3.15
N ASP A 95 -4.76 13.09 4.48
CA ASP A 95 -4.46 14.37 5.12
C ASP A 95 -2.93 14.52 5.33
N SER A 96 -2.55 15.58 6.02
CA SER A 96 -1.14 15.88 6.26
C SER A 96 -0.44 14.71 7.00
N SER A 97 -1.11 14.19 8.03
CA SER A 97 -0.57 13.12 8.90
C SER A 97 -0.60 11.72 8.28
N GLY A 98 -1.01 11.61 7.02
CA GLY A 98 -0.97 10.31 6.35
C GLY A 98 -2.22 9.49 6.63
N GLN A 99 -3.25 10.10 7.23
CA GLN A 99 -4.55 9.43 7.46
C GLN A 99 -5.53 9.61 6.30
N THR A 100 -6.41 8.62 6.12
CA THR A 100 -7.21 8.54 4.90
C THR A 100 -8.72 8.54 5.18
N TYR A 101 -9.44 9.40 4.45
CA TYR A 101 -10.91 9.47 4.56
C TYR A 101 -11.50 9.13 3.20
N TYR A 102 -12.74 8.65 3.18
CA TYR A 102 -13.46 8.55 1.93
C TYR A 102 -14.71 9.33 2.09
N PHE A 103 -14.88 10.29 1.19
CA PHE A 103 -16.03 11.17 1.19
C PHE A 103 -17.01 10.71 0.11
N ASP A 104 -18.26 10.59 0.50
CA ASP A 104 -19.30 10.03 -0.37
C ASP A 104 -19.80 11.05 -1.41
N GLY A 105 -20.99 10.77 -1.95
CA GLY A 105 -21.59 11.63 -2.97
C GLY A 105 -21.87 13.03 -2.50
N ASN A 106 -22.23 13.14 -1.22
CA ASN A 106 -22.54 14.42 -0.61
C ASN A 106 -21.32 15.09 0.04
N GLY A 107 -20.14 14.46 -0.14
CA GLY A 107 -18.85 14.99 0.29
C GLY A 107 -18.61 14.78 1.76
N GLN A 108 -19.41 13.91 2.37
CA GLN A 108 -19.32 13.64 3.80
C GLN A 108 -18.63 12.31 4.04
N PRO A 109 -17.72 12.27 5.02
CA PRO A 109 -16.92 11.08 5.16
C PRO A 109 -17.74 9.91 5.64
N LEU A 110 -17.43 8.73 5.10
CA LEU A 110 -18.12 7.50 5.47
C LEU A 110 -17.55 6.97 6.76
N ILE A 111 -18.41 6.37 7.57
CA ILE A 111 -18.06 5.85 8.87
C ILE A 111 -18.51 4.41 8.99
N GLY A 112 -17.77 3.58 9.72
CA GLY A 112 -18.13 2.17 9.87
C GLY A 112 -17.73 1.34 8.67
N LEU A 113 -18.28 0.13 8.61
CA LEU A 113 -17.96 -0.82 7.52
C LEU A 113 -18.48 -0.32 6.18
N GLN A 114 -17.66 -0.39 5.14
CA GLN A 114 -18.05 0.10 3.82
C GLN A 114 -17.44 -0.74 2.73
N THR A 115 -18.16 -0.89 1.63
CA THR A 115 -17.63 -1.64 0.51
C THR A 115 -17.38 -0.65 -0.60
N ILE A 116 -16.12 -0.38 -0.92
CA ILE A 116 -15.79 0.63 -1.91
C ILE A 116 -14.95 0.01 -3.01
N ASP A 117 -15.40 0.23 -4.25
CA ASP A 117 -14.76 -0.31 -5.43
C ASP A 117 -14.57 -1.85 -5.32
N GLY A 118 -15.58 -2.53 -4.79
CA GLY A 118 -15.51 -3.96 -4.52
C GLY A 118 -14.56 -4.32 -3.39
N ASN A 119 -14.16 -3.34 -2.58
CA ASN A 119 -13.28 -3.61 -1.45
C ASN A 119 -13.98 -3.33 -0.15
N LEU A 120 -13.85 -4.25 0.80
CA LEU A 120 -14.33 -4.04 2.15
C LEU A 120 -13.31 -3.22 2.95
N GLN A 121 -13.78 -2.11 3.58
CA GLN A 121 -12.91 -1.25 4.41
C GLN A 121 -13.67 -0.77 5.68
N TYR A 122 -12.94 -0.36 6.71
CA TYR A 122 -13.57 0.11 7.96
C TYR A 122 -13.15 1.53 8.27
N PHE A 123 -14.06 2.32 8.85
CA PHE A 123 -13.74 3.70 9.25
C PHE A 123 -14.12 3.97 10.70
N ASN A 124 -13.24 4.63 11.45
CA ASN A 124 -13.54 4.91 12.84
C ASN A 124 -14.63 5.98 12.96
N GLN A 125 -15.04 6.26 14.19
CA GLN A 125 -16.13 7.19 14.42
C GLN A 125 -15.85 8.60 13.90
N GLN A 126 -14.59 8.97 13.76
CA GLN A 126 -14.22 10.28 13.21
C GLN A 126 -14.01 10.28 11.69
N GLY A 127 -14.25 9.13 11.04
CA GLY A 127 -14.13 9.01 9.59
C GLY A 127 -12.80 8.53 9.03
N VAL A 128 -11.87 8.19 9.92
CA VAL A 128 -10.50 7.85 9.50
C VAL A 128 -10.44 6.39 9.08
N GLN A 129 -9.62 6.06 8.07
CA GLN A 129 -9.56 4.69 7.54
C GLN A 129 -8.59 3.83 8.34
N ILE A 130 -9.10 2.68 8.79
CA ILE A 130 -8.25 1.69 9.47
C ILE A 130 -7.38 0.94 8.46
N LYS A 131 -6.07 0.92 8.72
CA LYS A 131 -5.08 0.26 7.89
C LYS A 131 -4.05 -0.44 8.76
N GLY A 132 -3.77 -1.71 8.47
CA GLY A 132 -2.79 -2.49 9.22
C GLY A 132 -3.24 -2.85 10.64
N GLY A 133 -4.43 -3.41 10.77
CA GLY A 133 -4.85 -3.87 12.08
C GLY A 133 -6.16 -4.62 12.07
N PHE A 134 -6.38 -5.36 13.15
CA PHE A 134 -7.67 -6.01 13.39
C PHE A 134 -8.71 -5.02 13.88
N GLN A 135 -9.98 -5.42 13.81
CA GLN A 135 -11.08 -4.51 14.08
C GLN A 135 -12.36 -5.30 14.24
N ASP A 136 -13.05 -5.14 15.37
CA ASP A 136 -14.25 -5.92 15.58
C ASP A 136 -15.48 -5.20 15.08
N VAL A 137 -16.06 -5.72 14.00
CA VAL A 137 -17.23 -5.13 13.36
C VAL A 137 -18.29 -6.21 13.16
N ASN A 138 -19.53 -5.88 13.50
CA ASN A 138 -20.66 -6.80 13.33
C ASN A 138 -20.41 -8.16 13.95
N ASN A 139 -19.91 -8.14 15.20
CA ASN A 139 -19.57 -9.34 15.97
C ASN A 139 -18.60 -10.30 15.25
N LYS A 140 -17.65 -9.74 14.54
CA LYS A 140 -16.66 -10.51 13.77
C LYS A 140 -15.38 -9.69 13.79
N ARG A 141 -14.25 -10.38 13.72
CA ARG A 141 -12.97 -9.70 13.70
C ARG A 141 -12.34 -9.73 12.32
N ILE A 142 -11.96 -8.57 11.80
CA ILE A 142 -11.41 -8.48 10.44
C ILE A 142 -10.09 -7.76 10.40
N TYR A 143 -9.14 -8.26 9.64
CA TYR A 143 -7.89 -7.58 9.49
C TYR A 143 -7.96 -6.73 8.22
N PHE A 144 -7.42 -5.52 8.29
CA PHE A 144 -7.39 -4.60 7.14
C PHE A 144 -5.96 -4.30 6.78
N ALA A 145 -5.68 -4.29 5.49
CA ALA A 145 -4.32 -4.30 4.98
C ALA A 145 -3.56 -2.98 5.21
N PRO A 146 -2.23 -3.03 5.34
CA PRO A 146 -1.36 -1.91 5.60
C PRO A 146 -1.51 -0.67 4.75
N ASN A 147 -1.63 -0.82 3.44
CA ASN A 147 -1.70 0.37 2.58
C ASN A 147 -2.99 0.57 1.83
N THR A 148 -3.59 -0.52 1.39
CA THR A 148 -4.88 -0.45 0.74
C THR A 148 -5.98 -0.25 1.76
N GLY A 149 -5.83 -0.92 2.90
CA GLY A 149 -6.88 -0.95 3.91
C GLY A 149 -7.96 -1.95 3.58
N ASN A 150 -7.67 -2.86 2.65
CA ASN A 150 -8.64 -3.86 2.20
C ASN A 150 -8.70 -5.07 3.13
N ALA A 151 -9.90 -5.63 3.30
CA ALA A 151 -10.08 -6.79 4.18
C ALA A 151 -9.34 -7.99 3.62
N VAL A 152 -8.58 -8.67 4.46
CA VAL A 152 -7.81 -9.85 4.05
C VAL A 152 -7.70 -10.85 5.19
N ALA A 153 -7.40 -12.09 4.82
CA ALA A 153 -7.15 -13.11 5.80
C ALA A 153 -5.84 -12.79 6.55
N ASN A 154 -5.85 -13.10 7.85
CA ASN A 154 -4.66 -12.92 8.65
C ASN A 154 -4.69 -13.84 9.85
N THR A 155 -3.53 -13.99 10.46
CA THR A 155 -3.40 -14.81 11.66
C THR A 155 -2.91 -13.96 12.81
N GLU A 156 -3.41 -14.27 14.00
CA GLU A 156 -2.95 -13.62 15.22
C GLU A 156 -2.71 -14.71 16.25
N ILE A 157 -1.93 -14.37 17.27
CA ILE A 157 -1.64 -15.32 18.35
C ILE A 157 -2.59 -15.09 19.55
N ILE A 158 -3.53 -16.01 19.73
CA ILE A 158 -4.49 -15.97 20.85
C ILE A 158 -3.99 -16.94 21.91
N ASN A 159 -3.92 -16.51 23.17
CA ASN A 159 -3.20 -17.24 24.20
C ASN A 159 -1.77 -17.47 23.69
N GLY A 160 -1.32 -18.72 23.64
CA GLY A 160 -0.02 -19.04 23.03
C GLY A 160 -0.09 -19.71 21.65
N LYS A 161 -1.31 -19.86 21.12
CA LYS A 161 -1.53 -20.63 19.88
C LYS A 161 -1.92 -19.72 18.70
N LEU A 162 -1.30 -19.94 17.53
CA LEU A 162 -1.68 -19.17 16.34
C LEU A 162 -3.15 -19.50 15.98
N GLN A 163 -3.89 -18.47 15.56
CA GLN A 163 -5.26 -18.62 15.06
C GLN A 163 -5.33 -17.93 13.72
N GLY A 164 -6.31 -18.35 12.94
CA GLY A 164 -6.49 -17.82 11.59
C GLY A 164 -7.81 -17.11 11.45
N ARG A 165 -7.76 -16.00 10.72
CA ARG A 165 -8.92 -15.18 10.48
C ARG A 165 -9.05 -14.99 8.97
N ASP A 166 -10.26 -15.18 8.43
CA ASP A 166 -10.48 -14.97 6.99
C ASP A 166 -10.83 -13.51 6.64
N ALA A 167 -11.18 -13.25 5.38
CA ALA A 167 -11.48 -11.89 4.92
C ALA A 167 -12.79 -11.34 5.46
N ASN A 168 -13.74 -12.23 5.74
CA ASN A 168 -15.02 -11.84 6.30
C ASN A 168 -15.05 -11.72 7.83
N GLY A 169 -13.90 -11.96 8.48
CA GLY A 169 -13.77 -11.77 9.93
C GLY A 169 -14.10 -13.00 10.76
N ASN A 170 -14.47 -14.09 10.08
CA ASN A 170 -14.72 -15.38 10.72
C ASN A 170 -13.43 -16.16 10.93
N GLN A 171 -13.33 -16.80 12.09
CA GLN A 171 -12.21 -17.67 12.39
C GLN A 171 -12.28 -18.87 11.46
N VAL A 172 -11.10 -19.39 11.08
CA VAL A 172 -11.02 -20.51 10.14
C VAL A 172 -10.84 -21.86 10.84
N LYS A 173 -11.68 -22.79 10.40
CA LYS A 173 -11.73 -24.15 10.89
C LYS A 173 -11.72 -25.07 9.65
N ASN A 174 -10.96 -26.16 9.71
CA ASN A 174 -10.89 -27.15 8.63
C ASN A 174 -10.63 -26.51 7.28
N ALA A 175 -9.52 -25.80 7.16
CA ALA A 175 -9.13 -25.19 5.89
C ALA A 175 -7.77 -24.51 5.96
N PHE A 176 -7.28 -24.22 4.76
CA PHE A 176 -6.09 -23.43 4.56
C PHE A 176 -6.44 -21.96 4.62
N SER A 177 -5.60 -21.15 5.26
CA SER A 177 -5.78 -19.69 5.32
C SER A 177 -4.45 -19.00 5.38
N LYS A 178 -4.35 -17.85 4.73
CA LYS A 178 -3.09 -17.13 4.70
C LYS A 178 -2.91 -16.13 5.84
N ASP A 179 -1.69 -15.56 5.90
CA ASP A 179 -1.41 -14.35 6.68
C ASP A 179 -0.89 -13.26 5.74
N VAL A 180 -0.84 -12.02 6.24
CA VAL A 180 -0.44 -10.87 5.41
C VAL A 180 0.91 -11.07 4.74
N ALA A 181 1.85 -11.67 5.45
CA ALA A 181 3.18 -11.89 4.89
C ALA A 181 3.15 -12.74 3.60
N GLY A 182 2.20 -13.68 3.55
CA GLY A 182 2.04 -14.57 2.39
C GLY A 182 2.15 -16.06 2.70
N ASN A 183 2.34 -16.44 3.97
CA ASN A 183 2.43 -17.83 4.39
C ASN A 183 1.07 -18.47 4.46
N THR A 184 0.97 -19.70 4.01
CA THR A 184 -0.27 -20.42 4.16
C THR A 184 -0.14 -21.38 5.32
N PHE A 185 -1.23 -21.55 6.07
CA PHE A 185 -1.30 -22.51 7.19
C PHE A 185 -2.52 -23.37 6.96
N TYR A 186 -2.67 -24.41 7.75
CA TYR A 186 -3.90 -25.17 7.73
C TYR A 186 -4.38 -25.24 9.15
N PHE A 187 -5.69 -25.08 9.33
CA PHE A 187 -6.28 -25.09 10.67
C PHE A 187 -7.34 -26.18 10.74
N ASP A 188 -7.28 -26.99 11.80
CA ASP A 188 -8.16 -28.15 11.97
C ASP A 188 -9.56 -27.75 12.49
N ALA A 189 -10.42 -28.75 12.74
CA ALA A 189 -11.77 -28.52 13.26
C ALA A 189 -11.80 -27.71 14.55
N ASN A 190 -10.80 -27.89 15.41
CA ASN A 190 -10.70 -27.14 16.67
C ASN A 190 -10.01 -25.77 16.52
N GLY A 191 -9.76 -25.33 15.29
CA GLY A 191 -9.19 -24.02 15.01
C GLY A 191 -7.67 -23.92 15.09
N VAL A 192 -7.02 -24.99 15.55
CA VAL A 192 -5.58 -24.98 15.85
C VAL A 192 -4.78 -25.31 14.60
N MET A 193 -3.67 -24.57 14.41
CA MET A 193 -2.80 -24.78 13.25
C MET A 193 -2.15 -26.15 13.28
N LEU A 194 -2.06 -26.78 12.12
CA LEU A 194 -1.41 -28.07 11.99
C LEU A 194 0.08 -27.93 11.60
N THR A 195 0.82 -29.01 11.92
CA THR A 195 2.26 -29.12 11.66
C THR A 195 2.62 -30.47 11.02
N GLY A 196 3.77 -30.51 10.36
CA GLY A 196 4.26 -31.75 9.75
C GLY A 196 3.47 -32.27 8.56
N LEU A 197 3.61 -33.55 8.29
CA LEU A 197 3.07 -34.14 7.08
C LEU A 197 1.59 -34.45 7.29
N GLN A 198 0.72 -33.94 6.42
CA GLN A 198 -0.73 -34.08 6.62
C GLN A 198 -1.48 -34.44 5.37
N THR A 199 -2.39 -35.39 5.48
CA THR A 199 -3.21 -35.81 4.36
C THR A 199 -4.58 -35.25 4.54
N ILE A 200 -5.02 -34.41 3.63
CA ILE A 200 -6.39 -33.90 3.68
C ILE A 200 -7.03 -33.97 2.30
N SER A 201 -8.31 -34.33 2.27
CA SER A 201 -9.09 -34.49 1.03
C SER A 201 -8.37 -35.41 0.04
N GLY A 202 -7.84 -36.53 0.53
CA GLY A 202 -7.12 -37.49 -0.32
C GLY A 202 -5.83 -37.00 -0.96
N LYS A 203 -5.26 -35.90 -0.46
CA LYS A 203 -3.98 -35.37 -0.94
C LYS A 203 -3.09 -35.03 0.25
N THR A 204 -1.76 -35.06 0.03
CA THR A 204 -0.79 -34.89 1.11
C THR A 204 0.03 -33.63 0.95
N TYR A 205 0.11 -32.87 2.04
CA TYR A 205 0.79 -31.60 2.09
C TYR A 205 1.87 -31.66 3.16
N TYR A 206 2.93 -30.88 3.00
CA TYR A 206 3.97 -30.81 4.02
C TYR A 206 4.04 -29.43 4.65
N LEU A 207 3.79 -29.40 5.95
CA LEU A 207 3.87 -28.17 6.71
C LEU A 207 5.11 -28.22 7.59
N ASP A 208 5.93 -27.18 7.56
CA ASP A 208 7.16 -27.19 8.33
C ASP A 208 6.84 -26.96 9.81
N GLU A 209 7.88 -26.89 10.63
CA GLU A 209 7.73 -26.67 12.11
C GLU A 209 6.87 -25.43 12.46
N GLN A 210 7.12 -24.34 11.72
CA GLN A 210 6.35 -23.10 11.87
C GLN A 210 4.89 -23.19 11.37
N GLY A 211 4.52 -24.29 10.71
CA GLY A 211 3.17 -24.49 10.16
C GLY A 211 3.00 -23.92 8.74
N HIS A 212 4.11 -23.49 8.13
CA HIS A 212 4.10 -22.97 6.76
C HIS A 212 3.94 -24.10 5.77
N LEU A 213 2.98 -23.95 4.86
CA LEU A 213 2.78 -24.87 3.76
C LEU A 213 3.95 -24.68 2.79
N ARG A 214 4.60 -25.79 2.44
CA ARG A 214 5.78 -25.73 1.58
C ARG A 214 5.42 -26.13 0.16
N LYS A 215 5.68 -25.25 -0.78
CA LYS A 215 5.40 -25.50 -2.19
C LYS A 215 6.72 -25.54 -2.92
N ASN A 216 6.75 -26.24 -4.05
CA ASN A 216 7.96 -26.51 -4.83
C ASN A 216 9.07 -27.01 -3.94
N TYR A 217 8.76 -28.09 -3.22
CA TYR A 217 9.61 -28.64 -2.17
C TYR A 217 9.74 -30.12 -2.44
N ALA A 218 10.98 -30.56 -2.62
CA ALA A 218 11.27 -31.96 -2.81
C ALA A 218 11.84 -32.54 -1.53
N GLY A 219 11.39 -33.72 -1.15
CA GLY A 219 11.98 -34.36 0.01
C GLY A 219 11.47 -35.77 0.18
N THR A 220 12.24 -36.59 0.89
CA THR A 220 11.80 -37.93 1.27
C THR A 220 10.96 -37.87 2.54
N PHE A 221 9.65 -37.94 2.35
CA PHE A 221 8.70 -37.70 3.43
C PHE A 221 8.19 -39.01 4.07
N ASN A 222 7.71 -39.93 3.25
CA ASN A 222 7.22 -41.21 3.75
C ASN A 222 8.29 -42.32 3.69
N ASN A 223 9.57 -41.89 3.69
CA ASN A 223 10.79 -42.67 3.32
C ASN A 223 10.79 -43.08 1.81
N GLN A 224 9.96 -42.37 1.08
CA GLN A 224 9.77 -42.50 -0.33
C GLN A 224 9.75 -41.08 -0.80
N PHE A 225 10.47 -40.80 -1.86
CA PHE A 225 10.52 -39.45 -2.43
C PHE A 225 9.12 -38.86 -2.60
N MET A 226 9.01 -37.54 -2.47
CA MET A 226 7.74 -36.85 -2.70
C MET A 226 8.01 -35.41 -3.06
N TYR A 227 7.46 -34.97 -4.20
CA TYR A 227 7.62 -33.58 -4.61
C TYR A 227 6.33 -32.85 -4.33
N PHE A 228 6.41 -31.71 -3.62
CA PHE A 228 5.22 -30.91 -3.33
C PHE A 228 5.01 -29.78 -4.32
N ASP A 229 3.84 -29.82 -4.95
CA ASP A 229 3.45 -28.96 -6.06
C ASP A 229 3.82 -27.49 -5.89
N ALA A 230 4.25 -26.82 -6.97
CA ALA A 230 4.46 -25.37 -6.93
C ALA A 230 3.15 -24.57 -6.80
N ASP A 231 2.09 -25.12 -7.40
CA ASP A 231 0.76 -24.49 -7.36
C ASP A 231 0.08 -24.58 -5.99
N THR A 232 -0.21 -25.79 -5.53
CA THR A 232 -1.00 -25.95 -4.28
C THR A 232 -0.28 -26.65 -3.11
N GLY A 233 0.95 -27.08 -3.35
CA GLY A 233 1.70 -27.84 -2.36
C GLY A 233 1.34 -29.29 -2.17
N ALA A 234 0.53 -29.83 -3.09
CA ALA A 234 0.05 -31.21 -3.01
C ALA A 234 1.10 -32.17 -3.48
N GLY A 235 1.32 -33.21 -2.70
CA GLY A 235 2.41 -34.17 -2.91
C GLY A 235 2.15 -35.07 -4.09
N LYS A 236 3.09 -35.11 -5.02
CA LYS A 236 3.08 -36.05 -6.12
C LYS A 236 4.25 -37.00 -5.85
N THR A 237 4.20 -38.19 -6.42
CA THR A 237 5.31 -39.11 -6.25
C THR A 237 6.48 -38.88 -7.26
N ALA A 238 6.25 -38.03 -8.27
CA ALA A 238 7.24 -37.70 -9.32
C ALA A 238 7.78 -38.92 -10.03
N ILE A 239 6.89 -39.89 -10.22
CA ILE A 239 7.14 -41.17 -10.84
C ILE A 239 6.68 -41.15 -12.28
N GLU A 240 5.51 -40.55 -12.55
CA GLU A 240 5.06 -40.38 -13.93
C GLU A 240 5.88 -39.40 -14.72
N TYR A 241 6.27 -39.78 -15.91
CA TYR A 241 6.97 -38.85 -16.76
C TYR A 241 6.01 -37.71 -17.16
N GLN A 242 6.50 -36.47 -17.12
CA GLN A 242 5.68 -35.30 -17.45
C GLN A 242 5.82 -34.84 -18.89
N PHE A 243 6.77 -35.42 -19.63
CA PHE A 243 6.92 -35.07 -21.03
C PHE A 243 5.79 -35.72 -21.80
N ASP A 244 5.28 -35.00 -22.78
CA ASP A 244 4.04 -35.36 -23.43
C ASP A 244 4.26 -35.79 -24.87
N GLN A 245 5.51 -35.93 -25.29
CA GLN A 245 5.84 -36.12 -26.70
C GLN A 245 6.69 -37.38 -26.91
N GLY A 246 6.08 -38.42 -27.44
CA GLY A 246 6.74 -39.69 -27.73
C GLY A 246 7.51 -39.56 -29.01
N LEU A 247 8.37 -40.53 -29.30
CA LEU A 247 9.22 -40.45 -30.48
C LEU A 247 8.33 -40.59 -31.70
N VAL A 248 8.37 -39.62 -32.60
CA VAL A 248 7.60 -39.67 -33.84
C VAL A 248 8.45 -39.30 -35.03
N SER A 249 8.07 -39.82 -36.18
CA SER A 249 8.78 -39.57 -37.40
C SER A 249 8.09 -38.42 -38.08
N GLN A 250 8.86 -37.57 -38.71
CA GLN A 250 8.32 -36.38 -39.26
C GLN A 250 8.16 -36.46 -40.75
N SER A 251 8.91 -37.36 -41.38
CA SER A 251 8.95 -37.38 -42.82
C SER A 251 7.63 -37.85 -43.37
N ASN A 252 7.24 -37.26 -44.50
CA ASN A 252 5.99 -37.59 -45.17
C ASN A 252 6.08 -37.20 -46.65
N GLU A 253 4.95 -37.08 -47.35
CA GLU A 253 4.96 -36.84 -48.80
C GLU A 253 5.51 -35.48 -49.19
N ASN A 254 5.53 -34.53 -48.27
CA ASN A 254 6.06 -33.23 -48.60
C ASN A 254 7.53 -33.07 -48.32
N THR A 255 8.12 -33.98 -47.54
CA THR A 255 9.51 -33.88 -47.18
C THR A 255 10.44 -33.74 -48.40
N PRO A 256 10.34 -34.65 -49.37
CA PRO A 256 11.26 -34.52 -50.49
C PRO A 256 11.08 -33.25 -51.32
N HIS A 257 9.88 -32.68 -51.29
CA HIS A 257 9.62 -31.44 -52.03
C HIS A 257 10.21 -30.23 -51.32
N ASN A 258 10.02 -30.15 -50.02
CA ASN A 258 10.56 -29.05 -49.22
C ASN A 258 12.04 -29.15 -48.88
N ALA A 259 12.65 -30.31 -49.10
CA ALA A 259 14.07 -30.47 -48.82
C ALA A 259 14.90 -29.55 -49.69
N ALA A 260 16.09 -29.27 -49.21
CA ALA A 260 16.96 -28.32 -49.85
C ALA A 260 17.36 -28.89 -51.19
N LYS A 261 17.41 -28.03 -52.20
CA LYS A 261 17.92 -28.35 -53.53
C LYS A 261 19.37 -28.77 -53.48
N SER A 262 20.12 -28.13 -52.61
CA SER A 262 21.55 -28.29 -52.55
C SER A 262 22.03 -28.00 -51.13
N TYR A 263 23.14 -28.61 -50.71
CA TYR A 263 23.70 -28.33 -49.37
C TYR A 263 24.94 -27.42 -49.44
N ASP A 264 24.70 -26.17 -49.83
CA ASP A 264 25.77 -25.21 -50.02
C ASP A 264 25.24 -23.77 -50.13
N LYS A 265 26.15 -22.84 -50.40
CA LYS A 265 25.81 -21.43 -50.41
C LYS A 265 24.83 -21.04 -51.52
N SER A 266 24.67 -21.86 -52.56
CA SER A 266 23.68 -21.56 -53.62
C SER A 266 22.29 -21.56 -53.08
N SER A 267 21.98 -22.61 -52.34
CA SER A 267 20.63 -22.86 -51.93
C SER A 267 20.31 -22.36 -50.54
N PHE A 268 21.29 -21.77 -49.86
CA PHE A 268 21.10 -21.23 -48.51
C PHE A 268 21.68 -19.81 -48.30
N GLU A 269 20.85 -18.85 -47.92
CA GLU A 269 21.33 -17.53 -47.48
C GLU A 269 22.07 -17.69 -46.18
N ASN A 270 23.29 -17.16 -46.09
CA ASN A 270 24.16 -17.47 -44.95
C ASN A 270 25.19 -16.40 -44.65
N VAL A 271 25.90 -16.57 -43.55
CA VAL A 271 27.01 -15.72 -43.19
C VAL A 271 28.10 -16.67 -42.82
N ASP A 272 29.22 -16.58 -43.52
CA ASP A 272 30.39 -17.45 -43.28
C ASP A 272 30.03 -18.93 -43.19
N GLY A 273 29.00 -19.34 -43.93
CA GLY A 273 28.54 -20.72 -43.89
C GLY A 273 27.41 -21.01 -42.93
N TYR A 274 27.27 -20.24 -41.88
CA TYR A 274 26.28 -20.52 -40.86
C TYR A 274 24.91 -20.03 -41.28
N LEU A 275 23.87 -20.48 -40.59
CA LEU A 275 22.50 -20.06 -40.92
C LEU A 275 21.93 -19.15 -39.89
N THR A 276 20.92 -18.37 -40.25
CA THR A 276 20.28 -17.44 -39.30
C THR A 276 18.77 -17.65 -39.27
N ALA A 277 18.11 -17.10 -38.28
CA ALA A 277 16.66 -17.27 -38.14
C ALA A 277 15.89 -16.82 -39.38
N ASP A 278 16.41 -15.80 -40.04
CA ASP A 278 15.73 -15.22 -41.20
C ASP A 278 16.38 -15.67 -42.51
N THR A 279 17.16 -16.74 -42.44
CA THR A 279 17.62 -17.39 -43.65
C THR A 279 16.46 -17.85 -44.50
N TRP A 280 16.63 -17.62 -45.81
CA TRP A 280 15.80 -18.21 -46.84
C TRP A 280 16.64 -19.21 -47.62
N TYR A 281 16.00 -20.23 -48.16
CA TYR A 281 16.67 -21.32 -48.85
C TYR A 281 15.89 -21.72 -50.08
N ARG A 282 16.49 -22.58 -50.90
CA ARG A 282 15.88 -23.05 -52.14
C ARG A 282 15.35 -24.46 -51.98
N PRO A 283 14.03 -24.63 -51.90
CA PRO A 283 13.52 -25.99 -51.78
C PRO A 283 13.60 -26.67 -53.11
N THR A 284 13.67 -27.99 -53.08
CA THR A 284 13.70 -28.77 -54.33
C THR A 284 12.55 -28.39 -55.25
N ASP A 285 11.35 -28.39 -54.70
CA ASP A 285 10.13 -28.03 -55.42
C ASP A 285 9.34 -26.96 -54.66
N ILE A 286 8.42 -26.37 -55.39
CA ILE A 286 7.59 -25.30 -54.88
C ILE A 286 6.13 -25.66 -55.12
N LEU A 287 5.32 -25.56 -54.08
CA LEU A 287 3.87 -25.78 -54.19
C LEU A 287 3.21 -24.53 -54.78
N LYS A 288 3.43 -24.26 -56.06
CA LYS A 288 2.99 -22.99 -56.62
C LYS A 288 1.48 -22.89 -56.46
N ASN A 289 1.04 -21.71 -56.02
CA ASN A 289 -0.37 -21.41 -55.88
C ASN A 289 -1.14 -22.35 -54.93
N GLY A 290 -0.40 -23.19 -54.21
CA GLY A 290 -0.98 -24.23 -53.38
C GLY A 290 -1.59 -25.37 -54.17
N ASP A 291 -1.20 -25.57 -55.42
CA ASP A 291 -1.85 -26.58 -56.27
C ASP A 291 -0.89 -27.65 -56.69
N THR A 292 0.14 -27.22 -57.39
CA THR A 292 1.01 -28.15 -58.07
C THR A 292 2.44 -27.89 -57.69
N TRP A 293 3.11 -28.97 -57.35
CA TRP A 293 4.52 -28.95 -57.07
C TRP A 293 5.25 -28.78 -58.36
N THR A 294 6.15 -27.81 -58.40
CA THR A 294 6.98 -27.59 -59.58
C THR A 294 8.42 -27.38 -59.16
N ALA A 295 9.34 -27.86 -59.98
CA ALA A 295 10.76 -27.71 -59.69
C ALA A 295 11.05 -26.24 -59.45
N SER A 296 11.99 -25.95 -58.55
CA SER A 296 12.35 -24.58 -58.27
C SER A 296 13.36 -24.05 -59.25
N THR A 297 13.27 -22.75 -59.55
CA THR A 297 14.31 -22.01 -60.26
C THR A 297 15.18 -21.34 -59.21
N GLU A 298 16.37 -20.89 -59.57
CA GLU A 298 17.32 -20.30 -58.58
C GLU A 298 16.77 -19.16 -57.76
N THR A 299 15.92 -18.33 -58.36
CA THR A 299 15.34 -17.20 -57.64
C THR A 299 14.22 -17.60 -56.65
N ASP A 300 13.62 -18.79 -56.80
CA ASP A 300 12.53 -19.26 -55.92
C ASP A 300 13.03 -19.63 -54.50
N MET A 301 13.35 -18.62 -53.71
CA MET A 301 13.84 -18.81 -52.37
C MET A 301 12.68 -18.72 -51.39
N ARG A 302 12.75 -19.49 -50.33
CA ARG A 302 11.67 -19.52 -49.36
C ARG A 302 12.27 -19.47 -47.97
N PRO A 303 11.51 -18.99 -46.99
CA PRO A 303 12.04 -18.89 -45.65
C PRO A 303 12.19 -20.22 -45.00
N LEU A 304 13.33 -20.43 -44.36
CA LEU A 304 13.56 -21.61 -43.60
C LEU A 304 12.43 -21.86 -42.55
N LEU A 305 11.88 -20.81 -41.97
CA LEU A 305 10.85 -20.98 -40.95
C LEU A 305 9.46 -21.43 -41.48
N MET A 306 9.35 -21.53 -42.80
CA MET A 306 8.16 -22.13 -43.43
C MET A 306 8.15 -23.64 -43.24
N THR A 307 9.34 -24.20 -43.05
CA THR A 307 9.59 -25.63 -43.10
C THR A 307 10.33 -26.22 -41.88
N TRP A 308 11.12 -25.42 -41.17
CA TRP A 308 11.91 -25.94 -40.05
C TRP A 308 11.84 -24.97 -38.88
N TRP A 309 11.99 -25.50 -37.68
CA TRP A 309 11.98 -24.70 -36.45
C TRP A 309 12.97 -25.27 -35.46
N PRO A 310 13.52 -24.44 -34.60
CA PRO A 310 14.52 -24.93 -33.65
C PRO A 310 13.94 -25.78 -32.54
N ASP A 311 12.65 -25.61 -32.26
CA ASP A 311 11.99 -26.29 -31.14
C ASP A 311 10.47 -26.11 -31.27
N LYS A 312 9.69 -26.81 -30.47
CA LYS A 312 8.23 -26.72 -30.64
C LYS A 312 7.67 -25.39 -30.19
N GLN A 313 8.26 -24.78 -29.15
CA GLN A 313 7.83 -23.47 -28.71
C GLN A 313 7.87 -22.45 -29.87
N THR A 314 8.99 -22.41 -30.55
CA THR A 314 9.14 -21.53 -31.69
C THR A 314 8.19 -21.91 -32.81
N GLN A 315 8.05 -23.19 -33.07
CA GLN A 315 7.12 -23.64 -34.12
C GLN A 315 5.71 -23.19 -33.79
N ALA A 316 5.29 -23.34 -32.54
CA ALA A 316 3.92 -22.98 -32.17
C ALA A 316 3.71 -21.49 -32.30
N ASN A 317 4.75 -20.73 -32.00
CA ASN A 317 4.65 -19.27 -32.09
C ASN A 317 4.57 -18.83 -33.53
N TYR A 318 5.37 -19.45 -34.38
CA TYR A 318 5.32 -19.14 -35.79
C TYR A 318 3.90 -19.40 -36.32
N LEU A 319 3.32 -20.54 -35.98
CA LEU A 319 1.99 -20.87 -36.50
C LEU A 319 0.93 -19.88 -36.04
N ASN A 320 0.98 -19.53 -34.76
CA ASN A 320 0.07 -18.56 -34.22
C ASN A 320 0.22 -17.18 -34.85
N PHE A 321 1.45 -16.75 -35.07
CA PHE A 321 1.71 -15.45 -35.66
C PHE A 321 1.21 -15.36 -37.09
N MET A 322 1.52 -16.35 -37.90
CA MET A 322 1.14 -16.33 -39.31
C MET A 322 -0.36 -16.49 -39.49
N SER A 323 -0.98 -17.32 -38.65
CA SER A 323 -2.45 -17.40 -38.57
C SER A 323 -3.13 -16.04 -38.41
N SER A 324 -2.57 -15.21 -37.52
CA SER A 324 -3.14 -13.91 -37.20
C SER A 324 -3.08 -12.94 -38.34
N LYS A 325 -2.27 -13.25 -39.35
CA LYS A 325 -2.09 -12.37 -40.48
C LYS A 325 -2.89 -12.79 -41.71
N GLY A 326 -3.93 -13.58 -41.49
CA GLY A 326 -4.83 -13.94 -42.57
C GLY A 326 -4.51 -15.26 -43.22
N LEU A 327 -3.46 -15.91 -42.77
CA LEU A 327 -2.98 -17.10 -43.46
C LEU A 327 -3.65 -18.41 -43.11
N GLY A 328 -4.32 -18.45 -42.00
CA GLY A 328 -5.03 -19.64 -41.66
C GLY A 328 -6.07 -19.42 -40.61
N ILE A 329 -6.67 -20.52 -40.21
CA ILE A 329 -7.48 -20.54 -39.03
C ILE A 329 -6.57 -20.09 -37.91
N THR A 330 -7.01 -19.09 -37.17
CA THR A 330 -6.18 -18.56 -36.11
C THR A 330 -6.15 -19.58 -34.98
N THR A 331 -4.96 -19.82 -34.45
CA THR A 331 -4.75 -20.97 -33.58
C THR A 331 -4.04 -20.58 -32.31
N THR A 332 -4.40 -21.26 -31.22
CA THR A 332 -3.65 -21.19 -29.99
C THR A 332 -2.86 -22.46 -29.89
N TYR A 333 -1.62 -22.40 -30.27
CA TYR A 333 -0.82 -23.56 -30.12
C TYR A 333 0.22 -23.36 -29.02
N THR A 334 0.63 -24.43 -28.36
CA THR A 334 1.65 -24.37 -27.34
C THR A 334 2.70 -25.36 -27.72
N ALA A 335 3.84 -25.26 -27.04
CA ALA A 335 4.86 -26.29 -27.12
C ALA A 335 4.32 -27.65 -26.69
N ALA A 336 3.27 -27.66 -25.88
CA ALA A 336 2.62 -28.90 -25.45
C ALA A 336 1.84 -29.62 -26.54
N THR A 337 1.41 -28.86 -27.56
CA THR A 337 0.73 -29.43 -28.72
C THR A 337 1.58 -30.54 -29.33
N SER A 338 0.93 -31.57 -29.87
CA SER A 338 1.66 -32.68 -30.46
C SER A 338 2.42 -32.22 -31.69
N GLN A 339 3.54 -32.88 -31.94
CA GLN A 339 4.39 -32.51 -33.04
C GLN A 339 3.66 -32.69 -34.36
N LYS A 340 2.86 -33.75 -34.46
CA LYS A 340 2.16 -34.10 -35.68
C LYS A 340 1.21 -32.97 -36.04
N THR A 341 0.47 -32.49 -35.04
CA THR A 341 -0.51 -31.45 -35.25
C THR A 341 0.16 -30.17 -35.73
N LEU A 342 1.30 -29.83 -35.12
CA LEU A 342 2.01 -28.61 -35.49
C LEU A 342 2.52 -28.69 -36.90
N ASN A 343 3.07 -29.83 -37.28
CA ASN A 343 3.57 -30.02 -38.65
C ASN A 343 2.46 -29.95 -39.71
N ASP A 344 1.31 -30.53 -39.40
CA ASP A 344 0.15 -30.44 -40.31
C ASP A 344 -0.29 -28.99 -40.48
N ALA A 345 -0.27 -28.26 -39.37
CA ALA A 345 -0.70 -26.88 -39.37
C ALA A 345 0.31 -26.02 -40.12
N ALA A 346 1.59 -26.41 -40.07
CA ALA A 346 2.60 -25.67 -40.80
C ALA A 346 2.35 -25.79 -42.29
N PHE A 347 1.88 -26.95 -42.72
CA PHE A 347 1.65 -27.16 -44.15
C PHE A 347 0.44 -26.40 -44.68
N VAL A 348 -0.62 -26.32 -43.89
CA VAL A 348 -1.77 -25.52 -44.32
C VAL A 348 -1.39 -24.05 -44.41
N ILE A 349 -0.48 -23.61 -43.54
CA ILE A 349 0.07 -22.25 -43.65
C ILE A 349 0.93 -22.14 -44.89
N GLN A 350 1.73 -23.17 -45.20
CA GLN A 350 2.57 -23.12 -46.38
C GLN A 350 1.70 -22.96 -47.63
N THR A 351 0.64 -23.75 -47.72
CA THR A 351 -0.30 -23.63 -48.81
C THR A 351 -0.79 -22.18 -48.93
N ALA A 352 -1.34 -21.67 -47.85
CA ALA A 352 -1.85 -20.30 -47.85
C ALA A 352 -0.80 -19.29 -48.27
N ILE A 353 0.45 -19.54 -47.89
CA ILE A 353 1.52 -18.64 -48.25
C ILE A 353 1.71 -18.63 -49.75
N GLU A 354 1.69 -19.79 -50.39
CA GLU A 354 1.95 -19.84 -51.82
C GLU A 354 0.83 -19.18 -52.59
N GLN A 355 -0.37 -19.17 -51.99
CA GLN A 355 -1.53 -18.52 -52.59
C GLN A 355 -1.40 -17.01 -52.57
N GLN A 356 -0.93 -16.45 -51.47
CA GLN A 356 -0.70 -15.01 -51.39
C GLN A 356 0.53 -14.58 -52.18
N ILE A 357 1.43 -15.52 -52.48
CA ILE A 357 2.56 -15.21 -53.37
C ILE A 357 2.07 -15.10 -54.80
N SER A 358 1.19 -16.00 -55.21
CA SER A 358 0.57 -15.91 -56.53
C SER A 358 -0.33 -14.67 -56.67
N LEU A 359 -1.11 -14.41 -55.63
CA LEU A 359 -2.04 -13.28 -55.62
C LEU A 359 -1.28 -11.95 -55.72
N LYS A 360 -0.23 -11.79 -54.91
CA LYS A 360 0.56 -10.55 -54.90
C LYS A 360 1.70 -10.52 -55.94
N LYS A 361 2.06 -11.69 -56.49
CA LYS A 361 3.20 -11.82 -57.41
C LYS A 361 4.51 -11.25 -56.82
N SER A 362 4.69 -11.46 -55.53
CA SER A 362 5.79 -10.87 -54.77
C SER A 362 6.07 -11.72 -53.56
N THR A 363 7.29 -11.62 -53.03
CA THR A 363 7.63 -12.28 -51.76
C THR A 363 8.06 -11.25 -50.71
N GLU A 364 8.02 -9.97 -51.04
CA GLU A 364 8.54 -8.95 -50.12
C GLU A 364 7.67 -8.85 -48.90
N TRP A 365 6.37 -9.03 -49.10
CA TRP A 365 5.42 -9.06 -47.99
C TRP A 365 5.81 -10.13 -46.95
N LEU A 366 6.32 -11.26 -47.45
CA LEU A 366 6.75 -12.36 -46.59
C LEU A 366 8.06 -12.05 -45.89
N ARG A 367 9.01 -11.47 -46.60
CA ARG A 367 10.26 -11.01 -45.99
C ARG A 367 9.99 -10.19 -44.73
N ASP A 368 9.01 -9.31 -44.84
CA ASP A 368 8.64 -8.44 -43.75
C ASP A 368 7.92 -9.18 -42.64
N ALA A 369 7.08 -10.14 -43.02
CA ALA A 369 6.39 -10.95 -42.01
C ALA A 369 7.38 -11.82 -41.22
N ILE A 370 8.37 -12.40 -41.91
CA ILE A 370 9.35 -13.22 -41.23
C ILE A 370 10.22 -12.35 -40.32
N ASP A 371 10.74 -11.25 -40.87
CA ASP A 371 11.54 -10.33 -40.06
C ASP A 371 10.83 -9.93 -38.77
N SER A 372 9.55 -9.56 -38.88
CA SER A 372 8.73 -9.17 -37.75
C SER A 372 8.61 -10.27 -36.75
N PHE A 373 8.28 -11.46 -37.24
CA PHE A 373 8.12 -12.61 -36.38
C PHE A 373 9.41 -12.93 -35.64
N VAL A 374 10.53 -12.88 -36.35
CA VAL A 374 11.79 -13.27 -35.76
C VAL A 374 12.13 -12.41 -34.57
N LYS A 375 11.84 -11.11 -34.65
CA LYS A 375 12.19 -10.18 -33.57
C LYS A 375 11.33 -10.37 -32.32
N THR A 376 10.17 -10.98 -32.50
CA THR A 376 9.30 -11.42 -31.41
C THR A 376 9.95 -12.43 -30.45
N GLN A 377 10.84 -13.26 -30.95
CA GLN A 377 11.36 -14.35 -30.16
C GLN A 377 12.60 -13.96 -29.36
N ALA A 378 12.61 -14.28 -28.07
CA ALA A 378 13.67 -13.84 -27.16
C ALA A 378 15.04 -14.29 -27.58
N ASN A 379 15.16 -15.51 -28.07
CA ASN A 379 16.46 -15.96 -28.56
C ASN A 379 17.01 -15.17 -29.75
N TRP A 380 16.13 -14.45 -30.43
CA TRP A 380 16.48 -13.68 -31.62
C TRP A 380 16.29 -12.18 -31.42
N ASN A 381 16.31 -11.73 -30.18
CA ASN A 381 16.30 -10.29 -29.88
C ASN A 381 17.10 -9.96 -28.61
N LYS A 382 17.04 -8.71 -28.15
CA LYS A 382 17.98 -8.28 -27.13
C LYS A 382 17.74 -8.86 -25.74
N GLN A 383 16.60 -9.52 -25.58
CA GLN A 383 16.26 -10.08 -24.28
C GLN A 383 17.23 -11.14 -23.85
N THR A 384 17.86 -11.80 -24.82
CA THR A 384 18.89 -12.76 -24.50
C THR A 384 20.29 -12.15 -24.52
N GLU A 385 20.37 -10.81 -24.63
CA GLU A 385 21.66 -10.10 -24.72
C GLU A 385 22.03 -9.40 -23.42
N ASP A 386 21.14 -9.44 -22.43
CA ASP A 386 21.41 -8.83 -21.13
C ASP A 386 21.74 -7.35 -21.21
N GLU A 387 20.91 -6.59 -21.92
CA GLU A 387 21.06 -5.14 -21.98
C GLU A 387 21.25 -4.63 -20.56
N ALA A 388 22.26 -3.78 -20.37
CA ALA A 388 22.54 -3.11 -19.08
C ALA A 388 23.05 -1.69 -19.34
N PHE A 389 22.92 -0.82 -18.35
CA PHE A 389 23.33 0.56 -18.54
C PHE A 389 24.28 1.14 -17.48
N ASP A 390 24.94 0.32 -16.68
CA ASP A 390 25.84 0.87 -15.71
C ASP A 390 27.23 1.00 -16.34
N GLY A 391 27.99 1.99 -15.88
CA GLY A 391 29.30 2.27 -16.45
C GLY A 391 29.11 2.79 -17.87
N LEU A 392 30.15 2.62 -18.69
CA LEU A 392 30.11 3.06 -20.07
C LEU A 392 29.04 2.35 -20.91
N GLN A 393 28.51 1.25 -20.36
CA GLN A 393 27.36 0.57 -20.96
C GLN A 393 26.19 1.50 -21.09
N TRP A 394 26.17 2.54 -20.26
CA TRP A 394 25.20 3.62 -20.34
C TRP A 394 24.97 4.12 -21.76
N LEU A 395 26.01 4.07 -22.59
CA LEU A 395 25.93 4.73 -23.88
C LEU A 395 25.05 3.96 -24.82
N GLN A 396 25.33 2.66 -24.92
CA GLN A 396 24.76 1.83 -25.97
C GLN A 396 24.08 0.49 -25.55
N GLY A 397 24.10 0.19 -24.27
CA GLY A 397 23.32 -0.92 -23.77
C GLY A 397 24.12 -2.17 -23.45
N GLY A 398 25.44 -2.18 -23.71
CA GLY A 398 26.27 -3.32 -23.34
C GLY A 398 27.22 -3.77 -24.43
N PHE A 399 28.21 -4.56 -24.07
CA PHE A 399 29.26 -4.93 -25.00
C PHE A 399 29.42 -6.42 -25.10
N LEU A 400 29.87 -6.85 -26.28
CA LEU A 400 30.34 -8.20 -26.54
C LEU A 400 31.83 -8.17 -26.85
N ALA A 401 32.61 -9.04 -26.22
CA ALA A 401 34.00 -9.23 -26.54
C ALA A 401 34.16 -10.39 -27.50
N TYR A 402 34.87 -10.19 -28.58
CA TYR A 402 35.12 -11.28 -29.50
C TYR A 402 36.22 -12.18 -28.97
N GLN A 403 36.13 -13.47 -29.33
CA GLN A 403 37.08 -14.48 -28.86
C GLN A 403 37.83 -15.17 -30.00
N ASP A 404 39.03 -15.64 -29.65
CA ASP A 404 39.88 -16.41 -30.56
C ASP A 404 39.38 -17.84 -30.53
N ASP A 405 38.74 -18.28 -31.61
CA ASP A 405 38.13 -19.62 -31.66
C ASP A 405 38.37 -20.22 -33.05
N SER A 406 39.55 -20.79 -33.21
CA SER A 406 39.95 -21.33 -34.51
C SER A 406 39.08 -22.50 -35.01
N HIS A 407 38.45 -23.27 -34.12
CA HIS A 407 37.63 -24.38 -34.59
C HIS A 407 36.34 -23.90 -35.29
N ARG A 408 35.60 -22.97 -34.70
CA ARG A 408 34.31 -22.59 -35.27
C ARG A 408 34.31 -21.32 -36.10
N THR A 409 35.25 -20.42 -35.84
CA THR A 409 35.17 -19.06 -36.38
C THR A 409 36.58 -18.54 -36.66
N PRO A 410 37.30 -19.25 -37.53
CA PRO A 410 38.73 -18.99 -37.74
C PRO A 410 39.06 -17.66 -38.47
N ASN A 411 38.18 -17.14 -39.32
CA ASN A 411 38.42 -15.81 -39.95
C ASN A 411 38.50 -14.69 -38.91
N THR A 412 37.85 -14.94 -37.77
CA THR A 412 37.67 -13.98 -36.73
C THR A 412 38.77 -14.11 -35.68
N ASP A 413 39.68 -15.06 -35.85
CA ASP A 413 40.75 -15.25 -34.88
C ASP A 413 41.71 -14.05 -34.88
N SER A 414 42.17 -13.68 -33.69
CA SER A 414 43.02 -12.51 -33.49
C SER A 414 44.52 -12.84 -33.48
N GLY A 415 44.88 -14.07 -33.74
CA GLY A 415 46.29 -14.45 -33.70
C GLY A 415 46.85 -14.22 -32.32
N ASN A 416 46.07 -14.56 -31.30
CA ASN A 416 46.42 -14.39 -29.88
C ASN A 416 46.74 -12.97 -29.46
N ASN A 417 46.00 -12.04 -30.03
CA ASN A 417 46.13 -10.63 -29.66
C ASN A 417 45.04 -10.27 -28.66
N ARG A 418 44.29 -9.21 -28.96
CA ARG A 418 43.17 -8.76 -28.15
C ARG A 418 43.45 -8.59 -26.66
N LYS A 419 44.56 -7.99 -26.32
CA LYS A 419 44.79 -7.63 -24.92
C LYS A 419 43.88 -6.47 -24.62
N LEU A 420 43.11 -6.58 -23.55
CA LEU A 420 42.11 -5.56 -23.24
C LEU A 420 42.55 -4.69 -22.10
N GLY A 421 42.23 -3.40 -22.19
CA GLY A 421 42.41 -2.49 -21.06
C GLY A 421 43.86 -2.18 -20.72
N ARG A 422 44.70 -2.08 -21.74
CA ARG A 422 46.09 -1.71 -21.49
C ARG A 422 46.27 -0.20 -21.46
N GLN A 423 45.47 0.47 -20.63
CA GLN A 423 45.57 1.91 -20.44
C GLN A 423 46.94 2.19 -19.81
N PRO A 424 47.33 3.48 -19.74
CA PRO A 424 48.67 3.81 -19.25
C PRO A 424 49.06 3.14 -17.92
N ILE A 425 48.19 3.23 -16.93
CA ILE A 425 48.50 2.64 -15.63
C ILE A 425 48.50 1.11 -15.68
N ASN A 426 47.97 0.51 -16.74
CA ASN A 426 47.91 -0.97 -16.85
C ASN A 426 48.50 -1.44 -18.16
N ILE A 427 49.51 -0.70 -18.62
CA ILE A 427 50.08 -0.98 -19.93
C ILE A 427 50.64 -2.39 -20.00
N ASP A 428 51.13 -2.90 -18.87
CA ASP A 428 51.69 -4.26 -18.84
C ASP A 428 50.71 -5.37 -18.35
N GLY A 429 49.42 -5.06 -18.23
CA GLY A 429 48.45 -6.01 -17.69
C GLY A 429 48.52 -6.33 -16.20
N SER A 430 49.40 -5.66 -15.47
CA SER A 430 49.64 -6.04 -14.07
C SER A 430 48.50 -5.68 -13.13
N LYS A 431 47.54 -4.89 -13.61
CA LYS A 431 46.32 -4.61 -12.86
C LYS A 431 45.06 -5.20 -13.52
N ASP A 432 45.22 -6.29 -14.30
CA ASP A 432 44.09 -6.89 -15.03
C ASP A 432 42.94 -7.37 -14.14
N THR A 433 43.26 -7.78 -12.91
CA THR A 433 42.27 -8.29 -11.98
C THR A 433 41.56 -7.23 -11.14
N THR A 434 41.98 -5.97 -11.26
CA THR A 434 41.45 -4.88 -10.44
C THR A 434 40.68 -3.86 -11.31
N ASP A 435 40.14 -2.84 -10.67
CA ASP A 435 39.49 -1.73 -11.39
C ASP A 435 40.48 -0.87 -12.19
N GLY A 436 41.77 -1.09 -11.94
CA GLY A 436 42.82 -0.45 -12.72
C GLY A 436 42.99 -1.00 -14.12
N LYS A 437 42.31 -2.09 -14.44
CA LYS A 437 42.25 -2.49 -15.83
C LYS A 437 41.41 -1.47 -16.59
N GLY A 438 41.88 -1.12 -17.78
CA GLY A 438 41.25 -0.08 -18.57
C GLY A 438 39.91 -0.47 -19.14
N SER A 439 39.00 0.50 -19.23
CA SER A 439 37.72 0.28 -19.87
C SER A 439 37.93 0.30 -21.37
N GLU A 440 38.27 -0.84 -21.96
CA GLU A 440 38.63 -0.90 -23.39
C GLU A 440 37.46 -0.59 -24.28
N PHE A 441 36.26 -0.87 -23.77
CA PHE A 441 35.04 -0.76 -24.59
C PHE A 441 34.33 0.52 -24.28
N LEU A 442 34.02 1.26 -25.34
CA LEU A 442 33.37 2.51 -25.19
C LEU A 442 32.22 2.66 -26.15
N LEU A 443 32.53 2.76 -27.43
CA LEU A 443 31.49 2.95 -28.45
C LEU A 443 31.75 2.07 -29.64
N ALA A 444 30.64 1.63 -30.24
CA ALA A 444 30.64 1.00 -31.54
C ALA A 444 31.57 -0.21 -31.61
N ASN A 445 32.34 -0.32 -32.71
CA ASN A 445 33.24 -1.43 -32.91
C ASN A 445 34.57 -1.06 -32.40
N ASP A 446 35.03 -1.74 -31.36
CA ASP A 446 36.24 -1.34 -30.69
C ASP A 446 37.38 -1.99 -31.40
N ILE A 447 38.30 -1.18 -31.92
CA ILE A 447 39.47 -1.64 -32.65
C ILE A 447 40.51 -2.21 -31.70
N ASP A 448 41.13 -3.31 -32.11
CA ASP A 448 42.19 -3.98 -31.34
C ASP A 448 43.55 -3.31 -31.55
N ASN A 449 43.79 -2.25 -30.79
CA ASN A 449 45.07 -1.54 -30.85
C ASN A 449 46.22 -2.26 -30.12
N SER A 450 46.02 -3.48 -29.62
CA SER A 450 47.11 -4.33 -29.07
C SER A 450 47.74 -5.24 -30.13
N ASN A 451 47.18 -5.18 -31.34
CA ASN A 451 47.69 -5.97 -32.47
C ASN A 451 48.72 -5.18 -33.26
N PRO A 452 49.96 -5.68 -33.34
CA PRO A 452 50.99 -4.96 -34.08
C PRO A 452 50.62 -4.54 -35.50
N ILE A 453 49.86 -5.34 -36.21
CA ILE A 453 49.42 -4.98 -37.56
C ILE A 453 48.50 -3.76 -37.51
N VAL A 454 47.60 -3.73 -36.53
CA VAL A 454 46.69 -2.59 -36.37
C VAL A 454 47.48 -1.36 -35.92
N GLN A 455 48.48 -1.55 -35.07
CA GLN A 455 49.31 -0.46 -34.62
C GLN A 455 49.97 0.22 -35.82
N ALA A 456 50.46 -0.56 -36.77
CA ALA A 456 51.10 -0.01 -37.96
C ALA A 456 50.12 0.82 -38.76
N GLU A 457 48.89 0.32 -38.85
CA GLU A 457 47.87 1.01 -39.60
C GLU A 457 47.50 2.34 -38.97
N GLN A 458 47.50 2.40 -37.64
CA GLN A 458 47.20 3.64 -36.95
C GLN A 458 48.29 4.68 -37.23
N LEU A 459 49.52 4.21 -37.42
CA LEU A 459 50.64 5.09 -37.75
C LEU A 459 50.53 5.61 -39.19
N ASN A 460 50.13 4.73 -40.09
CA ASN A 460 49.85 5.12 -41.47
C ASN A 460 48.84 6.25 -41.47
N TRP A 461 47.76 6.09 -40.71
CA TRP A 461 46.69 7.09 -40.64
C TRP A 461 47.24 8.37 -40.07
N LEU A 462 48.06 8.24 -39.04
CA LEU A 462 48.68 9.39 -38.41
C LEU A 462 49.54 10.15 -39.40
N HIS A 463 50.29 9.40 -40.19
CA HIS A 463 51.13 10.02 -41.18
C HIS A 463 50.27 10.73 -42.20
N TYR A 464 49.21 10.07 -42.64
CA TYR A 464 48.31 10.67 -43.60
C TYR A 464 47.74 12.00 -43.11
N LEU A 465 47.44 12.10 -41.83
CA LEU A 465 46.88 13.33 -41.29
C LEU A 465 47.94 14.43 -41.25
N MET A 466 49.14 14.09 -40.79
CA MET A 466 50.22 15.06 -40.65
C MET A 466 50.75 15.49 -41.99
N ASN A 467 50.41 14.78 -43.04
CA ASN A 467 50.75 15.17 -44.40
C ASN A 467 49.53 15.24 -45.29
N PHE A 468 48.37 15.56 -44.71
CA PHE A 468 47.12 15.51 -45.46
C PHE A 468 47.18 16.37 -46.69
N GLY A 469 47.66 17.60 -46.55
CA GLY A 469 47.76 18.54 -47.68
C GLY A 469 48.71 18.11 -48.79
N SER A 470 49.87 17.59 -48.42
CA SER A 470 50.83 17.10 -49.41
C SER A 470 50.24 15.97 -50.24
N ILE A 471 49.52 15.08 -49.57
CA ILE A 471 49.01 13.87 -50.18
C ILE A 471 47.78 14.11 -51.04
N THR A 472 46.85 14.93 -50.56
CA THR A 472 45.55 15.12 -51.23
C THR A 472 45.41 16.34 -52.12
N GLY A 473 46.31 17.33 -51.95
CA GLY A 473 46.30 18.54 -52.80
C GLY A 473 47.68 19.01 -53.30
N ASN A 474 48.70 18.17 -53.13
CA ASN A 474 50.08 18.58 -53.33
C ASN A 474 50.34 20.02 -52.85
N ASN A 475 49.81 20.32 -51.66
CA ASN A 475 49.92 21.63 -51.01
C ASN A 475 50.60 21.49 -49.64
N ASP A 476 51.92 21.69 -49.62
CA ASP A 476 52.69 21.49 -48.40
C ASP A 476 52.36 22.45 -47.26
N ASN A 477 51.45 23.38 -47.49
CA ASN A 477 50.99 24.29 -46.46
C ASN A 477 49.63 23.97 -45.89
N ALA A 478 49.08 22.84 -46.33
CA ALA A 478 47.76 22.47 -45.87
C ALA A 478 47.85 21.20 -45.02
N ASN A 479 48.90 21.08 -44.21
CA ASN A 479 49.12 19.87 -43.36
C ASN A 479 48.90 20.14 -41.89
N PHE A 480 48.29 19.19 -41.20
CA PHE A 480 48.07 19.35 -39.76
C PHE A 480 49.43 19.37 -39.05
N ASP A 481 49.51 20.07 -37.93
CA ASP A 481 50.77 20.21 -37.21
C ASP A 481 50.88 19.36 -35.98
N GLY A 482 49.76 19.01 -35.38
CA GLY A 482 49.80 18.25 -34.14
C GLY A 482 48.52 17.49 -33.97
N ILE A 483 48.40 16.76 -32.87
CA ILE A 483 47.25 15.90 -32.67
C ILE A 483 46.62 15.99 -31.28
N ARG A 484 45.34 15.66 -31.23
CA ARG A 484 44.64 15.36 -29.99
C ARG A 484 44.39 13.87 -30.02
N VAL A 485 44.76 13.16 -28.96
CA VAL A 485 44.49 11.75 -28.88
C VAL A 485 43.18 11.50 -28.12
N ASP A 486 42.15 11.11 -28.86
CA ASP A 486 40.84 10.85 -28.29
C ASP A 486 40.85 9.52 -27.50
N ALA A 487 40.27 9.54 -26.31
CA ALA A 487 39.93 8.32 -25.57
C ALA A 487 41.17 7.49 -25.23
N VAL A 488 42.11 8.16 -24.61
CA VAL A 488 43.35 7.54 -24.21
C VAL A 488 43.19 6.32 -23.31
N ASP A 489 42.26 6.40 -22.36
CA ASP A 489 42.11 5.33 -21.37
C ASP A 489 41.33 4.15 -21.90
N ASN A 490 40.75 4.30 -23.09
CA ASN A 490 40.02 3.22 -23.75
C ASN A 490 40.76 2.46 -24.86
N VAL A 491 42.07 2.62 -24.92
CA VAL A 491 42.92 2.03 -25.93
C VAL A 491 44.23 1.59 -25.31
N ASP A 492 45.00 0.89 -26.13
CA ASP A 492 46.31 0.38 -25.72
C ASP A 492 47.28 1.54 -25.68
N ALA A 493 47.92 1.71 -24.54
CA ALA A 493 48.80 2.87 -24.32
C ALA A 493 50.05 2.90 -25.21
N ASP A 494 50.32 1.80 -25.90
CA ASP A 494 51.38 1.80 -26.92
C ASP A 494 51.19 2.91 -27.95
N LEU A 495 49.95 3.24 -28.29
CA LEU A 495 49.70 4.25 -29.29
C LEU A 495 50.31 5.62 -28.94
N LEU A 496 50.49 5.89 -27.66
CA LEU A 496 51.11 7.13 -27.26
C LEU A 496 52.59 7.14 -27.63
N LYS A 497 53.25 6.01 -27.41
CA LYS A 497 54.67 5.86 -27.71
C LYS A 497 54.88 5.88 -29.20
N ILE A 498 53.99 5.23 -29.93
CA ILE A 498 54.06 5.20 -31.39
C ILE A 498 53.98 6.61 -31.95
N ALA A 499 53.00 7.36 -31.49
CA ALA A 499 52.84 8.74 -31.91
C ALA A 499 54.01 9.60 -31.46
N GLY A 500 54.45 9.44 -30.21
CA GLY A 500 55.58 10.19 -29.69
C GLY A 500 56.85 10.04 -30.52
N ASP A 501 57.22 8.79 -30.73
CA ASP A 501 58.41 8.47 -31.49
C ASP A 501 58.37 8.91 -32.95
N TYR A 502 57.19 8.87 -33.56
CA TYR A 502 56.99 9.36 -34.93
C TYR A 502 57.31 10.82 -35.02
N PHE A 503 56.75 11.61 -34.12
CA PHE A 503 57.05 13.04 -34.09
C PHE A 503 58.52 13.32 -33.81
N LYS A 504 59.15 12.49 -32.98
CA LYS A 504 60.58 12.65 -32.70
C LYS A 504 61.38 12.44 -33.98
N ALA A 505 61.05 11.36 -34.68
CA ALA A 505 61.75 10.99 -35.88
C ALA A 505 61.62 11.99 -36.98
N LEU A 506 60.41 12.45 -37.24
CA LEU A 506 60.15 13.34 -38.37
C LEU A 506 60.33 14.83 -38.12
N TYR A 507 60.20 15.28 -36.89
CA TYR A 507 60.27 16.73 -36.59
C TYR A 507 61.29 17.10 -35.51
N GLY A 508 62.01 16.12 -34.99
CA GLY A 508 63.01 16.36 -33.95
C GLY A 508 62.47 17.09 -32.75
N THR A 509 61.31 16.66 -32.28
CA THR A 509 60.65 17.30 -31.18
C THR A 509 61.41 17.18 -29.87
N ASP A 510 62.25 16.14 -29.75
CA ASP A 510 63.07 15.97 -28.54
C ASP A 510 64.35 16.78 -28.59
N LYS A 511 64.57 17.49 -29.69
CA LYS A 511 65.79 18.30 -29.86
C LYS A 511 65.75 19.69 -29.22
N SER A 512 64.63 20.38 -29.31
CA SER A 512 64.51 21.76 -28.83
C SER A 512 63.06 22.08 -28.48
N ASP A 513 62.87 23.14 -27.74
CA ASP A 513 61.53 23.61 -27.44
C ASP A 513 60.87 24.21 -28.66
N ALA A 514 61.66 24.74 -29.59
CA ALA A 514 61.10 25.33 -30.80
C ALA A 514 60.49 24.27 -31.70
N ASN A 515 61.17 23.14 -31.82
CA ASN A 515 60.65 22.00 -32.57
C ASN A 515 59.40 21.41 -31.91
N ALA A 516 59.49 21.14 -30.63
CA ALA A 516 58.43 20.57 -29.85
C ALA A 516 57.21 21.45 -29.94
N ASN A 517 57.37 22.76 -29.70
CA ASN A 517 56.22 23.67 -29.64
C ASN A 517 55.66 24.04 -31.02
N LYS A 518 56.35 23.69 -32.09
CA LYS A 518 55.79 23.79 -33.44
C LYS A 518 54.76 22.71 -33.75
N HIS A 519 54.72 21.68 -32.92
CA HIS A 519 53.81 20.57 -33.11
C HIS A 519 53.12 20.22 -31.78
N LEU A 520 52.41 21.23 -31.26
CA LEU A 520 51.61 21.06 -30.06
C LEU A 520 50.64 19.89 -30.20
N SER A 521 50.66 19.01 -29.20
CA SER A 521 49.84 17.79 -29.16
C SER A 521 49.28 17.55 -27.75
N ILE A 522 47.99 17.25 -27.67
CA ILE A 522 47.30 17.05 -26.39
C ILE A 522 46.63 15.68 -26.27
N LEU A 523 46.36 15.29 -25.02
CA LEU A 523 45.74 14.02 -24.71
C LEU A 523 44.43 14.26 -24.03
N GLU A 524 43.41 13.49 -24.41
CA GLU A 524 42.20 13.33 -23.61
C GLU A 524 42.48 12.16 -22.64
N ASP A 525 43.12 12.46 -21.50
CA ASP A 525 43.56 11.44 -20.53
C ASP A 525 42.99 11.68 -19.13
N TRP A 526 41.82 11.10 -18.90
CA TRP A 526 41.03 11.47 -17.72
C TRP A 526 41.50 10.87 -16.40
N ASN A 527 42.14 9.70 -16.44
CA ASN A 527 42.51 9.04 -15.19
C ASN A 527 43.44 9.92 -14.39
N GLY A 528 43.18 9.97 -13.09
CA GLY A 528 43.94 10.80 -12.19
C GLY A 528 45.41 10.46 -12.06
N LYS A 529 45.83 9.28 -12.50
CA LYS A 529 47.23 8.90 -12.43
C LYS A 529 47.95 8.97 -13.77
N ASP A 530 47.25 9.46 -14.81
CA ASP A 530 47.82 9.60 -16.15
C ASP A 530 48.92 10.68 -16.19
N PRO A 531 48.72 11.82 -15.52
CA PRO A 531 49.78 12.86 -15.52
C PRO A 531 51.15 12.36 -15.15
N GLN A 532 51.27 11.51 -14.14
CA GLN A 532 52.58 11.03 -13.68
C GLN A 532 53.17 10.03 -14.66
N TYR A 533 52.32 9.18 -15.23
CA TYR A 533 52.77 8.29 -16.29
C TYR A 533 53.29 9.10 -17.46
N VAL A 534 52.50 10.05 -17.96
CA VAL A 534 52.86 10.80 -19.17
C VAL A 534 54.20 11.47 -18.97
N ASN A 535 54.42 11.95 -17.76
CA ASN A 535 55.67 12.62 -17.45
C ASN A 535 56.86 11.64 -17.38
N GLN A 536 56.65 10.44 -16.85
CA GLN A 536 57.72 9.43 -16.82
C GLN A 536 58.07 9.04 -18.23
N GLN A 537 57.11 9.08 -19.14
CA GLN A 537 57.39 8.77 -20.53
C GLN A 537 57.84 9.98 -21.37
N GLY A 538 58.21 11.08 -20.73
CA GLY A 538 58.84 12.21 -21.43
C GLY A 538 57.93 13.25 -22.05
N ASN A 539 56.67 13.28 -21.64
CA ASN A 539 55.73 14.28 -22.12
C ASN A 539 55.70 14.47 -23.62
N ALA A 540 55.54 13.38 -24.36
CA ALA A 540 55.44 13.48 -25.82
C ALA A 540 54.17 14.20 -26.26
N GLN A 541 53.12 14.10 -25.45
CA GLN A 541 51.92 14.90 -25.64
C GLN A 541 51.54 15.48 -24.29
N LEU A 542 50.85 16.60 -24.31
CA LEU A 542 50.50 17.27 -23.08
C LEU A 542 49.34 16.60 -22.37
N THR A 543 49.54 16.24 -21.10
CA THR A 543 48.42 15.80 -20.26
C THR A 543 47.41 16.91 -20.03
N MET A 544 46.16 16.56 -19.83
CA MET A 544 45.19 17.53 -19.32
C MET A 544 45.47 17.66 -17.84
N ASP A 545 44.95 18.73 -17.25
CA ASP A 545 45.03 18.96 -15.81
C ASP A 545 43.61 19.05 -15.25
N TYR A 546 43.05 17.88 -14.93
CA TYR A 546 41.70 17.81 -14.41
C TYR A 546 41.60 18.44 -13.02
N THR A 547 42.69 18.48 -12.29
CA THR A 547 42.64 18.94 -10.90
C THR A 547 42.16 20.38 -10.84
N VAL A 548 42.57 21.19 -11.80
CA VAL A 548 42.11 22.58 -11.86
C VAL A 548 40.69 22.71 -12.48
N THR A 549 40.41 21.94 -13.53
CA THR A 549 39.07 21.92 -14.13
C THR A 549 38.01 21.48 -13.09
N SER A 550 38.39 20.50 -12.28
CA SER A 550 37.59 19.99 -11.20
C SER A 550 37.28 21.07 -10.16
N GLN A 551 38.30 21.82 -9.74
CA GLN A 551 38.11 22.80 -8.72
C GLN A 551 37.28 23.97 -9.23
N PHE A 552 37.31 24.26 -10.53
CA PHE A 552 36.42 25.28 -11.06
C PHE A 552 34.97 24.84 -10.89
N GLY A 553 34.73 23.57 -11.14
CA GLY A 553 33.41 23.01 -10.94
C GLY A 553 32.91 23.26 -9.51
N ASN A 554 33.75 22.94 -8.53
CA ASN A 554 33.34 22.95 -7.14
C ASN A 554 33.21 24.31 -6.56
N SER A 555 34.14 25.21 -6.94
CA SER A 555 34.22 26.53 -6.34
C SER A 555 33.55 27.68 -7.12
N LEU A 556 33.26 27.51 -8.41
CA LEU A 556 32.68 28.60 -9.23
C LEU A 556 31.63 28.17 -10.24
N THR A 557 31.97 27.19 -11.04
CA THR A 557 31.23 26.83 -12.22
C THR A 557 29.94 26.06 -11.93
N HIS A 558 29.95 25.21 -10.91
CA HIS A 558 28.78 24.39 -10.58
C HIS A 558 28.09 24.74 -9.27
N GLY A 559 26.77 24.90 -9.39
CA GLY A 559 25.90 25.02 -8.25
C GLY A 559 25.57 26.45 -7.93
N ALA A 560 24.29 26.72 -7.75
CA ALA A 560 23.83 28.06 -7.54
C ALA A 560 24.21 28.57 -6.16
N ASN A 561 24.21 27.71 -5.14
CA ASN A 561 24.37 28.23 -3.77
C ASN A 561 25.51 27.65 -2.94
N ASN A 562 25.77 26.35 -2.98
CA ASN A 562 26.80 25.77 -2.12
C ASN A 562 27.99 25.39 -2.90
N ARG A 563 29.12 26.04 -2.62
CA ARG A 563 30.33 25.83 -3.43
C ARG A 563 31.51 25.66 -2.51
N SER A 564 32.52 24.92 -2.94
CA SER A 564 33.71 24.82 -2.13
C SER A 564 34.35 26.20 -2.11
N ASN A 565 35.02 26.53 -1.02
CA ASN A 565 35.72 27.80 -0.95
C ASN A 565 36.83 27.95 -1.99
N MET A 566 37.10 29.21 -2.33
CA MET A 566 38.23 29.57 -3.20
C MET A 566 39.53 29.11 -2.57
N TRP A 567 39.58 29.03 -1.24
CA TRP A 567 40.73 28.44 -0.53
C TRP A 567 41.24 27.16 -1.15
N TYR A 568 40.34 26.33 -1.66
CA TYR A 568 40.73 25.03 -2.26
C TYR A 568 41.63 25.14 -3.50
N PHE A 569 41.57 26.28 -4.19
CA PHE A 569 42.46 26.54 -5.30
C PHE A 569 43.93 26.60 -4.89
N LEU A 570 44.23 26.94 -3.64
CA LEU A 570 45.61 27.06 -3.22
C LEU A 570 46.31 25.71 -3.05
N ASP A 571 45.58 24.71 -2.56
CA ASP A 571 46.17 23.42 -2.18
C ASP A 571 47.34 23.65 -1.21
N THR A 572 47.04 24.20 -0.04
CA THR A 572 48.09 24.55 0.93
C THR A 572 48.85 23.33 1.45
N GLY A 573 48.18 22.19 1.45
CA GLY A 573 48.81 20.93 1.82
C GLY A 573 50.07 20.64 1.03
N TYR A 574 50.23 21.30 -0.10
CA TYR A 574 51.46 21.23 -0.86
C TYR A 574 52.64 21.50 0.04
N TYR A 575 52.51 22.51 0.91
CA TYR A 575 53.54 22.83 1.91
C TYR A 575 53.31 22.10 3.23
N LEU A 576 54.37 21.88 3.98
CA LEU A 576 54.31 21.10 5.21
C LEU A 576 53.55 21.90 6.20
N ASN A 577 52.48 21.32 6.74
CA ASN A 577 51.57 21.96 7.70
C ASN A 577 50.82 23.14 7.16
N GLY A 578 50.77 23.28 5.85
CA GLY A 578 50.25 24.49 5.23
C GLY A 578 50.87 25.78 5.76
N ASP A 579 52.16 25.77 6.11
CA ASP A 579 52.85 26.94 6.68
C ASP A 579 53.21 27.86 5.53
N LEU A 580 52.34 28.83 5.29
CA LEU A 580 52.56 29.78 4.21
C LEU A 580 53.69 30.73 4.57
N ASN A 581 54.06 30.77 5.84
CA ASN A 581 55.18 31.60 6.23
C ASN A 581 56.48 30.87 6.01
N LYS A 582 56.50 29.58 6.31
CA LYS A 582 57.73 28.79 6.26
C LYS A 582 57.98 28.13 4.87
N LYS A 583 56.93 27.67 4.22
CA LYS A 583 57.00 27.16 2.81
C LYS A 583 57.96 26.01 2.56
N ILE A 584 57.89 24.99 3.41
CA ILE A 584 58.67 23.79 3.25
C ILE A 584 57.78 22.84 2.48
N VAL A 585 58.26 22.37 1.34
CA VAL A 585 57.47 21.48 0.48
C VAL A 585 57.38 20.12 1.16
N ASP A 586 56.18 19.54 1.11
CA ASP A 586 55.92 18.23 1.69
C ASP A 586 56.29 17.14 0.68
N LYS A 587 57.42 16.48 0.97
CA LYS A 587 58.01 15.51 0.05
C LYS A 587 57.16 14.26 -0.11
N ASN A 588 56.32 13.99 0.89
CA ASN A 588 55.45 12.80 0.89
C ASN A 588 54.01 13.17 1.24
N ARG A 589 53.06 12.75 0.41
CA ARG A 589 51.66 13.09 0.60
C ARG A 589 50.81 11.88 0.24
N PRO A 590 49.55 11.84 0.71
CA PRO A 590 48.68 10.70 0.35
C PRO A 590 47.98 10.81 -1.03
N ASN A 591 48.76 10.83 -2.12
CA ASN A 591 48.24 10.86 -3.50
C ASN A 591 47.17 11.95 -3.77
N SER A 592 47.39 13.18 -3.30
CA SER A 592 46.39 14.24 -3.40
C SER A 592 46.99 15.58 -3.85
N GLY A 593 46.11 16.46 -4.29
CA GLY A 593 46.49 17.84 -4.55
C GLY A 593 46.50 18.22 -6.01
N THR A 594 46.59 19.53 -6.26
CA THR A 594 46.54 20.08 -7.60
C THR A 594 47.90 19.84 -8.23
N LEU A 595 47.90 19.68 -9.55
CA LEU A 595 49.12 19.34 -10.32
C LEU A 595 50.26 20.36 -10.23
N VAL A 596 49.89 21.65 -10.25
CA VAL A 596 50.85 22.74 -10.23
C VAL A 596 50.48 23.70 -9.10
N ASN A 597 51.37 23.87 -8.13
CA ASN A 597 51.07 24.80 -7.07
C ASN A 597 51.34 26.21 -7.52
N ARG A 598 50.46 27.14 -7.13
CA ARG A 598 50.57 28.52 -7.60
C ARG A 598 50.53 29.55 -6.46
N ILE A 599 50.81 29.09 -5.25
CA ILE A 599 50.74 29.96 -4.09
C ILE A 599 51.87 30.94 -4.21
N ALA A 600 53.05 30.42 -4.52
CA ALA A 600 54.23 31.27 -4.74
C ALA A 600 55.14 30.66 -5.78
N ASN A 601 54.67 30.62 -7.02
CA ASN A 601 55.38 29.94 -8.12
C ASN A 601 56.37 30.86 -8.78
N SER A 602 57.64 30.69 -8.43
CA SER A 602 58.75 31.46 -8.99
C SER A 602 59.48 30.75 -10.14
N GLY A 603 58.95 29.63 -10.62
CA GLY A 603 59.59 28.87 -11.69
C GLY A 603 60.79 28.04 -11.25
N ASP A 604 61.01 27.89 -9.95
CA ASP A 604 62.19 27.18 -9.44
C ASP A 604 62.05 25.65 -9.36
N THR A 605 60.83 25.14 -9.25
CA THR A 605 60.64 23.68 -9.16
C THR A 605 60.06 23.15 -10.47
N LYS A 606 60.57 22.00 -10.90
CA LYS A 606 60.13 21.39 -12.14
C LYS A 606 58.70 20.93 -12.01
N VAL A 607 57.89 21.15 -13.03
CA VAL A 607 56.49 20.79 -12.96
C VAL A 607 56.02 20.14 -14.27
N ILE A 608 54.91 19.40 -14.23
CA ILE A 608 54.49 18.59 -15.39
C ILE A 608 53.76 19.45 -16.42
N PRO A 609 54.29 19.54 -17.64
CA PRO A 609 53.64 20.40 -18.62
C PRO A 609 52.24 19.92 -18.97
N ASN A 610 51.33 20.87 -19.19
CA ASN A 610 49.91 20.53 -19.29
C ASN A 610 49.02 21.56 -19.96
N TYR A 611 47.87 21.13 -20.44
CA TYR A 611 46.83 22.04 -20.90
C TYR A 611 45.69 21.98 -19.90
N SER A 612 44.90 23.05 -19.84
CA SER A 612 43.78 23.11 -18.91
C SER A 612 42.62 23.85 -19.53
N PHE A 613 41.42 23.60 -19.02
CA PHE A 613 40.23 24.24 -19.57
C PHE A 613 39.14 24.37 -18.55
N VAL A 614 38.16 25.21 -18.89
CA VAL A 614 36.94 25.34 -18.12
C VAL A 614 35.83 24.44 -18.69
N ARG A 615 35.65 24.45 -20.01
CA ARG A 615 34.70 23.57 -20.68
C ARG A 615 35.28 22.98 -21.93
N ALA A 616 34.58 21.99 -22.45
CA ALA A 616 34.99 21.35 -23.68
C ALA A 616 33.77 20.90 -24.47
N HIS A 617 34.01 20.48 -25.70
CA HIS A 617 32.95 19.98 -26.56
C HIS A 617 32.23 18.86 -25.86
N ASP A 618 32.99 18.12 -25.05
CA ASP A 618 32.52 16.96 -24.29
C ASP A 618 32.65 17.13 -22.77
N TYR A 619 32.68 18.35 -22.28
CA TYR A 619 32.67 18.54 -20.83
C TYR A 619 31.80 19.75 -20.52
N ASP A 620 30.81 19.55 -19.67
CA ASP A 620 29.77 20.53 -19.37
C ASP A 620 29.03 21.08 -20.59
N ALA A 621 28.82 20.25 -21.59
CA ALA A 621 28.01 20.65 -22.74
C ALA A 621 26.91 19.61 -23.05
N GLN A 622 27.33 18.40 -23.38
CA GLN A 622 26.42 17.39 -23.86
C GLN A 622 25.33 17.04 -22.86
N ASP A 623 25.67 16.98 -21.59
CA ASP A 623 24.66 16.64 -20.58
C ASP A 623 23.65 17.79 -20.35
N PRO A 624 24.14 18.97 -19.98
CA PRO A 624 23.21 20.07 -19.92
C PRO A 624 22.28 20.22 -21.15
N ILE A 625 22.82 20.21 -22.35
CA ILE A 625 21.99 20.46 -23.52
C ILE A 625 20.87 19.43 -23.60
N ARG A 626 21.15 18.20 -23.19
CA ARG A 626 20.13 17.11 -23.19
C ARG A 626 19.14 17.24 -22.00
N LYS A 627 19.65 17.53 -20.81
CA LYS A 627 18.79 17.80 -19.66
C LYS A 627 17.76 18.85 -19.98
N ALA A 628 18.17 19.87 -20.73
CA ALA A 628 17.26 20.92 -21.16
C ALA A 628 16.18 20.35 -22.10
N MET A 629 16.52 19.48 -23.03
CA MET A 629 15.54 18.89 -23.93
C MET A 629 14.58 17.94 -23.20
N ILE A 630 15.11 17.20 -22.23
CA ILE A 630 14.33 16.31 -21.39
C ILE A 630 13.36 17.11 -20.53
N ASP A 631 13.89 18.15 -19.92
CA ASP A 631 13.12 19.02 -19.03
C ASP A 631 11.92 19.66 -19.73
N HIS A 632 12.02 19.90 -21.05
CA HIS A 632 10.93 20.51 -21.82
C HIS A 632 10.19 19.49 -22.70
N GLY A 633 10.29 18.21 -22.33
CA GLY A 633 9.55 17.14 -23.01
C GLY A 633 9.90 16.84 -24.47
N ILE A 634 11.07 17.27 -24.93
CA ILE A 634 11.45 17.11 -26.31
C ILE A 634 11.96 15.69 -26.54
N ILE A 635 12.59 15.11 -25.52
CA ILE A 635 12.95 13.68 -25.55
C ILE A 635 12.71 13.14 -24.17
N LYS A 636 12.75 11.81 -24.04
CA LYS A 636 12.52 11.17 -22.75
C LYS A 636 13.79 10.73 -22.06
N ASN A 637 14.70 10.11 -22.82
CA ASN A 637 15.98 9.61 -22.27
C ASN A 637 17.23 10.28 -22.80
N MET A 638 18.31 10.25 -22.04
CA MET A 638 19.58 10.83 -22.52
C MET A 638 20.09 10.10 -23.76
N GLN A 639 19.77 8.80 -23.85
CA GLN A 639 20.21 7.97 -24.97
C GLN A 639 19.26 8.05 -26.14
N ASP A 640 18.22 8.83 -25.97
CA ASP A 640 17.19 8.91 -26.96
C ASP A 640 17.75 9.49 -28.25
N THR A 641 17.22 9.03 -29.38
CA THR A 641 17.52 9.63 -30.66
C THR A 641 16.70 10.89 -30.85
N PHE A 642 17.36 11.96 -31.26
CA PHE A 642 16.68 13.22 -31.59
C PHE A 642 17.07 13.74 -32.97
N THR A 643 16.15 14.48 -33.55
CA THR A 643 16.31 15.10 -34.86
C THR A 643 16.95 16.47 -34.66
N PHE A 644 17.45 17.06 -35.75
CA PHE A 644 18.08 18.38 -35.67
C PHE A 644 17.08 19.44 -35.26
N ASP A 645 15.83 19.34 -35.72
CA ASP A 645 14.78 20.27 -35.26
C ASP A 645 14.50 20.15 -33.79
N GLN A 646 14.55 18.94 -33.29
CA GLN A 646 14.37 18.70 -31.87
C GLN A 646 15.49 19.40 -31.13
N LEU A 647 16.71 19.26 -31.65
CA LEU A 647 17.87 19.95 -31.09
C LEU A 647 17.73 21.48 -31.12
N ALA A 648 17.25 22.03 -32.22
CA ALA A 648 17.08 23.48 -32.36
C ALA A 648 16.14 24.09 -31.34
N GLN A 649 15.01 23.41 -31.12
CA GLN A 649 14.01 23.84 -30.12
C GLN A 649 14.56 23.80 -28.73
N GLY A 650 15.28 22.73 -28.39
CA GLY A 650 15.95 22.60 -27.10
C GLY A 650 17.01 23.69 -26.90
N MET A 651 17.73 23.99 -27.97
CA MET A 651 18.77 25.01 -27.94
C MET A 651 18.21 26.37 -27.58
N GLU A 652 16.99 26.66 -28.01
CA GLU A 652 16.36 27.92 -27.64
C GLU A 652 16.13 28.06 -26.15
N PHE A 653 15.79 26.97 -25.47
CA PHE A 653 15.63 26.98 -24.00
C PHE A 653 16.99 27.12 -23.31
N TYR A 654 17.96 26.43 -23.86
CA TYR A 654 19.32 26.45 -23.36
C TYR A 654 19.87 27.85 -23.40
N TYR A 655 19.67 28.53 -24.53
CA TYR A 655 20.15 29.90 -24.70
C TYR A 655 19.44 30.83 -23.72
N LYS A 656 18.14 30.67 -23.61
CA LYS A 656 17.29 31.47 -22.70
C LYS A 656 17.79 31.35 -21.24
N ASP A 657 18.16 30.14 -20.82
CA ASP A 657 18.67 29.87 -19.48
C ASP A 657 20.05 30.44 -19.29
N GLN A 658 20.89 30.30 -20.31
CA GLN A 658 22.29 30.81 -20.28
C GLN A 658 22.33 32.32 -20.06
N GLU A 659 21.45 33.03 -20.78
CA GLU A 659 21.43 34.50 -20.78
C GLU A 659 20.40 35.09 -19.80
N ASN A 660 19.92 34.27 -18.87
CA ASN A 660 18.87 34.68 -17.95
C ASN A 660 19.35 35.84 -17.08
N PRO A 661 18.65 36.98 -17.13
CA PRO A 661 19.04 38.12 -16.31
C PRO A 661 18.90 37.90 -14.81
N SER A 662 18.05 36.97 -14.39
CA SER A 662 17.95 36.62 -12.98
C SER A 662 19.30 36.26 -12.44
N GLY A 663 20.10 35.58 -13.25
CA GLY A 663 21.43 35.13 -12.85
C GLY A 663 21.49 33.66 -12.47
N PHE A 664 20.31 33.05 -12.34
CA PHE A 664 20.18 31.64 -12.01
C PHE A 664 20.29 30.85 -13.31
N LYS A 665 20.96 29.69 -13.22
CA LYS A 665 21.20 28.84 -14.36
C LYS A 665 20.86 27.40 -14.00
N LYS A 666 19.97 26.80 -14.79
CA LYS A 666 19.49 25.47 -14.49
C LYS A 666 20.32 24.41 -15.20
N TYR A 667 20.67 24.68 -16.46
CA TYR A 667 21.51 23.75 -17.23
C TYR A 667 22.95 24.28 -17.43
N ASN A 668 23.08 25.60 -17.61
CA ASN A 668 24.37 26.25 -17.90
C ASN A 668 25.24 26.46 -16.68
N ASP A 669 26.51 26.74 -16.92
CA ASP A 669 27.51 26.94 -15.86
C ASP A 669 27.58 28.39 -15.40
N TYR A 670 27.83 28.54 -14.10
CA TYR A 670 27.95 29.84 -13.46
C TYR A 670 29.38 30.33 -13.60
N ASN A 671 29.54 31.65 -13.54
CA ASN A 671 30.86 32.30 -13.34
C ASN A 671 31.92 32.01 -14.40
N LEU A 672 31.47 31.84 -15.64
CA LEU A 672 32.42 31.51 -16.70
C LEU A 672 33.46 32.58 -16.94
N PRO A 673 33.08 33.85 -16.95
CA PRO A 673 34.08 34.93 -17.01
C PRO A 673 35.16 34.81 -15.94
N SER A 674 34.74 34.58 -14.71
CA SER A 674 35.65 34.55 -13.58
C SER A 674 36.56 33.34 -13.72
N ALA A 675 35.99 32.24 -14.20
CA ALA A 675 36.77 31.02 -14.45
C ALA A 675 37.82 31.21 -15.52
N TYR A 676 37.45 31.86 -16.63
CA TYR A 676 38.39 32.19 -17.68
C TYR A 676 39.48 33.17 -17.20
N ALA A 677 39.12 34.11 -16.33
CA ALA A 677 40.11 35.05 -15.83
C ALA A 677 41.21 34.30 -15.12
N MET A 678 40.87 33.23 -14.42
CA MET A 678 41.89 32.47 -13.73
C MET A 678 42.64 31.57 -14.69
N LEU A 679 41.91 30.93 -15.57
CA LEU A 679 42.51 30.03 -16.51
C LEU A 679 43.56 30.76 -17.31
N LEU A 680 43.23 31.98 -17.71
CA LEU A 680 44.08 32.72 -18.65
C LEU A 680 45.26 33.47 -18.03
N THR A 681 45.33 33.50 -16.71
CA THR A 681 46.43 34.13 -15.99
C THR A 681 47.36 33.13 -15.34
N ASN A 682 46.99 31.85 -15.32
CA ASN A 682 47.78 30.87 -14.59
C ASN A 682 49.10 30.56 -15.25
N LYS A 683 50.15 30.52 -14.44
CA LYS A 683 51.46 30.10 -14.89
C LYS A 683 51.53 28.59 -15.07
N ASP A 684 52.44 28.12 -15.91
CA ASP A 684 52.70 26.69 -16.12
C ASP A 684 51.48 25.89 -16.59
N THR A 685 50.91 26.35 -17.71
CA THR A 685 49.83 25.68 -18.37
C THR A 685 49.65 26.30 -19.74
N VAL A 686 49.16 25.48 -20.65
CA VAL A 686 48.64 25.96 -21.91
C VAL A 686 47.13 25.98 -21.81
N PRO A 687 46.53 27.14 -21.66
CA PRO A 687 45.07 27.16 -21.56
C PRO A 687 44.36 26.81 -22.86
N ARG A 688 43.20 26.17 -22.74
CA ARG A 688 42.32 25.92 -23.89
C ARG A 688 40.94 26.57 -23.76
N VAL A 689 40.51 27.19 -24.87
CA VAL A 689 39.28 27.94 -24.91
C VAL A 689 38.24 27.27 -25.80
N TYR A 690 37.02 27.20 -25.27
CA TYR A 690 35.95 26.45 -25.91
C TYR A 690 35.12 27.37 -26.76
N TYR A 691 35.05 27.04 -28.05
CA TYR A 691 34.16 27.73 -28.98
C TYR A 691 32.82 28.12 -28.37
N GLY A 692 32.22 27.20 -27.64
CA GLY A 692 30.89 27.40 -27.10
C GLY A 692 30.77 28.36 -25.94
N ASP A 693 31.92 28.80 -25.41
CA ASP A 693 31.94 29.89 -24.44
C ASP A 693 32.07 31.23 -25.15
N MET A 694 32.44 31.20 -26.42
CA MET A 694 32.60 32.39 -27.24
C MET A 694 31.42 32.59 -28.17
N TYR A 695 30.91 31.50 -28.73
CA TYR A 695 29.77 31.56 -29.63
C TYR A 695 28.76 30.55 -29.18
N LEU A 696 27.53 30.67 -29.67
CA LEU A 696 26.45 29.79 -29.25
C LEU A 696 26.69 28.42 -29.80
N GLU A 697 26.50 27.42 -28.95
CA GLU A 697 26.84 26.02 -29.28
C GLU A 697 26.01 25.40 -30.39
N GLY A 698 24.82 25.93 -30.64
CA GLY A 698 23.97 25.45 -31.72
C GLY A 698 23.90 26.36 -32.92
N GLY A 699 23.09 25.97 -33.88
CA GLY A 699 22.88 26.78 -35.05
C GLY A 699 24.14 26.77 -35.85
N GLN A 700 24.36 27.87 -36.56
CA GLN A 700 25.39 27.94 -37.58
C GLN A 700 26.71 28.37 -36.97
N TYR A 701 27.83 28.05 -37.63
CA TYR A 701 29.17 28.24 -37.03
C TYR A 701 29.43 29.71 -36.91
N MET A 702 29.76 30.17 -35.71
CA MET A 702 30.01 31.57 -35.47
C MET A 702 28.84 32.50 -35.80
N GLU A 703 27.62 31.99 -35.70
CA GLU A 703 26.44 32.77 -36.08
C GLU A 703 26.19 33.92 -35.12
N LYS A 704 26.44 33.70 -33.83
CA LYS A 704 26.15 34.70 -32.82
C LYS A 704 27.01 34.49 -31.58
N GLY A 705 27.66 35.55 -31.14
CA GLY A 705 28.51 35.47 -29.98
C GLY A 705 27.68 35.29 -28.73
N THR A 706 28.33 34.81 -27.67
CA THR A 706 27.67 34.62 -26.38
C THR A 706 27.80 35.90 -25.59
N ILE A 707 27.10 35.97 -24.48
CA ILE A 707 27.23 37.16 -23.63
C ILE A 707 28.64 37.26 -23.00
N TYR A 708 29.32 36.13 -22.87
CA TYR A 708 30.65 36.11 -22.30
C TYR A 708 31.76 36.59 -23.27
N ASN A 709 31.45 36.64 -24.57
CA ASN A 709 32.47 36.93 -25.60
C ASN A 709 33.35 38.18 -25.34
N PRO A 710 32.74 39.33 -25.01
CA PRO A 710 33.53 40.53 -24.80
C PRO A 710 34.60 40.36 -23.71
N VAL A 711 34.19 39.78 -22.58
CA VAL A 711 35.06 39.67 -21.42
C VAL A 711 36.20 38.72 -21.72
N ILE A 712 35.87 37.58 -22.31
CA ILE A 712 36.87 36.57 -22.63
C ILE A 712 37.82 37.12 -23.69
N SER A 713 37.29 37.86 -24.66
CA SER A 713 38.11 38.46 -25.72
C SER A 713 39.16 39.43 -25.14
N ALA A 714 38.72 40.21 -24.15
CA ALA A 714 39.57 41.17 -23.49
C ALA A 714 40.65 40.48 -22.69
N LEU A 715 40.24 39.46 -21.93
CA LEU A 715 41.19 38.64 -21.19
C LEU A 715 42.29 38.07 -22.09
N LEU A 716 41.88 37.65 -23.29
CA LEU A 716 42.78 36.99 -24.21
C LEU A 716 43.80 37.93 -24.79
N LYS A 717 43.37 39.14 -25.09
CA LYS A 717 44.26 40.18 -25.61
C LYS A 717 45.18 40.74 -24.55
N ALA A 718 44.63 40.86 -23.35
CA ALA A 718 45.43 41.26 -22.20
C ALA A 718 46.50 40.21 -21.87
N ARG A 719 46.22 38.94 -22.11
CA ARG A 719 47.17 37.86 -21.83
C ARG A 719 48.39 38.05 -22.68
N ILE A 720 48.20 38.46 -23.93
CA ILE A 720 49.33 38.70 -24.83
C ILE A 720 50.22 39.82 -24.31
N LYS A 721 49.59 40.93 -23.91
CA LYS A 721 50.26 42.14 -23.43
C LYS A 721 50.94 42.05 -22.07
N TYR A 722 50.26 41.46 -21.09
CA TYR A 722 50.69 41.57 -19.72
C TYR A 722 51.11 40.29 -19.03
N VAL A 723 50.66 39.13 -19.49
CA VAL A 723 50.82 37.93 -18.67
C VAL A 723 52.21 37.35 -18.83
N SER A 724 53.05 37.55 -17.82
CA SER A 724 54.31 36.84 -17.74
C SER A 724 54.88 36.86 -16.34
N GLY A 725 56.00 36.16 -16.16
CA GLY A 725 56.72 36.14 -14.89
C GLY A 725 56.09 35.22 -13.89
N GLY A 726 56.54 35.36 -12.65
CA GLY A 726 56.12 34.49 -11.56
C GLY A 726 54.68 34.71 -11.20
N GLN A 727 54.15 33.85 -10.34
CA GLN A 727 52.78 33.95 -9.88
C GLN A 727 52.71 33.83 -8.38
N THR A 728 51.71 34.50 -7.79
CA THR A 728 51.27 34.18 -6.44
C THR A 728 49.78 34.12 -6.42
N MET A 729 49.28 33.45 -5.39
CA MET A 729 47.87 33.24 -5.24
C MET A 729 47.61 33.10 -3.76
N ALA A 730 46.58 33.80 -3.27
CA ALA A 730 46.19 33.78 -1.86
C ALA A 730 44.69 33.98 -1.74
N THR A 731 44.16 33.68 -0.56
CA THR A 731 42.73 33.93 -0.30
C THR A 731 42.56 34.52 1.06
N ASP A 732 41.52 35.32 1.21
CA ASP A 732 41.13 35.82 2.51
C ASP A 732 40.35 34.71 3.22
N SER A 733 41.06 33.66 3.60
CA SER A 733 40.43 32.46 4.04
C SER A 733 41.48 31.49 4.50
N SER A 734 41.15 30.65 5.47
CA SER A 734 42.08 29.70 6.03
C SER A 734 41.61 28.24 5.94
N GLY A 735 40.44 27.98 5.36
CA GLY A 735 39.92 26.60 5.31
C GLY A 735 38.49 26.53 4.82
N LYS A 736 37.78 25.47 5.20
CA LYS A 736 36.35 25.31 4.89
C LYS A 736 35.50 26.45 5.45
N ASP A 737 35.81 26.86 6.67
CA ASP A 737 34.92 27.73 7.43
C ASP A 737 35.55 29.11 7.51
N LEU A 738 34.71 30.14 7.53
CA LEU A 738 35.18 31.51 7.48
C LEU A 738 35.04 32.18 8.84
N LYS A 739 36.11 32.76 9.32
CA LYS A 739 36.04 33.63 10.49
C LYS A 739 35.30 34.95 10.16
N ASP A 740 35.12 35.76 11.19
CA ASP A 740 34.32 37.00 11.11
C ASP A 740 34.64 37.97 9.95
N GLY A 741 35.89 38.43 9.85
CA GLY A 741 36.25 39.40 8.81
C GLY A 741 36.37 38.79 7.42
N GLU A 742 36.50 37.47 7.36
CA GLU A 742 36.96 36.76 6.17
C GLU A 742 35.94 36.73 5.03
N THR A 743 36.44 37.03 3.84
CA THR A 743 35.65 37.14 2.64
C THR A 743 35.73 35.96 1.68
N ASP A 744 36.81 35.18 1.78
CA ASP A 744 37.09 34.08 0.85
C ASP A 744 37.22 34.59 -0.57
N LEU A 745 37.91 35.72 -0.69
CA LEU A 745 38.14 36.35 -1.98
C LEU A 745 39.55 36.01 -2.40
N LEU A 746 39.71 35.50 -3.61
CA LEU A 746 40.99 34.99 -4.08
C LEU A 746 41.74 36.08 -4.83
N THR A 747 43.04 36.20 -4.55
CA THR A 747 43.87 37.17 -5.23
C THR A 747 45.01 36.47 -5.96
N SER A 748 45.02 36.61 -7.29
CA SER A 748 46.03 35.99 -8.13
C SER A 748 46.76 37.11 -8.82
N VAL A 749 48.09 37.02 -8.81
CA VAL A 749 48.97 38.05 -9.37
C VAL A 749 50.01 37.43 -10.29
N ARG A 750 50.31 38.11 -11.40
CA ARG A 750 51.51 37.82 -12.18
C ARG A 750 52.37 39.08 -12.22
N PHE A 751 53.69 38.92 -12.14
CA PHE A 751 54.61 40.05 -11.95
C PHE A 751 55.17 40.74 -13.19
N GLY A 752 55.33 40.05 -14.31
CA GLY A 752 55.97 40.68 -15.48
C GLY A 752 57.16 39.86 -15.89
N LYS A 753 57.69 40.08 -17.09
CA LYS A 753 58.68 39.18 -17.67
C LYS A 753 59.93 39.23 -16.82
N GLY A 754 60.41 38.12 -16.30
CA GLY A 754 61.64 38.13 -15.52
C GLY A 754 61.47 38.33 -14.03
N ILE A 755 60.30 38.79 -13.60
CA ILE A 755 60.06 38.96 -12.18
C ILE A 755 59.37 37.70 -11.67
N MET A 756 60.03 37.00 -10.75
CA MET A 756 59.56 35.72 -10.30
C MET A 756 58.94 35.73 -8.91
N THR A 757 59.11 36.81 -8.14
CA THR A 757 58.72 36.86 -6.73
C THR A 757 58.11 38.18 -6.34
N SER A 758 57.34 38.19 -5.26
CA SER A 758 56.81 39.41 -4.62
C SER A 758 57.86 40.47 -4.40
N ASP A 759 58.97 40.04 -3.80
CA ASP A 759 59.99 40.94 -3.28
C ASP A 759 61.11 41.21 -4.26
N GLN A 760 61.18 40.49 -5.37
CA GLN A 760 62.14 40.79 -6.42
C GLN A 760 61.77 42.14 -7.02
N THR A 761 62.77 43.01 -7.11
CA THR A 761 62.61 44.42 -7.51
C THR A 761 63.07 44.69 -8.94
N THR A 762 63.92 43.82 -9.47
CA THR A 762 64.40 43.97 -10.85
C THR A 762 64.96 42.69 -11.47
N THR A 763 64.99 42.67 -12.80
CA THR A 763 65.43 41.51 -13.57
C THR A 763 66.92 41.31 -13.41
N GLN A 764 67.37 40.08 -13.62
CA GLN A 764 68.80 39.79 -13.55
C GLN A 764 69.56 40.25 -14.79
N ASP A 765 68.90 40.16 -15.96
CA ASP A 765 69.47 40.66 -17.21
C ASP A 765 69.23 42.17 -17.45
N ASN A 766 68.72 42.88 -16.45
CA ASN A 766 68.41 44.31 -16.57
C ASN A 766 67.52 44.77 -17.73
N SER A 767 66.67 43.86 -18.21
CA SER A 767 65.64 44.20 -19.19
C SER A 767 64.53 44.94 -18.47
N GLN A 768 63.90 45.89 -19.17
CA GLN A 768 62.87 46.74 -18.57
C GLN A 768 61.43 46.34 -18.87
N ASP A 769 61.26 45.27 -19.65
CA ASP A 769 59.94 44.85 -20.14
C ASP A 769 58.94 44.69 -19.02
N TYR A 770 59.43 44.21 -17.87
CA TYR A 770 58.58 43.92 -16.72
C TYR A 770 57.73 45.09 -16.20
N LYS A 771 58.23 46.31 -16.29
CA LYS A 771 57.57 47.45 -15.64
C LYS A 771 56.10 47.62 -16.05
N ASN A 772 55.79 47.42 -17.32
CA ASN A 772 54.42 47.59 -17.81
C ASN A 772 53.67 46.30 -18.02
N GLN A 773 54.18 45.24 -17.40
CA GLN A 773 53.58 43.93 -17.50
C GLN A 773 53.00 43.54 -16.14
N GLY A 774 52.46 42.34 -16.09
CA GLY A 774 51.89 41.82 -14.88
C GLY A 774 50.41 42.10 -14.89
N ILE A 775 49.70 41.42 -14.01
CA ILE A 775 48.24 41.51 -13.92
C ILE A 775 47.76 41.10 -12.53
N GLY A 776 46.64 41.67 -12.10
CA GLY A 776 46.02 41.34 -10.81
C GLY A 776 44.59 40.89 -10.97
N VAL A 777 44.25 39.77 -10.35
CA VAL A 777 42.92 39.20 -10.45
C VAL A 777 42.36 38.93 -9.07
N ILE A 778 41.13 39.37 -8.87
CA ILE A 778 40.37 39.14 -7.66
C ILE A 778 39.05 38.48 -8.03
N VAL A 779 38.74 37.35 -7.39
CA VAL A 779 37.51 36.63 -7.72
C VAL A 779 36.83 36.04 -6.49
N GLY A 780 35.50 36.07 -6.50
CA GLY A 780 34.69 35.53 -5.42
C GLY A 780 33.57 34.67 -5.97
N ASN A 781 33.07 33.77 -5.12
CA ASN A 781 31.98 32.85 -5.47
C ASN A 781 30.71 33.10 -4.69
N ASN A 782 30.58 34.29 -4.13
CA ASN A 782 29.48 34.62 -3.24
C ASN A 782 28.78 35.89 -3.70
N PRO A 783 27.62 35.75 -4.34
CA PRO A 783 26.93 36.90 -4.91
C PRO A 783 26.28 37.79 -3.87
N ASP A 784 26.16 37.26 -2.66
CA ASP A 784 25.59 38.01 -1.53
C ASP A 784 26.70 38.48 -0.61
N LEU A 785 27.90 38.64 -1.15
CA LEU A 785 29.03 39.05 -0.37
C LEU A 785 28.93 40.55 -0.06
N LYS A 786 29.04 40.89 1.22
CA LYS A 786 29.11 42.30 1.68
C LYS A 786 30.32 42.46 2.61
N LEU A 787 31.16 43.45 2.38
CA LEU A 787 32.34 43.61 3.25
C LEU A 787 32.02 44.33 4.56
N ASN A 788 32.78 44.07 5.62
CA ASN A 788 32.74 44.90 6.84
C ASN A 788 33.32 46.27 6.53
N ASN A 789 32.91 47.29 7.27
CA ASN A 789 33.41 48.65 6.98
C ASN A 789 34.91 48.78 7.25
N ASP A 790 35.40 48.02 8.24
CA ASP A 790 36.83 47.90 8.58
C ASP A 790 37.70 47.30 7.45
N LYS A 791 37.13 46.33 6.74
CA LYS A 791 37.89 45.40 5.90
C LYS A 791 38.57 46.00 4.69
N THR A 792 39.82 45.61 4.47
CA THR A 792 40.57 45.99 3.26
C THR A 792 41.11 44.74 2.57
N ILE A 793 41.04 44.75 1.25
CA ILE A 793 41.49 43.63 0.44
C ILE A 793 42.61 44.07 -0.50
N THR A 794 43.70 43.30 -0.49
CA THR A 794 44.95 43.73 -1.11
C THR A 794 45.49 42.81 -2.19
N LEU A 795 45.97 43.44 -3.26
CA LEU A 795 46.66 42.75 -4.34
C LEU A 795 48.15 43.08 -4.23
N HIS A 796 48.97 42.11 -3.87
CA HIS A 796 50.38 42.37 -3.75
C HIS A 796 51.00 42.26 -5.15
N MET A 797 50.93 43.36 -5.88
CA MET A 797 51.42 43.46 -7.24
C MET A 797 52.92 43.34 -7.33
N GLY A 798 53.61 43.49 -6.20
CA GLY A 798 55.02 43.18 -6.10
C GLY A 798 55.91 44.40 -5.94
N LYS A 799 57.08 44.18 -5.36
CA LYS A 799 58.09 45.24 -5.12
C LYS A 799 58.84 45.67 -6.37
N ALA A 800 58.57 45.02 -7.51
CA ALA A 800 58.99 45.53 -8.80
C ALA A 800 57.99 46.56 -9.37
N HIS A 801 56.90 46.83 -8.64
CA HIS A 801 55.85 47.78 -9.08
C HIS A 801 55.46 48.78 -7.99
N LYS A 802 56.46 49.33 -7.29
CA LYS A 802 56.25 50.34 -6.25
C LYS A 802 55.69 51.61 -6.89
N ASN A 803 54.71 52.22 -6.23
CA ASN A 803 54.20 53.55 -6.61
C ASN A 803 53.63 53.68 -8.01
N GLN A 804 53.35 52.57 -8.64
CA GLN A 804 52.88 52.54 -10.01
C GLN A 804 51.36 52.72 -10.11
N LEU A 805 50.92 53.31 -11.22
CA LEU A 805 49.51 53.48 -11.50
C LEU A 805 49.00 52.28 -12.25
N TYR A 806 47.89 51.74 -11.77
CA TYR A 806 47.22 50.57 -12.37
C TYR A 806 45.80 50.99 -12.79
N ARG A 807 45.27 50.36 -13.83
CA ARG A 807 43.89 50.62 -14.29
C ARG A 807 43.11 49.34 -14.53
N ALA A 808 41.80 49.42 -14.33
CA ALA A 808 40.97 48.24 -14.44
C ALA A 808 40.81 47.75 -15.89
N LEU A 809 40.86 46.44 -16.06
CA LEU A 809 40.51 45.79 -17.32
C LEU A 809 39.07 45.30 -17.31
N VAL A 810 38.65 44.79 -16.15
CA VAL A 810 37.36 44.15 -16.00
C VAL A 810 36.87 44.29 -14.54
N LEU A 811 35.62 44.78 -14.39
CA LEU A 811 35.00 44.98 -13.07
C LEU A 811 33.54 44.60 -13.06
N SER A 812 33.16 43.79 -12.09
CA SER A 812 31.77 43.31 -11.98
C SER A 812 30.89 44.32 -11.25
N ASN A 813 29.60 44.23 -11.52
CA ASN A 813 28.61 45.06 -10.85
C ASN A 813 27.26 44.35 -10.96
N ASP A 814 26.20 45.01 -10.51
CA ASP A 814 24.93 44.35 -10.33
C ASP A 814 24.14 44.06 -11.60
N SER A 815 24.51 44.70 -12.72
CA SER A 815 23.86 44.47 -14.01
C SER A 815 24.72 43.76 -15.03
N GLY A 816 26.03 43.76 -14.83
CA GLY A 816 26.93 43.02 -15.71
C GLY A 816 28.38 43.07 -15.25
N ILE A 817 29.28 43.00 -16.22
CA ILE A 817 30.71 43.14 -15.98
C ILE A 817 31.20 44.11 -17.05
N ASP A 818 31.70 45.25 -16.60
CA ASP A 818 32.26 46.26 -17.47
C ASP A 818 33.65 45.84 -17.95
N VAL A 819 33.91 46.14 -19.22
CA VAL A 819 35.18 45.84 -19.88
C VAL A 819 35.82 47.13 -20.37
N TYR A 820 37.07 47.35 -20.02
CA TYR A 820 37.75 48.60 -20.42
C TYR A 820 38.84 48.31 -21.45
N ASP A 821 38.70 48.88 -22.65
CA ASP A 821 39.58 48.48 -23.77
C ASP A 821 40.93 49.17 -23.76
N SER A 822 41.02 50.30 -23.09
CA SER A 822 42.26 51.06 -23.05
C SER A 822 42.37 51.87 -21.76
N ASP A 823 43.55 52.42 -21.50
CA ASP A 823 43.84 53.07 -20.24
C ASP A 823 42.93 54.25 -19.96
N ASP A 824 42.57 55.01 -20.99
CA ASP A 824 41.82 56.27 -20.78
C ASP A 824 40.39 56.05 -20.29
N LYS A 825 39.75 54.97 -20.75
CA LYS A 825 38.35 54.71 -20.46
C LYS A 825 38.13 54.06 -19.11
N ALA A 826 39.21 53.70 -18.41
CA ALA A 826 39.12 52.98 -17.16
C ALA A 826 39.52 53.77 -15.91
N PRO A 827 38.98 53.36 -14.76
CA PRO A 827 39.41 53.90 -13.49
C PRO A 827 40.81 53.47 -13.15
N THR A 828 41.60 54.38 -12.62
CA THR A 828 42.95 54.09 -12.18
C THR A 828 43.03 54.00 -10.68
N LEU A 829 44.11 53.43 -10.21
CA LEU A 829 44.43 53.36 -8.81
C LEU A 829 45.93 53.08 -8.73
N ARG A 830 46.60 53.68 -7.76
CA ARG A 830 48.04 53.60 -7.67
C ARG A 830 48.48 52.74 -6.51
N THR A 831 49.56 52.00 -6.71
CA THR A 831 50.10 51.11 -5.69
C THR A 831 50.91 51.93 -4.72
N ASN A 832 51.09 51.42 -3.52
CA ASN A 832 51.85 52.11 -2.50
C ASN A 832 53.34 51.87 -2.64
N ASP A 833 54.10 52.23 -1.61
CA ASP A 833 55.55 52.02 -1.61
C ASP A 833 55.95 50.54 -1.68
N ASN A 834 55.22 49.68 -0.99
CA ASN A 834 55.48 48.25 -1.05
C ASN A 834 54.93 47.55 -2.27
N GLY A 835 54.16 48.26 -3.07
CA GLY A 835 53.62 47.71 -4.32
C GLY A 835 52.25 47.05 -4.19
N ASP A 836 51.49 47.42 -3.17
CA ASP A 836 50.17 46.83 -2.96
C ASP A 836 49.07 47.77 -3.44
N LEU A 837 48.09 47.21 -4.15
CA LEU A 837 46.83 47.92 -4.42
C LEU A 837 45.83 47.64 -3.30
N ILE A 838 45.42 48.66 -2.57
CA ILE A 838 44.49 48.46 -1.45
C ILE A 838 43.05 48.76 -1.87
N PHE A 839 42.13 47.88 -1.47
CA PHE A 839 40.70 48.02 -1.78
C PHE A 839 39.90 48.00 -0.49
N HIS A 840 38.84 48.82 -0.45
CA HIS A 840 37.95 48.90 0.70
C HIS A 840 36.52 48.54 0.31
N LYS A 841 35.63 48.48 1.29
CA LYS A 841 34.21 48.27 1.01
C LYS A 841 33.75 49.32 0.01
N THR A 842 34.14 50.57 0.25
CA THR A 842 33.78 51.66 -0.63
C THR A 842 35.06 52.22 -1.24
N ASN A 843 35.03 52.45 -2.54
CA ASN A 843 36.20 52.97 -3.23
C ASN A 843 35.83 54.15 -4.08
N THR A 844 36.69 55.15 -4.08
CA THR A 844 36.56 56.26 -5.02
C THR A 844 37.80 56.26 -5.93
N PHE A 845 37.63 55.81 -7.18
CA PHE A 845 38.73 55.74 -8.14
C PHE A 845 38.65 56.97 -9.02
N VAL A 846 39.81 57.39 -9.53
CA VAL A 846 39.83 58.49 -10.48
C VAL A 846 40.27 57.98 -11.83
N LYS A 847 39.59 58.42 -12.87
CA LYS A 847 40.06 58.19 -14.24
C LYS A 847 41.33 58.94 -14.41
N GLN A 848 42.17 58.48 -15.32
CA GLN A 848 43.45 59.16 -15.48
C GLN A 848 43.25 60.58 -15.94
N ASP A 849 42.32 60.81 -16.85
CA ASP A 849 42.01 62.20 -17.17
C ASP A 849 40.74 62.68 -16.50
N GLY A 850 40.93 63.48 -15.43
CA GLY A 850 39.88 64.14 -14.69
C GLY A 850 39.02 63.29 -13.76
N THR A 851 38.04 62.64 -14.36
CA THR A 851 36.83 62.24 -13.68
C THR A 851 36.94 61.18 -12.59
N ILE A 852 36.06 61.31 -11.61
CA ILE A 852 35.97 60.40 -10.47
C ILE A 852 34.92 59.28 -10.65
N ILE A 853 35.23 58.07 -10.19
CA ILE A 853 34.32 56.90 -10.27
C ILE A 853 34.11 56.27 -8.89
N ASN A 854 32.87 55.85 -8.59
CA ASN A 854 32.55 55.13 -7.35
C ASN A 854 32.36 53.66 -7.57
N TYR A 855 32.93 52.83 -6.71
CA TYR A 855 32.81 51.38 -6.86
C TYR A 855 32.83 50.64 -5.52
N GLU A 856 31.85 49.76 -5.33
CA GLU A 856 31.77 48.98 -4.11
C GLU A 856 32.32 47.56 -4.35
N MET A 857 33.17 47.07 -3.44
CA MET A 857 33.50 45.65 -3.36
C MET A 857 32.29 44.90 -2.83
N LYS A 858 31.55 44.34 -3.77
CA LYS A 858 30.20 43.88 -3.55
C LYS A 858 30.07 42.64 -4.40
N GLY A 859 29.61 41.53 -3.82
CA GLY A 859 29.22 40.38 -4.65
C GLY A 859 28.01 40.79 -5.46
N SER A 860 27.91 40.30 -6.69
CA SER A 860 26.80 40.66 -7.57
C SER A 860 26.14 39.40 -8.09
N LEU A 861 24.95 39.55 -8.66
CA LEU A 861 24.24 38.43 -9.28
C LEU A 861 23.58 38.91 -10.55
N ASN A 862 24.02 38.35 -11.69
CA ASN A 862 23.40 38.60 -13.01
C ASN A 862 23.83 37.48 -13.97
N ALA A 863 23.45 37.58 -15.25
CA ALA A 863 23.77 36.51 -16.22
C ALA A 863 25.27 36.19 -16.32
N LEU A 864 26.12 37.21 -16.14
CA LEU A 864 27.59 37.06 -16.30
C LEU A 864 28.35 36.67 -15.02
N ILE A 865 27.75 36.86 -13.84
CA ILE A 865 28.45 36.49 -12.61
C ILE A 865 27.55 36.16 -11.43
N SER A 866 28.03 35.24 -10.59
CA SER A 866 27.48 34.98 -9.25
C SER A 866 28.66 35.00 -8.29
N GLY A 867 29.07 36.21 -7.92
CA GLY A 867 30.24 36.45 -7.05
C GLY A 867 30.90 37.78 -7.39
N TYR A 868 32.20 37.87 -7.19
CA TYR A 868 32.97 39.06 -7.57
C TYR A 868 34.04 38.77 -8.62
N LEU A 869 34.33 39.75 -9.47
CA LEU A 869 35.48 39.71 -10.40
C LEU A 869 36.08 41.10 -10.66
N GLY A 870 37.35 41.24 -10.34
CA GLY A 870 38.10 42.45 -10.68
C GLY A 870 39.44 42.10 -11.26
N VAL A 871 39.77 42.69 -12.41
CA VAL A 871 41.09 42.54 -12.99
C VAL A 871 41.74 43.90 -13.25
N TRP A 872 43.01 44.01 -12.88
CA TRP A 872 43.76 45.27 -12.96
C TRP A 872 45.08 45.11 -13.67
N VAL A 873 45.42 46.07 -14.51
CA VAL A 873 46.66 46.05 -15.30
C VAL A 873 47.40 47.39 -15.18
N PRO A 874 48.72 47.37 -15.41
CA PRO A 874 49.47 48.60 -15.35
C PRO A 874 49.17 49.51 -16.53
N VAL A 875 48.99 50.81 -16.23
CA VAL A 875 48.77 51.79 -17.27
C VAL A 875 50.09 52.01 -17.95
N GLY A 876 50.03 52.51 -19.17
CA GLY A 876 51.21 52.84 -19.95
C GLY A 876 51.69 51.72 -20.85
N ALA A 877 50.83 50.74 -21.10
CA ALA A 877 51.20 49.62 -21.92
C ALA A 877 51.21 50.03 -23.39
N SER A 878 52.31 49.78 -24.08
CA SER A 878 52.38 49.98 -25.53
C SER A 878 51.27 49.23 -26.31
N ASP A 879 50.97 49.68 -27.52
CA ASP A 879 49.98 49.02 -28.39
C ASP A 879 50.41 47.67 -28.92
N SER A 880 51.69 47.51 -29.15
CA SER A 880 52.21 46.29 -29.68
C SER A 880 52.95 45.50 -28.58
N GLN A 881 52.72 45.85 -27.32
CA GLN A 881 53.40 45.17 -26.23
C GLN A 881 53.03 43.70 -26.26
N ASP A 882 54.04 42.84 -26.17
CA ASP A 882 53.93 41.39 -26.23
C ASP A 882 54.80 40.80 -25.12
N ALA A 883 54.16 40.15 -24.15
CA ALA A 883 54.86 39.60 -22.99
C ALA A 883 55.20 38.11 -23.12
N ARG A 884 54.96 37.57 -24.30
CA ARG A 884 55.24 36.16 -24.53
C ARG A 884 56.70 35.90 -24.77
N THR A 885 57.11 34.67 -24.59
CA THR A 885 58.48 34.29 -24.79
C THR A 885 58.55 33.35 -26.02
N VAL A 886 59.47 33.65 -26.92
CA VAL A 886 59.73 32.75 -28.02
C VAL A 886 60.55 31.53 -27.57
N ALA A 887 60.26 30.41 -28.21
CA ALA A 887 60.92 29.15 -27.91
C ALA A 887 62.34 29.09 -28.48
N THR A 888 63.24 28.51 -27.70
CA THR A 888 64.66 28.47 -28.04
C THR A 888 65.08 27.23 -28.83
N GLU A 889 65.98 27.46 -29.79
CA GLU A 889 66.44 26.44 -30.72
C GLU A 889 67.52 25.53 -30.14
N SER A 890 68.05 25.90 -28.99
CA SER A 890 69.15 25.18 -28.36
C SER A 890 68.65 23.94 -27.67
N SER A 891 69.54 22.98 -27.49
CA SER A 891 69.21 21.82 -26.65
C SER A 891 69.32 22.20 -25.18
N SER A 892 68.23 22.77 -24.68
CA SER A 892 68.05 23.12 -23.26
C SER A 892 68.26 21.95 -22.27
N SER A 893 67.77 20.77 -22.65
CA SER A 893 67.63 19.63 -21.72
C SER A 893 68.16 18.33 -22.29
N ASN A 894 68.89 17.60 -21.46
CA ASN A 894 69.30 16.24 -21.77
C ASN A 894 68.38 15.17 -21.16
N ASP A 895 67.26 15.61 -20.56
CA ASP A 895 66.29 14.67 -19.90
C ASP A 895 65.55 13.68 -20.82
N GLY A 896 65.66 13.84 -22.16
CA GLY A 896 64.98 12.97 -23.14
C GLY A 896 63.56 13.43 -23.47
N SER A 897 62.99 14.27 -22.59
CA SER A 897 61.61 14.75 -22.67
C SER A 897 61.39 15.69 -23.86
N VAL A 898 60.13 15.75 -24.31
CA VAL A 898 59.72 16.59 -25.42
C VAL A 898 59.27 17.96 -24.89
N PHE A 899 58.11 18.03 -24.24
CA PHE A 899 57.58 19.29 -23.72
C PHE A 899 58.19 19.66 -22.36
N HIS A 900 58.37 20.96 -22.14
CA HIS A 900 58.86 21.47 -20.86
C HIS A 900 58.02 22.67 -20.43
N SER A 901 57.55 22.67 -19.19
CA SER A 901 56.71 23.76 -18.76
C SER A 901 57.59 24.95 -18.46
N ASN A 902 57.44 25.98 -19.26
CA ASN A 902 58.23 27.18 -19.13
C ASN A 902 57.51 28.32 -19.80
N ALA A 903 58.11 29.50 -19.79
CA ALA A 903 57.46 30.71 -20.28
C ALA A 903 57.12 30.64 -21.76
N ALA A 904 57.91 29.91 -22.51
CA ALA A 904 57.66 29.74 -23.92
C ALA A 904 56.44 28.88 -24.14
N LEU A 905 56.36 27.73 -23.49
CA LEU A 905 55.19 26.87 -23.66
C LEU A 905 53.94 27.61 -23.19
N ASP A 906 54.06 28.35 -22.09
CA ASP A 906 52.95 29.07 -21.51
C ASP A 906 52.42 30.14 -22.43
N SER A 907 53.23 30.54 -23.42
CA SER A 907 52.86 31.59 -24.37
C SER A 907 51.88 31.11 -25.40
N ASN A 908 51.58 29.83 -25.39
CA ASN A 908 50.60 29.26 -26.30
C ASN A 908 49.18 29.28 -25.76
N VAL A 909 48.21 29.23 -26.68
CA VAL A 909 46.80 29.09 -26.34
C VAL A 909 46.11 28.25 -27.39
N ILE A 910 45.39 27.23 -26.93
CA ILE A 910 44.70 26.34 -27.85
C ILE A 910 43.26 26.77 -27.92
N TYR A 911 42.68 26.73 -29.11
CA TYR A 911 41.25 27.02 -29.28
C TYR A 911 40.59 25.79 -29.79
N GLU A 912 39.70 25.24 -28.99
CA GLU A 912 38.87 24.12 -29.40
C GLU A 912 37.70 24.67 -30.15
N GLY A 913 37.79 24.66 -31.46
CA GLY A 913 36.93 25.52 -32.27
C GLY A 913 35.73 24.89 -32.93
N PHE A 914 34.92 24.20 -32.15
CA PHE A 914 33.74 23.54 -32.67
C PHE A 914 32.89 23.12 -31.51
N SER A 915 31.64 22.81 -31.82
CA SER A 915 30.71 22.29 -30.85
C SER A 915 29.98 21.11 -31.46
N ASN A 916 29.75 20.08 -30.64
CA ASN A 916 29.09 18.90 -31.13
C ASN A 916 27.66 19.17 -31.57
N PHE A 917 27.08 20.29 -31.17
CA PHE A 917 25.67 20.53 -31.40
C PHE A 917 25.41 21.59 -32.45
N GLN A 918 26.43 21.91 -33.24
CA GLN A 918 26.26 22.82 -34.36
C GLN A 918 25.22 22.23 -35.25
N ALA A 919 24.42 23.10 -35.86
CA ALA A 919 23.52 22.70 -36.92
C ALA A 919 24.28 22.36 -38.21
N MET A 920 23.62 21.66 -39.12
CA MET A 920 24.23 21.36 -40.42
C MET A 920 24.25 22.66 -41.20
N PRO A 921 25.28 22.88 -42.04
CA PRO A 921 25.34 24.12 -42.82
C PRO A 921 24.13 24.28 -43.72
N THR A 922 23.47 25.42 -43.63
CA THR A 922 22.35 25.72 -44.53
C THR A 922 22.85 25.98 -45.95
N SER A 923 24.10 26.39 -46.10
CA SER A 923 24.68 26.66 -47.42
C SER A 923 26.18 26.41 -47.44
N PRO A 924 26.75 26.14 -48.62
CA PRO A 924 28.20 25.91 -48.70
C PRO A 924 29.05 27.03 -48.09
N GLU A 925 28.55 28.26 -48.15
CA GLU A 925 29.29 29.42 -47.72
C GLU A 925 29.38 29.48 -46.20
N GLN A 926 28.43 28.86 -45.50
CA GLN A 926 28.45 28.88 -44.02
C GLN A 926 29.08 27.64 -43.37
N SER A 927 29.76 26.82 -44.15
CA SER A 927 30.44 25.66 -43.61
C SER A 927 31.57 26.07 -42.72
N THR A 928 31.70 25.41 -41.58
CA THR A 928 32.69 25.77 -40.58
C THR A 928 34.06 26.13 -41.19
N ASN A 929 34.60 25.26 -42.04
CA ASN A 929 35.97 25.44 -42.56
C ASN A 929 36.11 26.59 -43.59
N VAL A 930 35.01 26.92 -44.27
CA VAL A 930 34.98 28.13 -45.08
C VAL A 930 35.09 29.35 -44.18
N VAL A 931 34.25 29.38 -43.16
CA VAL A 931 34.25 30.49 -42.23
C VAL A 931 35.61 30.63 -41.55
N ILE A 932 36.21 29.52 -41.14
CA ILE A 932 37.49 29.60 -40.43
C ILE A 932 38.53 30.30 -41.30
N ALA A 933 38.52 30.02 -42.59
CA ALA A 933 39.46 30.64 -43.50
C ALA A 933 39.26 32.15 -43.56
N THR A 934 38.03 32.62 -43.73
CA THR A 934 37.81 34.08 -43.80
C THR A 934 38.16 34.77 -42.46
N LYS A 935 37.99 34.06 -41.33
CA LYS A 935 38.16 34.66 -40.00
C LYS A 935 39.49 34.36 -39.26
N ALA A 936 40.46 33.76 -39.94
CA ALA A 936 41.72 33.40 -39.31
C ALA A 936 42.35 34.56 -38.53
N ASN A 937 42.44 35.72 -39.18
CA ASN A 937 42.83 36.99 -38.54
C ASN A 937 42.38 37.16 -37.08
N LEU A 938 41.07 37.03 -36.85
CA LEU A 938 40.47 37.27 -35.53
C LEU A 938 41.10 36.45 -34.41
N PHE A 939 41.52 35.22 -34.72
CA PHE A 939 42.13 34.32 -33.74
C PHE A 939 43.60 34.59 -33.53
N LYS A 940 44.27 35.12 -34.54
CA LYS A 940 45.66 35.55 -34.38
C LYS A 940 45.69 36.61 -33.29
N GLU A 941 44.76 37.55 -33.36
CA GLU A 941 44.72 38.69 -32.45
C GLU A 941 44.23 38.37 -31.04
N LEU A 942 43.60 37.21 -30.86
CA LEU A 942 43.27 36.67 -29.53
C LEU A 942 44.42 35.82 -28.93
N GLY A 943 45.48 35.63 -29.70
CA GLY A 943 46.69 34.97 -29.21
C GLY A 943 46.63 33.46 -29.31
N ILE A 944 45.74 32.94 -30.15
CA ILE A 944 45.66 31.52 -30.38
C ILE A 944 46.90 31.16 -31.17
N THR A 945 47.64 30.17 -30.67
CA THR A 945 48.77 29.66 -31.39
C THR A 945 48.49 28.31 -32.02
N SER A 946 47.48 27.58 -31.53
CA SER A 946 47.03 26.29 -32.13
C SER A 946 45.52 26.14 -32.15
N PHE A 947 44.99 25.76 -33.30
CA PHE A 947 43.54 25.69 -33.53
C PHE A 947 43.16 24.23 -33.55
N GLU A 948 42.40 23.78 -32.57
CA GLU A 948 41.93 22.39 -32.51
C GLU A 948 40.66 22.34 -33.31
N LEU A 949 40.73 21.71 -34.47
CA LEU A 949 39.59 21.55 -35.38
C LEU A 949 38.83 20.30 -35.01
N ALA A 950 37.53 20.31 -35.33
CA ALA A 950 36.71 19.12 -35.15
C ALA A 950 37.29 17.95 -35.97
N PRO A 951 36.91 16.72 -35.60
CA PRO A 951 37.32 15.60 -36.39
C PRO A 951 36.63 15.68 -37.74
N GLN A 952 37.44 15.52 -38.79
CA GLN A 952 37.01 15.81 -40.15
C GLN A 952 36.51 14.62 -40.92
N TYR A 953 36.30 13.51 -40.23
CA TYR A 953 36.07 12.24 -40.90
C TYR A 953 34.62 12.13 -41.24
N ARG A 954 34.30 11.43 -42.30
CA ARG A 954 32.91 11.36 -42.75
C ARG A 954 32.00 10.61 -41.76
N SER A 955 30.92 11.28 -41.38
CA SER A 955 30.01 10.76 -40.38
C SER A 955 29.27 9.54 -40.90
N SER A 956 29.05 8.60 -40.00
CA SER A 956 28.30 7.40 -40.28
C SER A 956 26.82 7.72 -40.28
N GLY A 957 26.45 8.86 -39.73
CA GLY A 957 25.13 9.41 -39.96
C GLY A 957 23.98 8.66 -39.31
N ASP A 958 22.89 8.48 -40.06
CA ASP A 958 21.73 7.73 -39.57
C ASP A 958 21.84 6.23 -39.75
N THR A 959 22.89 5.76 -40.40
CA THR A 959 23.09 4.35 -40.58
C THR A 959 23.18 3.62 -39.24
N ASN A 960 22.50 2.48 -39.15
CA ASN A 960 22.44 1.71 -37.91
C ASN A 960 22.10 0.26 -38.21
N TYR A 961 23.09 -0.61 -38.12
CA TYR A 961 22.88 -2.03 -38.46
C TYR A 961 22.21 -2.85 -37.34
N GLY A 962 22.33 -2.37 -36.11
CA GLY A 962 21.57 -2.90 -34.98
C GLY A 962 22.00 -2.14 -33.76
N GLY A 963 21.26 -2.30 -32.66
CA GLY A 963 21.72 -1.73 -31.38
C GLY A 963 21.45 -0.25 -31.34
N MET A 964 21.93 0.39 -30.29
CA MET A 964 21.56 1.79 -30.07
C MET A 964 22.48 2.70 -30.87
N SER A 965 21.88 3.64 -31.61
CA SER A 965 22.62 4.71 -32.25
C SER A 965 23.14 5.70 -31.19
N PHE A 966 24.27 6.35 -31.45
CA PHE A 966 24.83 7.34 -30.56
C PHE A 966 24.78 8.73 -31.18
N LEU A 967 24.74 9.78 -30.37
CA LEU A 967 24.55 11.16 -30.90
C LEU A 967 25.65 11.63 -31.82
N ASP A 968 26.88 11.18 -31.57
CA ASP A 968 28.00 11.50 -32.46
C ASP A 968 27.67 11.17 -33.89
N SER A 969 26.92 10.08 -34.08
CA SER A 969 26.62 9.58 -35.39
C SER A 969 25.50 10.37 -36.01
N PHE A 970 24.39 10.53 -35.30
CA PHE A 970 23.24 11.20 -35.92
C PHE A 970 23.34 12.73 -35.91
N LEU A 971 24.26 13.28 -35.11
CA LEU A 971 24.60 14.71 -35.20
C LEU A 971 25.79 15.01 -36.10
N ASN A 972 26.34 13.99 -36.75
CA ASN A 972 27.38 14.18 -37.76
C ASN A 972 28.58 14.99 -37.27
N ASN A 973 28.93 14.85 -36.01
CA ASN A 973 29.97 15.67 -35.48
C ASN A 973 31.35 15.20 -35.86
N GLY A 974 31.47 13.99 -36.42
CA GLY A 974 32.76 13.54 -36.95
C GLY A 974 33.48 12.54 -36.08
N TYR A 975 33.07 12.44 -34.82
CA TYR A 975 33.57 11.38 -33.94
C TYR A 975 33.07 9.95 -34.27
N ALA A 976 31.97 9.85 -35.02
CA ALA A 976 31.45 8.54 -35.43
C ALA A 976 31.56 8.46 -36.95
N PHE A 977 32.41 7.57 -37.44
CA PHE A 977 32.72 7.53 -38.86
C PHE A 977 32.89 6.11 -39.37
N THR A 978 32.63 5.96 -40.66
CA THR A 978 32.78 4.69 -41.36
C THR A 978 34.15 4.60 -42.05
N ASP A 979 34.59 5.71 -42.64
CA ASP A 979 35.84 5.77 -43.41
C ASP A 979 36.81 6.77 -42.79
N ARG A 980 37.96 6.28 -42.35
CA ARG A 980 38.87 7.11 -41.58
C ARG A 980 39.63 8.09 -42.44
N TYR A 981 39.73 7.80 -43.74
CA TYR A 981 40.51 8.61 -44.65
C TYR A 981 39.69 9.53 -45.53
N ASP A 982 38.37 9.41 -45.48
CA ASP A 982 37.47 10.32 -46.20
C ASP A 982 37.22 11.57 -45.36
N LEU A 983 37.87 12.68 -45.72
CA LEU A 983 37.74 13.93 -44.98
C LEU A 983 36.90 14.98 -45.71
N GLY A 984 36.07 14.53 -46.64
CA GLY A 984 35.16 15.43 -47.35
C GLY A 984 35.28 15.38 -48.86
N PHE A 985 35.81 14.27 -49.37
CA PHE A 985 36.01 14.13 -50.81
C PHE A 985 34.71 14.03 -51.54
N ASN A 986 34.79 14.34 -52.82
CA ASN A 986 33.63 14.24 -53.67
C ASN A 986 33.19 12.81 -53.93
N LYS A 987 31.90 12.66 -54.23
CA LYS A 987 31.37 11.38 -54.71
C LYS A 987 32.15 11.02 -55.94
N ALA A 988 32.18 9.73 -56.28
CA ALA A 988 32.95 9.27 -57.45
C ALA A 988 32.34 9.79 -58.77
N ASP A 989 31.03 10.05 -58.75
CA ASP A 989 30.33 10.68 -59.88
C ASP A 989 30.72 12.14 -60.11
N GLY A 990 31.51 12.72 -59.22
CA GLY A 990 32.01 14.07 -59.42
C GLY A 990 31.35 15.07 -58.50
N ASN A 991 30.18 14.71 -57.96
CA ASN A 991 29.43 15.65 -57.14
C ASN A 991 30.08 15.93 -55.81
N PRO A 992 29.91 17.15 -55.30
CA PRO A 992 30.38 17.45 -53.94
C PRO A 992 29.72 16.59 -52.85
N ASN A 993 30.48 16.32 -51.79
CA ASN A 993 30.03 15.49 -50.69
C ASN A 993 30.68 15.95 -49.38
N PRO A 994 30.32 17.16 -48.92
CA PRO A 994 30.99 17.71 -47.76
C PRO A 994 30.66 16.94 -46.49
N THR A 995 31.57 17.02 -45.53
CA THR A 995 31.28 16.62 -44.18
C THR A 995 30.38 17.70 -43.61
N LYS A 996 30.16 17.68 -42.31
CA LYS A 996 29.38 18.75 -41.67
C LYS A 996 30.14 20.07 -41.72
N TYR A 997 31.46 19.97 -41.91
CA TYR A 997 32.35 21.10 -41.87
C TYR A 997 32.84 21.60 -43.27
N GLY A 998 32.48 20.87 -44.33
CA GLY A 998 32.78 21.27 -45.70
C GLY A 998 33.60 20.24 -46.43
N THR A 999 33.97 20.55 -47.66
CA THR A 999 34.74 19.63 -48.49
C THR A 999 36.20 19.54 -48.03
N ASP A 1000 36.95 18.65 -48.68
CA ASP A 1000 38.39 18.52 -48.42
C ASP A 1000 39.15 19.74 -48.85
N GLN A 1001 38.71 20.41 -49.92
CA GLN A 1001 39.34 21.68 -50.31
C GLN A 1001 39.12 22.73 -49.24
N ASP A 1002 37.91 22.80 -48.73
CA ASP A 1002 37.60 23.76 -47.68
C ASP A 1002 38.53 23.56 -46.49
N LEU A 1003 38.86 22.32 -46.19
CA LEU A 1003 39.73 21.96 -45.06
C LEU A 1003 41.15 22.39 -45.35
N ARG A 1004 41.66 22.07 -46.52
CA ARG A 1004 43.01 22.49 -46.87
C ARG A 1004 43.14 24.02 -46.89
N ASN A 1005 42.11 24.72 -47.32
CA ASN A 1005 42.12 26.17 -47.32
C ASN A 1005 42.07 26.73 -45.91
N ALA A 1006 41.27 26.08 -45.07
CA ALA A 1006 41.20 26.46 -43.69
C ALA A 1006 42.55 26.27 -42.99
N ILE A 1007 43.23 25.17 -43.27
CA ILE A 1007 44.52 24.88 -42.63
C ILE A 1007 45.58 25.89 -43.08
N GLU A 1008 45.60 26.15 -44.38
CA GLU A 1008 46.55 27.08 -44.97
C GLU A 1008 46.34 28.46 -44.38
N ALA A 1009 45.08 28.90 -44.36
CA ALA A 1009 44.73 30.20 -43.73
C ALA A 1009 45.24 30.34 -42.29
N LEU A 1010 45.21 29.26 -41.52
CA LEU A 1010 45.72 29.32 -40.15
C LEU A 1010 47.24 29.44 -40.13
N HIS A 1011 47.94 28.82 -41.09
CA HIS A 1011 49.38 28.97 -41.19
C HIS A 1011 49.78 30.33 -41.67
N LYS A 1012 49.07 30.86 -42.68
CA LYS A 1012 49.23 32.27 -43.08
C LYS A 1012 49.11 33.22 -41.87
N ASN A 1013 48.32 32.87 -40.86
CA ASN A 1013 48.17 33.67 -39.65
C ASN A 1013 48.93 33.10 -38.43
N GLY A 1014 49.92 32.26 -38.71
CA GLY A 1014 50.88 31.83 -37.71
C GLY A 1014 50.31 30.89 -36.69
N MET A 1015 49.21 30.23 -37.00
CA MET A 1015 48.59 29.29 -36.09
C MET A 1015 48.77 27.87 -36.61
N GLN A 1016 48.86 26.92 -35.70
CA GLN A 1016 48.90 25.51 -36.01
C GLN A 1016 47.48 24.92 -36.10
N ALA A 1017 47.38 23.80 -36.77
CA ALA A 1017 46.14 23.08 -36.86
C ALA A 1017 46.28 21.69 -36.24
N ILE A 1018 45.37 21.37 -35.32
CA ILE A 1018 45.36 20.09 -34.64
C ILE A 1018 44.35 19.14 -35.26
N ALA A 1019 44.84 17.93 -35.53
CA ALA A 1019 44.00 16.86 -36.03
C ALA A 1019 43.48 16.05 -34.87
N ASP A 1020 42.19 15.75 -34.88
CA ASP A 1020 41.64 14.80 -33.91
C ASP A 1020 41.93 13.35 -34.33
N TRP A 1021 42.86 12.68 -33.63
CA TRP A 1021 43.19 11.27 -33.88
C TRP A 1021 42.28 10.38 -33.01
N VAL A 1022 41.47 9.57 -33.68
CA VAL A 1022 40.42 8.78 -33.06
C VAL A 1022 40.62 7.30 -33.37
N PRO A 1023 41.57 6.68 -32.68
CA PRO A 1023 41.89 5.29 -32.95
C PRO A 1023 41.02 4.22 -32.24
N ASP A 1024 40.19 4.61 -31.27
CA ASP A 1024 39.47 3.62 -30.46
C ASP A 1024 38.39 2.84 -31.19
N GLN A 1025 37.63 3.48 -32.06
CA GLN A 1025 36.56 2.75 -32.73
C GLN A 1025 36.20 3.22 -34.15
N ILE A 1026 35.29 2.47 -34.77
CA ILE A 1026 34.77 2.79 -36.08
C ILE A 1026 33.31 2.33 -36.15
N TYR A 1027 32.46 3.04 -36.91
CA TYR A 1027 31.02 2.82 -36.88
C TYR A 1027 30.50 2.21 -38.17
N ALA A 1028 29.33 1.59 -38.07
CA ALA A 1028 28.52 1.25 -39.22
C ALA A 1028 29.28 0.63 -40.39
N LEU A 1029 29.87 -0.55 -40.15
CA LEU A 1029 30.52 -1.34 -41.18
C LEU A 1029 29.49 -2.24 -41.90
N PRO A 1030 29.44 -2.19 -43.24
CA PRO A 1030 28.32 -2.78 -43.95
C PRO A 1030 28.35 -4.30 -44.14
N GLY A 1031 29.46 -4.97 -43.84
CA GLY A 1031 29.56 -6.40 -44.11
C GLY A 1031 29.49 -7.25 -42.86
N LYS A 1032 28.77 -8.39 -42.94
CA LYS A 1032 28.57 -9.29 -41.79
C LYS A 1032 29.60 -10.40 -41.71
N GLU A 1033 29.93 -10.79 -40.48
CA GLU A 1033 30.78 -11.95 -40.20
C GLU A 1033 30.23 -12.61 -38.98
N VAL A 1034 30.62 -13.86 -38.76
CA VAL A 1034 30.20 -14.58 -37.57
C VAL A 1034 31.36 -14.64 -36.61
N VAL A 1035 31.16 -14.05 -35.42
CA VAL A 1035 32.17 -14.07 -34.36
C VAL A 1035 31.73 -14.96 -33.22
N THR A 1036 32.69 -15.32 -32.38
CA THR A 1036 32.43 -15.96 -31.11
C THR A 1036 32.51 -14.90 -30.02
N ALA A 1037 31.43 -14.72 -29.29
CA ALA A 1037 31.29 -13.55 -28.46
C ALA A 1037 30.87 -13.88 -27.05
N THR A 1038 31.42 -13.10 -26.12
CA THR A 1038 31.02 -13.17 -24.73
C THR A 1038 30.49 -11.80 -24.28
N ARG A 1039 29.42 -11.79 -23.50
CA ARG A 1039 28.88 -10.54 -22.94
C ARG A 1039 29.76 -10.00 -21.80
N VAL A 1040 30.18 -8.75 -21.94
CA VAL A 1040 31.14 -8.15 -21.03
C VAL A 1040 30.77 -6.73 -20.68
N ASP A 1041 31.34 -6.26 -19.56
CA ASP A 1041 31.27 -4.86 -19.15
C ASP A 1041 32.41 -4.06 -19.82
N GLU A 1042 32.50 -2.77 -19.51
CA GLU A 1042 33.47 -1.89 -20.19
C GLU A 1042 34.93 -2.37 -20.17
N ARG A 1043 35.34 -3.05 -19.10
CA ARG A 1043 36.69 -3.58 -18.97
C ARG A 1043 36.89 -4.94 -19.61
N GLY A 1044 35.90 -5.44 -20.31
CA GLY A 1044 36.01 -6.75 -20.95
C GLY A 1044 35.91 -7.94 -20.01
N ASN A 1045 35.31 -7.75 -18.84
CA ASN A 1045 35.08 -8.82 -17.90
C ASN A 1045 33.69 -9.34 -18.07
N GLN A 1046 33.58 -10.65 -18.04
CA GLN A 1046 32.33 -11.30 -18.27
C GLN A 1046 31.32 -10.83 -17.23
N LEU A 1047 30.09 -10.55 -17.66
CA LEU A 1047 29.05 -10.24 -16.69
C LEU A 1047 28.82 -11.43 -15.76
N LYS A 1048 28.46 -11.22 -14.49
CA LYS A 1048 28.48 -12.31 -13.51
C LYS A 1048 27.43 -13.38 -13.77
N ASP A 1049 26.23 -12.94 -14.11
CA ASP A 1049 25.10 -13.86 -14.24
C ASP A 1049 24.63 -13.96 -15.68
N THR A 1050 25.54 -14.26 -16.60
CA THR A 1050 25.20 -14.27 -18.00
C THR A 1050 25.42 -15.64 -18.60
N ASP A 1051 24.47 -16.02 -19.44
CA ASP A 1051 24.58 -17.24 -20.18
C ASP A 1051 25.25 -16.98 -21.51
N PHE A 1052 25.45 -15.70 -21.85
CA PHE A 1052 26.02 -15.36 -23.15
C PHE A 1052 27.54 -15.47 -23.06
N VAL A 1053 28.05 -16.68 -23.26
CA VAL A 1053 29.46 -16.94 -23.19
C VAL A 1053 29.88 -17.82 -24.37
N ASN A 1054 30.96 -17.42 -25.04
CA ASN A 1054 31.43 -18.08 -26.24
C ASN A 1054 30.35 -18.51 -27.23
N LEU A 1055 29.34 -17.69 -27.46
CA LEU A 1055 28.30 -17.99 -28.45
C LEU A 1055 28.59 -17.38 -29.81
N LEU A 1056 28.05 -17.99 -30.87
CA LEU A 1056 28.23 -17.47 -32.20
C LEU A 1056 27.22 -16.37 -32.39
N TYR A 1057 27.70 -15.29 -33.02
CA TYR A 1057 26.96 -14.05 -33.18
C TYR A 1057 27.29 -13.45 -34.53
N VAL A 1058 26.29 -12.85 -35.17
CA VAL A 1058 26.51 -12.16 -36.42
C VAL A 1058 26.76 -10.72 -36.08
N ALA A 1059 27.95 -10.23 -36.40
CA ALA A 1059 28.32 -8.83 -36.17
C ALA A 1059 28.51 -8.13 -37.50
N ASN A 1060 28.43 -6.80 -37.49
CA ASN A 1060 28.79 -6.00 -38.65
C ASN A 1060 30.21 -5.44 -38.47
N THR A 1061 31.18 -6.14 -39.04
CA THR A 1061 32.58 -5.88 -38.78
C THR A 1061 33.44 -5.64 -40.03
N LYS A 1062 32.86 -5.80 -41.20
CA LYS A 1062 33.64 -5.82 -42.42
C LYS A 1062 33.39 -4.55 -43.20
N SER A 1063 34.48 -3.90 -43.60
CA SER A 1063 34.44 -2.63 -44.33
C SER A 1063 34.10 -2.90 -45.79
N SER A 1064 33.66 -1.88 -46.53
CA SER A 1064 33.27 -2.06 -47.95
C SER A 1064 34.41 -2.57 -48.85
N GLY A 1065 35.66 -2.24 -48.51
CA GLY A 1065 36.81 -2.65 -49.28
C GLY A 1065 37.03 -1.84 -50.54
N VAL A 1066 36.17 -0.85 -50.76
CA VAL A 1066 36.22 -0.03 -51.96
C VAL A 1066 36.11 1.46 -51.60
N ASP A 1067 36.49 1.77 -50.35
CA ASP A 1067 36.38 3.12 -49.77
C ASP A 1067 37.76 3.79 -49.74
N TYR A 1068 37.91 4.92 -49.06
CA TYR A 1068 39.23 5.56 -48.97
C TYR A 1068 40.20 4.82 -48.04
N GLN A 1069 39.68 4.01 -47.11
CA GLN A 1069 40.51 3.10 -46.32
C GLN A 1069 41.20 2.06 -47.22
N ALA A 1070 40.55 1.69 -48.32
CA ALA A 1070 41.11 0.74 -49.27
C ALA A 1070 42.14 1.41 -50.16
N LYS A 1071 41.87 2.64 -50.59
CA LYS A 1071 42.85 3.38 -51.35
C LYS A 1071 44.13 3.68 -50.55
N TYR A 1072 44.01 4.39 -49.43
CA TYR A 1072 45.17 4.84 -48.67
C TYR A 1072 45.71 3.89 -47.57
N GLY A 1073 44.99 2.80 -47.28
CA GLY A 1073 45.39 1.90 -46.17
C GLY A 1073 46.79 1.36 -46.34
N GLY A 1074 47.61 1.49 -45.30
CA GLY A 1074 49.01 1.03 -45.31
C GLY A 1074 49.99 1.55 -46.35
N GLU A 1075 49.56 2.48 -47.20
CA GLU A 1075 50.36 2.87 -48.36
C GLU A 1075 51.67 3.58 -48.04
N PHE A 1076 51.69 4.32 -46.93
CA PHE A 1076 52.82 5.19 -46.60
C PHE A 1076 53.86 4.51 -45.71
N LEU A 1077 53.55 3.30 -45.25
CA LEU A 1077 54.43 2.57 -44.36
C LEU A 1077 55.75 2.15 -44.98
N ASP A 1078 55.71 1.77 -46.25
CA ASP A 1078 56.92 1.25 -46.88
C ASP A 1078 57.94 2.35 -47.02
N LYS A 1079 57.48 3.48 -47.50
CA LYS A 1079 58.30 4.68 -47.56
C LYS A 1079 58.88 5.03 -46.20
N LEU A 1080 58.07 4.93 -45.16
CA LEU A 1080 58.50 5.25 -43.79
C LEU A 1080 59.50 4.26 -43.20
N ARG A 1081 59.37 2.98 -43.51
CA ARG A 1081 60.29 1.96 -42.98
C ARG A 1081 61.68 2.13 -43.57
N GLU A 1082 61.70 2.38 -44.87
CA GLU A 1082 62.92 2.72 -45.58
C GLU A 1082 63.61 3.95 -44.98
N GLU A 1083 62.87 5.01 -44.70
CA GLU A 1083 63.44 6.25 -44.21
C GLU A 1083 63.76 6.31 -42.72
N TYR A 1084 63.01 5.61 -41.88
CA TYR A 1084 63.22 5.66 -40.43
C TYR A 1084 63.14 4.27 -39.82
N PRO A 1085 64.08 3.39 -40.15
CA PRO A 1085 64.00 1.99 -39.77
C PRO A 1085 63.64 1.72 -38.29
N SER A 1086 64.14 2.55 -37.39
CA SER A 1086 64.04 2.28 -35.95
C SER A 1086 62.59 2.29 -35.44
N LEU A 1087 61.75 3.11 -36.07
CA LEU A 1087 60.32 3.10 -35.72
C LEU A 1087 59.73 1.69 -35.86
N PHE A 1088 60.21 0.96 -36.85
CA PHE A 1088 59.69 -0.36 -37.16
C PHE A 1088 60.43 -1.47 -36.44
N LYS A 1089 61.56 -1.13 -35.81
CA LYS A 1089 62.36 -2.07 -35.02
C LYS A 1089 62.20 -1.96 -33.49
N GLN A 1090 61.76 -0.80 -33.04
CA GLN A 1090 61.51 -0.57 -31.62
C GLN A 1090 60.35 -1.41 -31.06
N ASN A 1091 60.58 -2.11 -29.95
CA ASN A 1091 59.52 -2.88 -29.30
C ASN A 1091 58.60 -2.02 -28.49
N GLN A 1092 57.33 -2.39 -28.54
CA GLN A 1092 56.29 -1.76 -27.75
C GLN A 1092 56.13 -2.52 -26.42
N VAL A 1093 55.66 -1.84 -25.40
CA VAL A 1093 55.67 -2.41 -24.06
C VAL A 1093 54.63 -3.47 -23.87
N SER A 1094 53.41 -3.16 -24.28
CA SER A 1094 52.26 -4.03 -23.99
C SER A 1094 52.36 -5.35 -24.71
N THR A 1095 53.04 -5.37 -25.85
CA THR A 1095 53.13 -6.57 -26.69
C THR A 1095 54.47 -7.31 -26.64
N GLY A 1096 55.54 -6.62 -26.23
CA GLY A 1096 56.88 -7.14 -26.37
C GLY A 1096 57.40 -7.12 -27.80
N GLN A 1097 56.60 -6.62 -28.74
CA GLN A 1097 56.86 -6.75 -30.18
C GLN A 1097 56.95 -5.39 -30.81
N PRO A 1098 57.60 -5.30 -31.98
CA PRO A 1098 57.55 -4.07 -32.72
C PRO A 1098 56.31 -4.04 -33.61
N ILE A 1099 55.96 -2.85 -34.08
CA ILE A 1099 54.83 -2.71 -35.00
C ILE A 1099 55.13 -3.48 -36.29
N ASP A 1100 54.08 -3.96 -36.94
CA ASP A 1100 54.18 -4.87 -38.07
C ASP A 1100 53.52 -4.31 -39.32
N ALA A 1101 54.36 -3.78 -40.20
CA ALA A 1101 53.93 -3.24 -41.48
C ALA A 1101 53.97 -4.26 -42.63
N SER A 1102 54.27 -5.52 -42.32
CA SER A 1102 54.33 -6.56 -43.35
C SER A 1102 52.94 -6.86 -43.92
N THR A 1103 51.91 -6.45 -43.20
CA THR A 1103 50.51 -6.63 -43.60
C THR A 1103 49.80 -5.27 -43.60
N LYS A 1104 49.11 -4.99 -44.69
CA LYS A 1104 48.39 -3.74 -44.85
C LYS A 1104 46.89 -3.93 -44.59
N ILE A 1105 46.23 -2.95 -43.98
CA ILE A 1105 44.78 -3.02 -43.75
C ILE A 1105 44.03 -2.14 -44.76
N LYS A 1106 43.56 -2.75 -45.86
CA LYS A 1106 42.72 -2.04 -46.85
C LYS A 1106 41.24 -2.27 -46.53
N GLN A 1107 40.95 -3.34 -45.79
CA GLN A 1107 39.59 -3.67 -45.40
C GLN A 1107 39.51 -4.15 -43.93
N TRP A 1108 38.69 -3.49 -43.12
CA TRP A 1108 38.49 -3.92 -41.75
C TRP A 1108 37.66 -5.21 -41.71
N SER A 1109 37.90 -5.95 -40.65
CA SER A 1109 37.13 -7.12 -40.37
C SER A 1109 37.31 -7.48 -38.92
N ALA A 1110 36.50 -8.41 -38.46
CA ALA A 1110 36.40 -8.75 -37.04
C ALA A 1110 37.73 -9.17 -36.39
N LYS A 1111 38.65 -9.75 -37.16
CA LYS A 1111 39.94 -10.17 -36.57
C LYS A 1111 40.77 -9.02 -36.03
N TYR A 1112 40.48 -7.81 -36.46
CA TYR A 1112 41.16 -6.64 -35.95
C TYR A 1112 40.35 -5.90 -34.87
N MET A 1113 39.25 -6.49 -34.39
CA MET A 1113 38.40 -5.84 -33.42
C MET A 1113 38.35 -6.59 -32.09
N ASN A 1114 38.18 -5.85 -31.02
CA ASN A 1114 38.00 -6.43 -29.71
C ASN A 1114 36.56 -6.78 -29.46
N GLY A 1115 35.64 -6.00 -30.01
CA GLY A 1115 34.23 -6.29 -29.81
C GLY A 1115 33.31 -5.27 -30.41
N THR A 1116 32.12 -5.19 -29.84
CA THR A 1116 31.08 -4.32 -30.35
C THR A 1116 30.09 -4.06 -29.26
N ASN A 1117 29.36 -2.99 -29.41
CA ASN A 1117 28.13 -2.84 -28.66
C ASN A 1117 27.11 -3.89 -29.11
N ILE A 1118 26.26 -4.33 -28.19
CA ILE A 1118 25.26 -5.34 -28.52
C ILE A 1118 24.37 -4.86 -29.64
N LEU A 1119 24.07 -5.75 -30.58
CA LEU A 1119 23.36 -5.41 -31.82
C LEU A 1119 21.89 -5.84 -31.85
N HIS A 1120 21.39 -6.34 -30.73
CA HIS A 1120 19.99 -6.67 -30.59
C HIS A 1120 19.52 -7.83 -31.49
N ARG A 1121 20.42 -8.75 -31.77
CA ARG A 1121 20.10 -9.84 -32.68
C ARG A 1121 19.71 -11.13 -32.01
N GLY A 1122 20.25 -11.34 -30.81
CA GLY A 1122 19.91 -12.47 -29.98
C GLY A 1122 21.11 -13.37 -29.78
N ALA A 1123 21.09 -14.09 -28.66
CA ALA A 1123 22.10 -15.09 -28.38
C ALA A 1123 22.13 -16.26 -29.38
N TYR A 1124 20.97 -16.57 -29.96
CA TYR A 1124 20.86 -17.75 -30.83
C TYR A 1124 20.21 -17.43 -32.17
N TYR A 1125 20.57 -16.30 -32.74
CA TYR A 1125 20.19 -15.92 -34.09
C TYR A 1125 20.94 -16.79 -35.10
N VAL A 1126 22.15 -17.19 -34.74
CA VAL A 1126 22.93 -18.14 -35.50
C VAL A 1126 22.41 -19.49 -35.07
N LEU A 1127 21.89 -20.26 -36.01
CA LEU A 1127 21.07 -21.44 -35.69
C LEU A 1127 21.89 -22.63 -35.34
N LYS A 1128 21.35 -23.35 -34.35
CA LYS A 1128 22.06 -24.36 -33.58
C LYS A 1128 21.09 -25.51 -33.29
N ASP A 1129 21.58 -26.75 -33.19
CA ASP A 1129 20.75 -27.88 -32.77
C ASP A 1129 20.90 -28.07 -31.25
N TRP A 1130 19.79 -28.09 -30.51
CA TRP A 1130 19.88 -28.14 -29.04
C TRP A 1130 20.44 -29.43 -28.52
N ALA A 1131 20.21 -30.51 -29.27
CA ALA A 1131 20.58 -31.84 -28.83
C ALA A 1131 22.07 -32.10 -28.78
N THR A 1132 22.76 -31.71 -29.86
CA THR A 1132 24.22 -31.88 -29.98
C THR A 1132 24.99 -30.62 -29.66
N ASN A 1133 24.29 -29.50 -29.65
CA ASN A 1133 24.89 -28.17 -29.50
C ASN A 1133 25.80 -27.74 -30.64
N GLN A 1134 25.70 -28.39 -31.78
CA GLN A 1134 26.48 -28.03 -32.95
C GLN A 1134 25.69 -27.05 -33.78
N TYR A 1135 26.37 -26.10 -34.41
CA TYR A 1135 25.72 -25.07 -35.21
C TYR A 1135 25.60 -25.59 -36.63
N PHE A 1136 24.53 -25.25 -37.33
CA PHE A 1136 24.40 -25.68 -38.71
C PHE A 1136 25.39 -24.93 -39.56
N ASN A 1137 25.88 -25.60 -40.60
CA ASN A 1137 26.83 -25.04 -41.53
C ASN A 1137 26.79 -25.73 -42.89
N ILE A 1138 27.09 -24.97 -43.95
CA ILE A 1138 27.07 -25.49 -45.32
C ILE A 1138 28.26 -25.03 -46.18
N ALA A 1139 29.35 -24.60 -45.53
CA ALA A 1139 30.43 -23.89 -46.21
C ALA A 1139 31.23 -24.84 -47.07
N LYS A 1140 31.59 -25.97 -46.46
CA LYS A 1140 32.36 -26.99 -47.14
C LYS A 1140 31.56 -28.28 -47.16
N THR A 1141 31.38 -28.84 -48.36
CA THR A 1141 30.60 -30.08 -48.53
C THR A 1141 31.09 -31.28 -47.70
N ASN A 1142 32.36 -31.29 -47.27
CA ASN A 1142 32.92 -32.32 -46.36
C ASN A 1142 32.40 -32.31 -44.91
N GLU A 1143 31.87 -31.17 -44.47
CA GLU A 1143 31.54 -30.94 -43.07
C GLU A 1143 30.23 -30.17 -42.98
N VAL A 1144 29.25 -30.62 -43.76
CA VAL A 1144 27.90 -30.07 -43.71
C VAL A 1144 27.21 -30.56 -42.43
N PHE A 1145 26.43 -29.69 -41.82
CA PHE A 1145 25.54 -30.09 -40.76
C PHE A 1145 24.22 -29.36 -41.00
N LEU A 1146 23.17 -30.12 -41.29
CA LEU A 1146 21.82 -29.56 -41.44
C LEU A 1146 20.78 -30.40 -40.72
N PRO A 1147 19.59 -29.86 -40.47
CA PRO A 1147 18.51 -30.68 -39.97
C PRO A 1147 18.19 -31.75 -40.99
N LEU A 1148 17.78 -32.92 -40.53
CA LEU A 1148 17.64 -34.05 -41.44
C LEU A 1148 16.49 -33.89 -42.41
N GLN A 1149 15.44 -33.17 -42.02
CA GLN A 1149 14.33 -32.84 -42.94
C GLN A 1149 14.80 -32.17 -44.24
N LEU A 1150 15.79 -31.29 -44.12
CA LEU A 1150 16.22 -30.49 -45.25
C LEU A 1150 17.09 -31.29 -46.19
N GLN A 1151 17.62 -32.42 -45.69
CA GLN A 1151 18.37 -33.34 -46.54
C GLN A 1151 17.52 -34.53 -47.02
N ASN A 1152 16.21 -34.41 -46.89
CA ASN A 1152 15.27 -35.49 -47.19
C ASN A 1152 15.63 -36.79 -46.51
N LYS A 1153 15.91 -36.72 -45.22
CA LYS A 1153 16.11 -37.89 -44.40
C LYS A 1153 15.05 -37.79 -43.32
N ASP A 1154 14.92 -38.85 -42.55
CA ASP A 1154 13.85 -38.94 -41.58
C ASP A 1154 14.33 -38.40 -40.26
N ALA A 1155 13.60 -37.40 -39.77
CA ALA A 1155 13.91 -36.79 -38.51
C ALA A 1155 12.93 -37.25 -37.50
N GLN A 1156 13.38 -37.99 -36.52
CA GLN A 1156 12.50 -38.39 -35.46
C GLN A 1156 12.72 -37.49 -34.30
N THR A 1157 11.64 -37.18 -33.59
CA THR A 1157 11.74 -36.24 -32.50
C THR A 1157 10.86 -36.65 -31.34
N GLY A 1158 11.37 -36.52 -30.12
CA GLY A 1158 10.61 -36.81 -28.92
C GLY A 1158 11.41 -37.57 -27.89
N PHE A 1159 10.73 -37.90 -26.80
CA PHE A 1159 11.30 -38.71 -25.75
C PHE A 1159 10.94 -40.17 -25.99
N ILE A 1160 11.90 -41.05 -25.79
CA ILE A 1160 11.66 -42.46 -25.91
C ILE A 1160 12.37 -43.23 -24.81
N SER A 1161 11.63 -44.09 -24.12
CA SER A 1161 12.19 -44.95 -23.08
C SER A 1161 12.79 -46.21 -23.69
N ASP A 1162 13.87 -46.70 -23.06
CA ASP A 1162 14.34 -48.07 -23.27
C ASP A 1162 14.72 -48.69 -21.91
N ALA A 1163 15.17 -49.93 -21.92
CA ALA A 1163 15.47 -50.60 -20.67
C ALA A 1163 16.44 -49.83 -19.82
N SER A 1164 17.42 -49.19 -20.46
CA SER A 1164 18.44 -48.41 -19.76
C SER A 1164 17.96 -47.05 -19.23
N GLY A 1165 17.16 -46.33 -19.99
CA GLY A 1165 16.62 -45.06 -19.53
C GLY A 1165 15.92 -44.31 -20.64
N VAL A 1166 15.78 -43.01 -20.48
CA VAL A 1166 15.03 -42.18 -21.45
C VAL A 1166 15.98 -41.41 -22.35
N LYS A 1167 15.62 -41.30 -23.61
CA LYS A 1167 16.45 -40.61 -24.59
C LYS A 1167 15.59 -39.55 -25.21
N TYR A 1168 16.23 -38.61 -25.90
CA TYR A 1168 15.50 -37.54 -26.55
C TYR A 1168 16.07 -37.23 -27.90
N TYR A 1169 15.19 -36.97 -28.87
CA TYR A 1169 15.59 -36.57 -30.21
C TYR A 1169 15.02 -35.20 -30.54
N SER A 1170 15.86 -34.29 -31.03
CA SER A 1170 15.44 -32.91 -31.31
C SER A 1170 14.62 -32.84 -32.60
N ILE A 1171 14.00 -31.69 -32.87
CA ILE A 1171 13.23 -31.52 -34.09
C ILE A 1171 14.05 -31.80 -35.34
N SER A 1172 15.35 -31.62 -35.27
CA SER A 1172 16.18 -31.83 -36.44
C SER A 1172 16.59 -33.30 -36.57
N GLY A 1173 16.24 -34.11 -35.58
CA GLY A 1173 16.42 -35.55 -35.67
C GLY A 1173 17.67 -36.07 -35.03
N TYR A 1174 18.29 -35.33 -34.13
CA TYR A 1174 19.53 -35.81 -33.49
C TYR A 1174 19.32 -36.17 -32.03
N GLN A 1175 20.11 -37.11 -31.53
CA GLN A 1175 19.99 -37.52 -30.16
C GLN A 1175 20.68 -36.53 -29.21
N ALA A 1176 20.03 -36.23 -28.09
CA ALA A 1176 20.55 -35.34 -27.07
C ALA A 1176 21.59 -36.04 -26.27
N LYS A 1177 22.78 -35.45 -26.24
CA LYS A 1177 23.86 -35.93 -25.38
C LYS A 1177 24.57 -34.74 -24.80
N ASP A 1178 24.78 -34.81 -23.48
CA ASP A 1178 25.56 -33.82 -22.75
C ASP A 1178 24.96 -32.46 -23.03
N THR A 1179 23.69 -32.33 -22.67
CA THR A 1179 22.93 -31.12 -22.94
C THR A 1179 21.67 -31.08 -22.11
N PHE A 1180 21.17 -29.89 -21.86
CA PHE A 1180 19.94 -29.72 -21.09
C PHE A 1180 18.84 -29.53 -22.11
N ILE A 1181 17.67 -30.06 -21.83
CA ILE A 1181 16.57 -30.04 -22.78
C ILE A 1181 15.31 -29.71 -22.03
N GLU A 1182 14.49 -28.91 -22.67
CA GLU A 1182 13.25 -28.44 -22.07
C GLU A 1182 12.09 -29.03 -22.81
N ASP A 1183 11.14 -29.61 -22.09
CA ASP A 1183 9.99 -30.22 -22.78
C ASP A 1183 8.93 -29.18 -23.08
N GLY A 1184 7.85 -29.60 -23.70
CA GLY A 1184 6.76 -28.71 -24.10
C GLY A 1184 5.97 -28.14 -22.95
N ASN A 1185 6.03 -28.74 -21.77
CA ASN A 1185 5.39 -28.19 -20.57
C ASN A 1185 6.29 -27.29 -19.72
N GLY A 1186 7.52 -27.05 -20.16
CA GLY A 1186 8.39 -26.16 -19.42
C GLY A 1186 9.32 -26.86 -18.46
N ASN A 1187 9.30 -28.19 -18.39
CA ASN A 1187 10.23 -28.89 -17.50
C ASN A 1187 11.59 -29.07 -18.14
N TRP A 1188 12.64 -29.06 -17.31
CA TRP A 1188 13.98 -29.20 -17.81
C TRP A 1188 14.58 -30.55 -17.44
N TYR A 1189 15.42 -31.07 -18.33
CA TYR A 1189 16.09 -32.34 -18.13
C TYR A 1189 17.56 -32.26 -18.51
N TYR A 1190 18.39 -33.15 -17.95
CA TYR A 1190 19.77 -33.23 -18.39
C TYR A 1190 20.08 -34.59 -18.93
N PHE A 1191 20.63 -34.62 -20.13
CA PHE A 1191 21.03 -35.86 -20.77
C PHE A 1191 22.53 -35.99 -20.71
N ASP A 1192 23.00 -37.11 -20.17
CA ASP A 1192 24.41 -37.30 -19.92
C ASP A 1192 25.17 -37.59 -21.21
N LYS A 1193 26.46 -37.85 -21.08
CA LYS A 1193 27.31 -38.15 -22.23
C LYS A 1193 26.77 -39.32 -23.04
N ASP A 1194 26.29 -40.34 -22.34
CA ASP A 1194 25.78 -41.56 -22.97
C ASP A 1194 24.45 -41.39 -23.69
N GLY A 1195 23.78 -40.27 -23.48
CA GLY A 1195 22.54 -39.97 -24.17
C GLY A 1195 21.29 -40.29 -23.36
N TYR A 1196 21.48 -40.50 -22.05
CA TYR A 1196 20.40 -40.85 -21.14
C TYR A 1196 20.07 -39.77 -20.12
N MET A 1197 18.78 -39.48 -20.00
CA MET A 1197 18.25 -38.58 -18.99
C MET A 1197 18.72 -38.96 -17.61
N VAL A 1198 19.15 -38.00 -16.80
CA VAL A 1198 19.56 -38.28 -15.44
C VAL A 1198 18.33 -38.26 -14.55
N ARG A 1199 18.22 -39.25 -13.66
CA ARG A 1199 17.07 -39.39 -12.79
C ARG A 1199 17.50 -39.98 -11.47
N SER A 1200 16.83 -39.57 -10.40
CA SER A 1200 17.18 -40.09 -9.09
C SER A 1200 16.61 -41.49 -8.89
N GLN A 1201 17.39 -42.31 -8.21
CA GLN A 1201 17.00 -43.67 -7.85
C GLN A 1201 16.53 -43.64 -6.39
N GLN A 1202 15.78 -44.66 -5.97
CA GLN A 1202 15.39 -44.81 -4.56
C GLN A 1202 16.62 -44.98 -3.65
N GLY A 1203 16.60 -44.33 -2.49
CA GLY A 1203 17.65 -44.49 -1.48
C GLY A 1203 18.98 -43.83 -1.78
N GLU A 1204 19.04 -43.13 -2.91
CA GLU A 1204 20.27 -42.48 -3.37
C GLU A 1204 20.14 -40.94 -3.41
N ASN A 1205 21.27 -40.24 -3.46
CA ASN A 1205 21.27 -38.80 -3.50
C ASN A 1205 20.79 -38.26 -4.84
N PRO A 1206 19.72 -37.46 -4.84
CA PRO A 1206 19.21 -36.87 -6.07
C PRO A 1206 20.06 -35.75 -6.60
N ILE A 1207 20.97 -35.24 -5.78
CA ILE A 1207 21.81 -34.13 -6.19
C ILE A 1207 22.92 -34.64 -7.08
N ARG A 1208 23.04 -34.07 -8.27
CA ARG A 1208 24.09 -34.48 -9.18
C ARG A 1208 24.90 -33.30 -9.67
N THR A 1209 26.21 -33.49 -9.75
CA THR A 1209 27.13 -32.52 -10.30
C THR A 1209 27.18 -32.69 -11.79
N VAL A 1210 26.98 -31.59 -12.52
CA VAL A 1210 26.99 -31.61 -13.98
C VAL A 1210 28.16 -30.81 -14.53
N GLU A 1211 28.92 -31.41 -15.46
CA GLU A 1211 29.93 -30.73 -16.27
C GLU A 1211 29.61 -30.90 -17.75
N THR A 1212 29.17 -29.83 -18.41
CA THR A 1212 28.69 -29.88 -19.79
C THR A 1212 29.64 -29.13 -20.74
N SER A 1213 29.54 -29.50 -22.02
CA SER A 1213 30.04 -28.68 -23.12
C SER A 1213 29.69 -27.20 -22.94
N VAL A 1214 28.44 -26.89 -22.63
CA VAL A 1214 28.01 -25.55 -22.24
C VAL A 1214 28.40 -25.29 -20.78
N ASN A 1215 29.57 -24.66 -20.58
CA ASN A 1215 30.20 -24.41 -19.27
C ASN A 1215 29.41 -23.60 -18.31
N THR A 1216 28.65 -22.65 -18.84
CA THR A 1216 27.91 -21.75 -18.00
C THR A 1216 26.94 -22.52 -17.14
N ARG A 1217 26.46 -23.65 -17.65
CA ARG A 1217 25.50 -24.44 -16.92
C ARG A 1217 26.10 -25.39 -15.89
N ASN A 1218 27.43 -25.50 -15.83
CA ASN A 1218 28.06 -26.37 -14.85
C ASN A 1218 27.60 -26.04 -13.43
N GLY A 1219 27.46 -27.05 -12.59
CA GLY A 1219 26.97 -26.85 -11.25
C GLY A 1219 26.26 -28.07 -10.68
N ASN A 1220 25.63 -27.91 -9.51
CA ASN A 1220 24.92 -29.00 -8.87
C ASN A 1220 23.44 -28.87 -9.01
N TYR A 1221 22.83 -29.91 -9.57
CA TYR A 1221 21.43 -29.93 -9.83
C TYR A 1221 20.72 -31.00 -9.00
N TYR A 1222 19.41 -30.88 -8.93
CA TYR A 1222 18.59 -31.83 -8.20
C TYR A 1222 17.58 -32.42 -9.18
N PHE A 1223 17.82 -33.66 -9.62
CA PHE A 1223 16.89 -34.32 -10.59
C PHE A 1223 15.99 -35.31 -9.88
N MET A 1224 14.70 -35.25 -10.18
CA MET A 1224 13.72 -36.10 -9.52
C MET A 1224 13.63 -37.46 -10.21
N PRO A 1225 12.79 -38.36 -9.70
CA PRO A 1225 12.81 -39.70 -10.28
C PRO A 1225 12.37 -39.73 -11.72
N ASN A 1226 11.52 -38.79 -12.12
CA ASN A 1226 11.09 -38.72 -13.52
C ASN A 1226 11.93 -37.74 -14.33
N GLY A 1227 13.07 -37.33 -13.76
CA GLY A 1227 14.13 -36.61 -14.49
C GLY A 1227 14.02 -35.10 -14.50
N VAL A 1228 12.94 -34.60 -13.90
CA VAL A 1228 12.63 -33.18 -13.86
C VAL A 1228 13.61 -32.50 -12.93
N GLU A 1229 14.15 -31.38 -13.39
CA GLU A 1229 15.06 -30.59 -12.62
C GLU A 1229 14.24 -29.68 -11.69
N LEU A 1230 14.58 -29.68 -10.40
CA LEU A 1230 14.00 -28.76 -9.42
C LEU A 1230 14.63 -27.38 -9.58
N ARG A 1231 13.76 -26.39 -9.54
CA ARG A 1231 14.14 -25.01 -9.77
C ARG A 1231 13.39 -24.05 -8.82
N LYS A 1232 14.14 -23.13 -8.21
CA LYS A 1232 13.57 -22.10 -7.38
C LYS A 1232 12.90 -22.73 -6.18
N GLY A 1233 13.62 -23.60 -5.49
CA GLY A 1233 13.02 -24.32 -4.37
C GLY A 1233 13.98 -25.22 -3.63
N PHE A 1234 13.51 -25.74 -2.52
CA PHE A 1234 14.36 -26.53 -1.64
C PHE A 1234 14.29 -28.00 -1.97
N GLY A 1235 15.42 -28.68 -1.83
CA GLY A 1235 15.45 -30.13 -2.04
C GLY A 1235 16.19 -30.87 -0.96
N THR A 1236 15.60 -31.95 -0.45
CA THR A 1236 16.24 -32.77 0.57
C THR A 1236 17.05 -33.87 -0.06
N ASP A 1237 18.23 -34.15 0.47
CA ASP A 1237 19.05 -35.28 0.01
C ASP A 1237 18.66 -36.53 0.79
N ASN A 1238 19.31 -37.65 0.50
CA ASN A 1238 19.04 -38.93 1.20
C ASN A 1238 19.30 -38.91 2.72
N SER A 1239 20.18 -38.02 3.18
CA SER A 1239 20.56 -37.93 4.59
C SER A 1239 19.78 -36.87 5.41
N GLY A 1240 18.77 -36.23 4.82
CA GLY A 1240 17.96 -35.24 5.52
C GLY A 1240 18.45 -33.80 5.47
N ASN A 1241 19.59 -33.53 4.83
CA ASN A 1241 20.07 -32.16 4.64
C ASN A 1241 19.27 -31.42 3.58
N VAL A 1242 18.94 -30.15 3.83
CA VAL A 1242 18.20 -29.36 2.86
C VAL A 1242 19.12 -28.44 2.07
N TYR A 1243 18.89 -28.35 0.76
CA TYR A 1243 19.60 -27.39 -0.09
C TYR A 1243 18.58 -26.53 -0.84
N TYR A 1244 19.04 -25.43 -1.46
CA TYR A 1244 18.16 -24.62 -2.31
C TYR A 1244 18.75 -24.54 -3.71
N PHE A 1245 17.86 -24.47 -4.70
CA PHE A 1245 18.26 -24.47 -6.09
C PHE A 1245 17.56 -23.33 -6.83
N ASP A 1246 18.30 -22.61 -7.65
CA ASP A 1246 17.86 -21.30 -8.11
C ASP A 1246 16.96 -21.36 -9.36
N ASP A 1247 16.61 -20.20 -9.89
CA ASP A 1247 15.77 -20.07 -11.09
C ASP A 1247 16.16 -21.06 -12.18
N GLN A 1248 17.46 -21.29 -12.36
CA GLN A 1248 17.96 -22.15 -13.45
C GLN A 1248 18.43 -23.53 -13.02
N GLY A 1249 18.09 -23.94 -11.80
CA GLY A 1249 18.34 -25.30 -11.32
C GLY A 1249 19.60 -25.50 -10.49
N LYS A 1250 20.49 -24.49 -10.50
CA LYS A 1250 21.78 -24.55 -9.82
C LYS A 1250 21.66 -24.44 -8.31
N MET A 1251 22.52 -25.15 -7.61
CA MET A 1251 22.54 -25.11 -6.16
C MET A 1251 23.09 -23.78 -5.77
N VAL A 1252 22.61 -23.26 -4.66
CA VAL A 1252 23.08 -22.00 -4.13
C VAL A 1252 23.85 -22.28 -2.84
N ARG A 1253 24.98 -21.57 -2.72
CA ARG A 1253 25.91 -21.73 -1.60
C ARG A 1253 26.30 -20.40 -0.97
N ASP A 1254 26.50 -20.43 0.34
CA ASP A 1254 27.19 -19.35 1.05
C ASP A 1254 26.49 -18.02 0.87
N LYS A 1255 25.22 -17.98 1.24
CA LYS A 1255 24.48 -16.73 1.24
C LYS A 1255 23.12 -16.81 1.91
N TYR A 1256 22.58 -15.65 2.25
CA TYR A 1256 21.23 -15.57 2.75
C TYR A 1256 20.31 -15.49 1.55
N ILE A 1257 19.10 -15.96 1.77
CA ILE A 1257 18.10 -16.05 0.73
C ILE A 1257 16.74 -15.68 1.34
N ASN A 1258 15.99 -14.86 0.61
CA ASN A 1258 14.69 -14.37 1.11
C ASN A 1258 13.56 -14.94 0.29
N ASP A 1259 12.38 -14.83 0.87
CA ASP A 1259 11.20 -15.53 0.42
C ASP A 1259 10.15 -14.44 0.18
N ASP A 1260 9.20 -14.67 -0.72
CA ASP A 1260 8.10 -13.71 -0.94
C ASP A 1260 7.30 -13.41 0.36
N ALA A 1261 7.20 -14.39 1.28
CA ALA A 1261 6.51 -14.20 2.58
C ALA A 1261 7.41 -13.66 3.69
N ASN A 1262 8.64 -13.28 3.33
CA ASN A 1262 9.56 -12.64 4.27
C ASN A 1262 10.26 -13.63 5.21
N ASN A 1263 10.31 -14.89 4.78
CA ASN A 1263 11.10 -15.88 5.47
C ASN A 1263 12.53 -15.79 5.00
N PHE A 1264 13.45 -15.89 5.95
CA PHE A 1264 14.86 -15.83 5.62
C PHE A 1264 15.53 -17.17 5.90
N TYR A 1265 16.41 -17.58 4.98
CA TYR A 1265 17.20 -18.80 5.15
C TYR A 1265 18.68 -18.53 4.84
N HIS A 1266 19.55 -19.32 5.46
CA HIS A 1266 20.98 -19.23 5.21
C HIS A 1266 21.50 -20.54 4.66
N LEU A 1267 22.33 -20.41 3.64
CA LEU A 1267 22.98 -21.55 3.03
C LEU A 1267 24.47 -21.48 3.31
N ASN A 1268 24.95 -22.55 3.93
CA ASN A 1268 26.37 -22.70 4.24
C ASN A 1268 27.20 -22.82 2.98
N VAL A 1269 28.51 -22.94 3.13
CA VAL A 1269 29.41 -23.01 1.97
C VAL A 1269 29.24 -24.35 1.27
N ASP A 1270 29.14 -25.42 2.05
CA ASP A 1270 28.88 -26.74 1.48
C ASP A 1270 27.48 -26.91 0.88
N GLY A 1271 26.65 -25.86 0.92
CA GLY A 1271 25.34 -25.85 0.29
C GLY A 1271 24.19 -26.02 1.27
N THR A 1272 24.46 -26.60 2.44
CA THR A 1272 23.38 -26.95 3.36
C THR A 1272 22.76 -25.71 3.93
N MET A 1273 21.54 -25.88 4.42
CA MET A 1273 20.79 -24.78 4.99
C MET A 1273 20.86 -24.83 6.52
N SER A 1274 21.49 -23.83 7.14
CA SER A 1274 21.38 -23.71 8.60
C SER A 1274 20.03 -23.11 8.98
N ARG A 1275 19.63 -22.08 8.21
CA ARG A 1275 18.41 -21.28 8.50
C ARG A 1275 18.51 -20.62 9.89
N LYS B 1 -4.33 -0.68 -22.14
CA LYS B 1 -4.28 0.48 -21.18
C LYS B 1 -4.91 0.21 -19.80
N SER B 2 -4.42 -0.83 -19.14
CA SER B 2 -4.89 -1.21 -17.82
C SER B 2 -3.81 -1.97 -17.05
N TYR B 3 -3.91 -1.89 -15.73
CA TYR B 3 -3.12 -2.72 -14.83
C TYR B 3 -3.77 -4.09 -14.70
N VAL B 4 -2.97 -5.13 -14.59
CA VAL B 4 -3.47 -6.42 -14.09
C VAL B 4 -2.51 -7.06 -13.09
N ALA B 5 -3.10 -7.70 -12.07
CA ALA B 5 -2.37 -8.42 -11.03
C ALA B 5 -2.53 -9.94 -11.18
N ASP B 6 -1.40 -10.65 -11.02
CA ASP B 6 -1.32 -12.13 -11.01
C ASP B 6 -1.91 -12.77 -9.77
N SER B 7 -1.96 -14.10 -9.77
CA SER B 7 -2.41 -14.86 -8.60
C SER B 7 -1.58 -14.47 -7.36
N SER B 8 -0.26 -14.41 -7.55
CA SER B 8 0.70 -13.91 -6.55
C SER B 8 0.42 -12.48 -6.07
N GLY B 9 0.03 -11.64 -7.02
CA GLY B 9 -0.07 -10.19 -6.86
C GLY B 9 0.96 -9.35 -7.60
N GLN B 10 1.75 -9.95 -8.48
CA GLN B 10 2.65 -9.15 -9.32
C GLN B 10 1.81 -8.38 -10.31
N THR B 11 2.28 -7.19 -10.66
CA THR B 11 1.47 -6.25 -11.42
C THR B 11 2.14 -5.79 -12.72
N TYR B 12 1.39 -5.82 -13.82
CA TYR B 12 1.87 -5.36 -15.14
C TYR B 12 1.00 -4.21 -15.59
N TYR B 13 1.51 -3.36 -16.47
CA TYR B 13 0.68 -2.38 -17.18
C TYR B 13 0.78 -2.43 -18.71
N PHE B 14 -0.33 -2.82 -19.34
CA PHE B 14 -0.39 -3.06 -20.79
C PHE B 14 -0.89 -1.83 -21.52
N PRO B 20 3.00 -5.06 -22.65
CA PRO B 20 3.33 -4.54 -21.32
C PRO B 20 4.43 -3.51 -21.43
N LEU B 21 4.37 -2.49 -20.56
CA LEU B 21 5.40 -1.47 -20.50
C LEU B 21 6.62 -2.00 -19.77
N ILE B 22 7.81 -1.64 -20.24
CA ILE B 22 9.06 -2.04 -19.60
C ILE B 22 9.93 -0.82 -19.36
N GLY B 23 10.75 -0.87 -18.31
CA GLY B 23 11.58 0.27 -17.94
C GLY B 23 10.83 1.36 -17.16
N LEU B 24 11.42 2.54 -17.18
CA LEU B 24 10.91 3.73 -16.51
C LEU B 24 9.76 4.37 -17.26
N GLN B 25 8.60 4.41 -16.63
CA GLN B 25 7.42 4.95 -17.28
C GLN B 25 6.57 5.67 -16.26
N THR B 26 5.64 6.50 -16.72
CA THR B 26 4.80 7.30 -15.82
C THR B 26 3.32 7.19 -16.13
N ILE B 27 2.74 6.03 -15.84
CA ILE B 27 1.31 5.80 -16.16
C ILE B 27 0.41 6.61 -15.20
N ASP B 28 -0.49 7.41 -15.79
CA ASP B 28 -1.40 8.33 -15.04
C ASP B 28 -0.69 9.33 -14.11
N GLY B 29 0.48 9.82 -14.53
CA GLY B 29 1.26 10.82 -13.79
C GLY B 29 2.07 10.32 -12.59
N ASN B 30 2.09 9.02 -12.35
CA ASN B 30 2.80 8.45 -11.21
C ASN B 30 4.04 7.72 -11.74
N LEU B 31 5.19 8.01 -11.15
CA LEU B 31 6.42 7.43 -11.61
C LEU B 31 6.62 6.02 -11.07
N GLN B 32 6.76 5.07 -12.00
CA GLN B 32 6.89 3.67 -11.65
C GLN B 32 8.07 3.05 -12.43
N TYR B 33 8.58 1.94 -11.92
CA TYR B 33 9.58 1.17 -12.63
C TYR B 33 9.16 -0.29 -12.76
N PHE B 34 9.26 -0.77 -14.00
CA PHE B 34 8.92 -2.13 -14.34
C PHE B 34 10.19 -2.84 -14.79
N ASN B 35 10.36 -4.07 -14.35
CA ASN B 35 11.55 -4.83 -14.70
C ASN B 35 11.54 -5.26 -16.17
N GLN B 36 12.63 -5.87 -16.62
CA GLN B 36 12.76 -6.28 -18.01
C GLN B 36 11.69 -7.29 -18.43
N GLN B 37 11.20 -8.07 -17.48
CA GLN B 37 10.14 -9.02 -17.71
C GLN B 37 8.74 -8.36 -17.59
N GLY B 38 8.70 -7.07 -17.22
CA GLY B 38 7.44 -6.29 -17.17
C GLY B 38 6.69 -6.16 -15.84
N VAL B 39 7.26 -6.74 -14.79
CA VAL B 39 6.62 -6.77 -13.48
C VAL B 39 6.80 -5.39 -12.85
N GLN B 40 5.82 -4.93 -12.08
CA GLN B 40 5.90 -3.60 -11.42
C GLN B 40 6.68 -3.66 -10.12
N ILE B 41 7.69 -2.79 -10.01
CA ILE B 41 8.46 -2.70 -8.78
C ILE B 41 7.66 -1.98 -7.68
N LYS B 42 7.55 -2.64 -6.52
CA LYS B 42 6.82 -2.14 -5.34
C LYS B 42 7.64 -2.40 -4.07
N GLY B 43 7.77 -1.37 -3.25
CA GLY B 43 8.44 -1.51 -1.95
C GLY B 43 9.93 -1.74 -2.09
N GLY B 44 10.60 -0.92 -2.87
CA GLY B 44 12.04 -1.03 -2.95
C GLY B 44 12.71 0.08 -3.72
N PHE B 45 14.00 0.22 -3.46
CA PHE B 45 14.81 1.12 -4.22
C PHE B 45 15.19 0.37 -5.49
N GLN B 46 15.00 1.00 -6.65
CA GLN B 46 15.46 0.46 -7.92
C GLN B 46 16.32 1.51 -8.57
N ASP B 47 17.36 1.08 -9.26
CA ASP B 47 18.24 2.03 -9.95
C ASP B 47 17.89 2.19 -11.42
N VAL B 48 17.50 3.40 -11.79
CA VAL B 48 17.23 3.76 -13.17
C VAL B 48 18.07 4.98 -13.48
N ASN B 49 18.71 4.98 -14.65
CA ASN B 49 19.58 6.06 -15.03
C ASN B 49 20.64 6.28 -13.96
N ASN B 50 20.87 7.53 -13.57
CA ASN B 50 21.89 7.81 -12.56
C ASN B 50 21.32 8.16 -11.19
N LYS B 51 20.03 7.98 -11.03
CA LYS B 51 19.35 8.42 -9.82
C LYS B 51 18.58 7.26 -9.18
N ARG B 52 18.82 7.00 -7.92
CA ARG B 52 18.16 5.90 -7.21
C ARG B 52 16.78 6.35 -6.76
N ILE B 53 15.75 5.56 -7.01
CA ILE B 53 14.38 5.92 -6.63
C ILE B 53 13.72 4.87 -5.78
N TYR B 54 12.94 5.28 -4.80
CA TYR B 54 12.13 4.34 -4.05
C TYR B 54 10.68 4.32 -4.56
N PHE B 55 10.10 3.13 -4.65
CA PHE B 55 8.73 2.97 -5.13
C PHE B 55 7.90 2.34 -4.04
N ALA B 56 6.69 2.85 -3.88
CA ALA B 56 5.87 2.58 -2.70
C ALA B 56 5.34 1.16 -2.66
N PRO B 57 5.11 0.63 -1.46
CA PRO B 57 4.64 -0.74 -1.21
C PRO B 57 3.40 -1.26 -1.97
N ASN B 58 2.35 -0.46 -2.05
CA ASN B 58 1.09 -0.91 -2.64
C ASN B 58 0.87 -0.28 -3.99
N THR B 59 1.05 1.02 -4.07
CA THR B 59 0.79 1.76 -5.30
C THR B 59 1.93 1.57 -6.29
N GLY B 60 3.15 1.52 -5.77
CA GLY B 60 4.33 1.46 -6.62
C GLY B 60 4.74 2.82 -7.13
N ASN B 61 4.20 3.87 -6.51
CA ASN B 61 4.49 5.23 -6.96
C ASN B 61 5.80 5.76 -6.36
N ALA B 62 6.50 6.61 -7.10
CA ALA B 62 7.77 7.18 -6.65
C ALA B 62 7.57 8.10 -5.44
N VAL B 63 8.37 7.92 -4.38
CA VAL B 63 8.28 8.73 -3.15
C VAL B 63 9.65 8.90 -2.49
N ALA B 64 9.75 9.91 -1.65
CA ALA B 64 10.97 10.15 -0.89
C ALA B 64 11.14 9.04 0.14
N ASN B 65 12.41 8.65 0.33
CA ASN B 65 12.74 7.63 1.30
C ASN B 65 14.16 7.77 1.76
N THR B 66 14.46 7.13 2.89
CA THR B 66 15.80 7.15 3.47
C THR B 66 16.31 5.75 3.56
N GLU B 67 17.62 5.62 3.35
CA GLU B 67 18.30 4.35 3.51
C GLU B 67 19.61 4.62 4.26
N ILE B 68 20.17 3.56 4.85
CA ILE B 68 21.44 3.67 5.57
C ILE B 68 22.63 3.27 4.68
N ILE B 69 23.41 4.28 4.26
CA ILE B 69 24.60 4.07 3.42
C ILE B 69 25.80 4.12 4.35
N ASN B 70 26.69 3.13 4.25
CA ASN B 70 27.74 2.92 5.26
C ASN B 70 27.05 2.79 6.62
N GLY B 71 27.42 3.63 7.59
CA GLY B 71 26.71 3.69 8.86
C GLY B 71 25.83 4.92 9.05
N LYS B 72 25.70 5.77 8.02
CA LYS B 72 24.98 7.05 8.13
C LYS B 72 23.63 7.06 7.34
N LEU B 73 22.55 7.54 7.96
CA LEU B 73 21.29 7.65 7.23
C LEU B 73 21.48 8.65 6.08
N GLN B 74 20.89 8.34 4.93
CA GLN B 74 20.84 9.24 3.79
C GLN B 74 19.39 9.38 3.34
N GLY B 75 19.14 10.47 2.63
CA GLY B 75 17.80 10.75 2.16
C GLY B 75 17.73 10.77 0.66
N ARG B 76 16.62 10.24 0.15
CA ARG B 76 16.37 10.18 -1.27
C ARG B 76 15.02 10.82 -1.54
N ASP B 77 14.95 11.71 -2.54
CA ASP B 77 13.67 12.34 -2.87
C ASP B 77 12.87 11.51 -3.90
N ALA B 78 11.74 12.05 -4.37
CA ALA B 78 10.86 11.33 -5.31
C ALA B 78 11.48 11.17 -6.70
N ASN B 79 12.33 12.12 -7.10
CA ASN B 79 13.00 12.07 -8.40
C ASN B 79 14.29 11.26 -8.39
N GLY B 80 14.63 10.67 -7.25
CA GLY B 80 15.79 9.79 -7.15
C GLY B 80 17.09 10.48 -6.83
N ASN B 81 17.04 11.80 -6.68
CA ASN B 81 18.19 12.57 -6.27
C ASN B 81 18.35 12.54 -4.75
N GLN B 82 19.61 12.43 -4.32
CA GLN B 82 19.93 12.52 -2.90
C GLN B 82 19.65 13.93 -2.42
N VAL B 83 19.23 14.04 -1.15
CA VAL B 83 18.86 15.34 -0.58
C VAL B 83 19.99 15.97 0.23
N LYS B 84 20.23 17.25 -0.08
CA LYS B 84 21.21 18.10 0.57
C LYS B 84 20.47 19.43 0.97
N ASN B 85 20.75 19.93 2.16
CA ASN B 85 20.16 21.19 2.67
C ASN B 85 18.66 21.22 2.53
N ALA B 86 17.99 20.28 3.16
CA ALA B 86 16.54 20.26 3.13
C ALA B 86 15.96 19.15 3.99
N PHE B 87 14.68 19.32 4.22
CA PHE B 87 13.86 18.34 4.89
C PHE B 87 13.41 17.31 3.87
N SER B 88 13.41 16.03 4.27
CA SER B 88 12.90 14.96 3.41
C SER B 88 12.30 13.86 4.28
N LYS B 89 11.24 13.24 3.79
CA LYS B 89 10.59 12.19 4.55
C LYS B 89 11.14 10.79 4.27
N ASP B 90 10.65 9.83 5.06
CA ASP B 90 10.75 8.41 4.76
C ASP B 90 9.34 7.82 4.67
N VAL B 91 9.23 6.61 4.13
CA VAL B 91 7.93 5.99 3.89
C VAL B 91 7.06 5.95 5.17
N ALA B 92 7.67 5.69 6.32
CA ALA B 92 6.93 5.58 7.60
C ALA B 92 6.17 6.86 7.94
N GLY B 93 6.75 7.99 7.55
CA GLY B 93 6.15 9.30 7.80
C GLY B 93 6.99 10.24 8.64
N ASN B 94 8.22 9.85 8.99
CA ASN B 94 9.14 10.70 9.72
C ASN B 94 9.80 11.70 8.82
N THR B 95 9.97 12.91 9.30
CA THR B 95 10.74 13.89 8.56
C THR B 95 12.13 14.02 9.17
N PHE B 96 13.12 14.21 8.34
CA PHE B 96 14.51 14.45 8.76
C PHE B 96 15.00 15.71 8.09
N TYR B 97 16.16 16.20 8.50
CA TYR B 97 16.77 17.31 7.79
C TYR B 97 18.18 16.88 7.47
N PHE B 98 18.62 17.17 6.25
CA PHE B 98 19.93 16.77 5.80
C PHE B 98 20.69 18.02 5.39
N ASP B 99 21.93 18.13 5.88
CA ASP B 99 22.78 19.30 5.66
C ASP B 99 23.44 19.31 4.28
N ALA B 100 24.28 20.32 4.02
CA ALA B 100 25.00 20.45 2.74
C ALA B 100 25.82 19.21 2.38
N ASN B 101 26.37 18.54 3.38
CA ASN B 101 27.13 17.31 3.16
C ASN B 101 26.29 16.02 3.10
N GLY B 102 24.96 16.17 3.05
CA GLY B 102 24.07 15.02 2.91
C GLY B 102 23.68 14.30 4.20
N VAL B 103 24.35 14.66 5.31
CA VAL B 103 24.23 13.95 6.58
C VAL B 103 23.06 14.47 7.39
N MET B 104 22.32 13.55 8.00
CA MET B 104 21.16 13.92 8.80
C MET B 104 21.58 14.71 10.02
N LEU B 105 20.80 15.73 10.35
CA LEU B 105 21.03 16.54 11.55
C LEU B 105 20.23 16.02 12.76
N THR B 106 20.74 16.41 13.93
CA THR B 106 20.18 16.02 15.22
C THR B 106 20.07 17.23 16.16
N GLY B 107 19.20 17.11 17.16
CA GLY B 107 19.04 18.16 18.17
C GLY B 107 18.38 19.45 17.72
N LEU B 108 18.62 20.51 18.48
CA LEU B 108 17.97 21.79 18.23
C LEU B 108 18.71 22.51 17.07
N GLN B 109 17.99 22.88 16.02
CA GLN B 109 18.62 23.46 14.83
C GLN B 109 17.87 24.65 14.30
N THR B 110 18.61 25.69 13.99
CA THR B 110 18.03 26.89 13.43
C THR B 110 18.33 26.91 11.96
N ILE B 111 17.29 26.87 11.12
CA ILE B 111 17.53 27.00 9.69
C ILE B 111 16.58 28.01 9.11
N SER B 112 17.07 28.80 8.17
CA SER B 112 16.31 29.84 7.50
C SER B 112 15.60 30.74 8.51
N GLY B 113 16.32 31.15 9.56
CA GLY B 113 15.76 32.03 10.60
C GLY B 113 14.64 31.47 11.46
N LYS B 114 14.45 30.15 11.46
CA LYS B 114 13.45 29.48 12.30
C LYS B 114 14.10 28.28 12.98
N THR B 115 13.55 27.90 14.13
CA THR B 115 14.14 26.86 14.95
C THR B 115 13.26 25.62 15.03
N TYR B 116 13.87 24.46 14.78
CA TYR B 116 13.20 23.17 14.75
C TYR B 116 13.87 22.27 15.77
N TYR B 117 13.13 21.32 16.32
CA TYR B 117 13.71 20.36 17.25
C TYR B 117 13.72 18.96 16.67
N LEU B 118 14.91 18.40 16.48
CA LEU B 118 15.07 17.04 16.00
C LEU B 118 15.53 16.15 17.14
N ASP B 119 14.88 15.01 17.35
CA ASP B 119 15.25 14.15 18.46
C ASP B 119 16.52 13.36 18.12
N GLU B 120 16.96 12.50 19.03
CA GLU B 120 18.19 11.74 18.78
C GLU B 120 18.13 10.96 17.47
N GLN B 121 17.00 10.33 17.19
CA GLN B 121 16.85 9.61 15.94
C GLN B 121 16.81 10.50 14.69
N GLY B 122 16.78 11.82 14.87
CA GLY B 122 16.75 12.80 13.76
C GLY B 122 15.33 13.11 13.29
N HIS B 123 14.32 12.63 14.03
CA HIS B 123 12.91 12.88 13.70
C HIS B 123 12.56 14.31 14.06
N LEU B 124 11.95 15.00 13.10
CA LEU B 124 11.42 16.33 13.32
C LEU B 124 10.22 16.19 14.19
N ARG B 125 10.17 16.97 15.26
CA ARG B 125 9.09 16.85 16.23
C ARG B 125 8.11 18.00 16.04
N LYS B 126 6.86 17.64 15.81
CA LYS B 126 5.81 18.60 15.64
C LYS B 126 4.85 18.45 16.80
N ASN B 127 4.12 19.51 17.11
CA ASN B 127 3.21 19.58 18.27
C ASN B 127 3.91 19.12 19.52
N TYR B 128 5.05 19.76 19.77
CA TYR B 128 5.98 19.37 20.82
C TYR B 128 6.30 20.60 21.61
N ALA B 129 6.01 20.54 22.90
CA ALA B 129 6.30 21.65 23.80
C ALA B 129 7.52 21.30 24.60
N GLY B 130 8.41 22.26 24.77
CA GLY B 130 9.56 22.02 25.59
C GLY B 130 10.28 23.29 25.92
N THR B 131 10.94 23.32 27.07
CA THR B 131 11.95 24.35 27.34
C THR B 131 13.26 23.95 26.65
N PHE B 132 13.48 24.53 25.48
CA PHE B 132 14.54 24.13 24.60
C PHE B 132 15.74 25.03 24.79
N ASN B 133 15.52 26.35 24.73
CA ASN B 133 16.62 27.31 24.92
C ASN B 133 16.73 27.78 26.36
N ASN B 134 16.31 26.93 27.28
CA ASN B 134 16.18 27.34 28.65
C ASN B 134 15.04 28.36 28.75
N GLN B 135 14.23 28.36 27.70
CA GLN B 135 13.05 29.19 27.59
C GLN B 135 12.00 28.38 26.89
N PHE B 136 10.73 28.51 27.30
CA PHE B 136 9.65 27.76 26.67
C PHE B 136 9.66 27.91 25.16
N MET B 137 9.29 26.85 24.45
CA MET B 137 9.14 26.89 22.99
C MET B 137 8.21 25.80 22.53
N TYR B 138 7.18 26.17 21.78
CA TYR B 138 6.22 25.18 21.25
C TYR B 138 6.52 24.99 19.79
N PHE B 139 6.71 23.75 19.37
CA PHE B 139 6.99 23.47 17.97
C PHE B 139 5.70 23.12 17.23
N ASP B 140 5.47 23.90 16.19
CA ASP B 140 4.26 23.90 15.37
C ASP B 140 3.74 22.52 15.01
N ALA B 141 2.42 22.33 15.01
CA ALA B 141 1.83 21.08 14.51
C ALA B 141 1.98 20.98 13.00
N ASP B 142 1.97 22.11 12.31
CA ASP B 142 2.13 22.17 10.85
C ASP B 142 3.53 21.85 10.35
N THR B 143 4.50 22.69 10.68
CA THR B 143 5.88 22.56 10.13
C THR B 143 6.98 22.29 11.16
N GLY B 144 6.61 22.23 12.43
CA GLY B 144 7.56 22.03 13.51
C GLY B 144 8.40 23.23 13.91
N ALA B 145 8.02 24.41 13.42
CA ALA B 145 8.80 25.62 13.65
C ALA B 145 8.45 26.19 14.98
N GLY B 146 9.50 26.58 15.70
CA GLY B 146 9.36 26.99 17.08
C GLY B 146 8.71 28.33 17.23
N LYS B 147 7.64 28.40 18.01
CA LYS B 147 7.00 29.64 18.37
C LYS B 147 7.25 29.79 19.85
N THR B 148 7.14 31.01 20.32
CA THR B 148 7.28 31.25 21.72
C THR B 148 5.96 31.02 22.54
N ALA B 149 4.82 30.86 21.86
CA ALA B 149 3.48 30.65 22.48
C ALA B 149 3.12 31.73 23.46
N ILE B 150 3.51 32.95 23.07
CA ILE B 150 3.31 34.15 23.86
C ILE B 150 2.09 34.93 23.36
N GLU B 151 1.86 34.98 22.05
CA GLU B 151 0.64 35.61 21.53
C GLU B 151 -0.62 34.85 21.83
N TYR B 152 -1.62 35.53 22.32
CA TYR B 152 -2.91 34.88 22.52
C TYR B 152 -3.52 34.51 21.16
N GLN B 153 -4.07 33.30 21.05
CA GLN B 153 -4.65 32.82 19.79
C GLN B 153 -6.17 33.01 19.70
N PHE B 154 -6.79 33.44 20.79
CA PHE B 154 -8.23 33.70 20.76
C PHE B 154 -8.44 35.02 20.05
N ASP B 155 -9.50 35.07 19.28
CA ASP B 155 -9.72 36.14 18.32
C ASP B 155 -10.92 37.02 18.69
N GLN B 156 -11.50 36.81 19.87
CA GLN B 156 -12.78 37.44 20.19
C GLN B 156 -12.68 38.22 21.51
N GLY B 157 -12.67 39.56 21.39
CA GLY B 157 -12.55 40.46 22.54
C GLY B 157 -13.92 40.64 23.15
N LEU B 158 -13.97 41.23 24.34
CA LEU B 158 -15.24 41.29 25.08
C LEU B 158 -16.15 42.25 24.38
N VAL B 159 -17.33 41.81 23.99
CA VAL B 159 -18.29 42.67 23.29
C VAL B 159 -19.66 42.54 23.87
N SER B 160 -20.42 43.62 23.75
CA SER B 160 -21.75 43.65 24.30
C SER B 160 -22.67 43.25 23.18
N GLN B 161 -23.70 42.49 23.51
CA GLN B 161 -24.58 41.99 22.50
C GLN B 161 -25.88 42.75 22.43
N SER B 162 -26.25 43.44 23.50
CA SER B 162 -27.54 44.09 23.54
C SER B 162 -27.60 45.26 22.56
N ASN B 163 -28.77 45.44 21.96
CA ASN B 163 -29.01 46.51 21.01
C ASN B 163 -30.51 46.78 20.91
N GLU B 164 -30.98 47.41 19.83
CA GLU B 164 -32.39 47.82 19.72
C GLU B 164 -33.37 46.65 19.61
N ASN B 165 -32.90 45.48 19.21
CA ASN B 165 -33.79 44.34 19.11
C ASN B 165 -33.89 43.52 20.39
N THR B 166 -32.95 43.73 21.31
CA THR B 166 -32.92 42.92 22.53
C THR B 166 -34.23 42.94 23.32
N PRO B 167 -34.75 44.14 23.65
CA PRO B 167 -35.99 44.15 24.40
C PRO B 167 -37.18 43.54 23.66
N HIS B 168 -37.13 43.54 22.33
CA HIS B 168 -38.19 42.94 21.53
C HIS B 168 -38.13 41.42 21.55
N ASN B 169 -36.94 40.85 21.34
CA ASN B 169 -36.80 39.39 21.33
C ASN B 169 -36.73 38.76 22.71
N ALA B 170 -36.59 39.55 23.77
CA ALA B 170 -36.55 39.01 25.12
C ALA B 170 -37.83 38.27 25.43
N ALA B 171 -37.74 37.39 26.41
CA ALA B 171 -38.86 36.55 26.80
C ALA B 171 -39.92 37.42 27.41
N LYS B 172 -41.16 37.13 27.07
CA LYS B 172 -42.32 37.76 27.67
C LYS B 172 -42.36 37.50 29.16
N SER B 173 -41.98 36.29 29.54
CA SER B 173 -42.18 35.79 30.89
C SER B 173 -41.10 34.76 31.18
N TYR B 174 -40.71 34.63 32.44
CA TYR B 174 -39.71 33.63 32.82
C TYR B 174 -40.37 32.44 33.54
N ASP B 175 -41.15 31.69 32.77
CA ASP B 175 -41.90 30.56 33.33
C ASP B 175 -42.46 29.65 32.22
N LYS B 176 -43.23 28.65 32.62
CA LYS B 176 -43.70 27.64 31.69
C LYS B 176 -44.66 28.16 30.63
N SER B 177 -45.28 29.32 30.86
CA SER B 177 -46.15 29.91 29.85
C SER B 177 -45.38 30.18 28.60
N SER B 178 -44.26 30.90 28.76
CA SER B 178 -43.54 31.50 27.65
C SER B 178 -42.43 30.62 27.13
N PHE B 179 -42.21 29.47 27.77
CA PHE B 179 -41.14 28.55 27.37
C PHE B 179 -41.58 27.09 27.27
N GLU B 180 -41.44 26.50 26.09
CA GLU B 180 -41.66 25.07 25.95
C GLU B 180 -40.55 24.37 26.72
N ASN B 181 -40.90 23.41 27.59
CA ASN B 181 -39.92 22.81 28.49
C ASN B 181 -40.27 21.40 28.94
N VAL B 182 -39.34 20.78 29.64
CA VAL B 182 -39.54 19.49 30.25
C VAL B 182 -39.06 19.65 31.67
N ASP B 183 -39.97 19.43 32.63
CA ASP B 183 -39.67 19.52 34.07
C ASP B 183 -38.94 20.82 34.42
N GLY B 184 -39.24 21.90 33.68
CA GLY B 184 -38.57 23.18 33.88
C GLY B 184 -37.37 23.45 32.99
N TYR B 185 -36.70 22.43 32.52
CA TYR B 185 -35.48 22.62 31.73
C TYR B 185 -35.79 22.94 30.29
N LEU B 186 -34.81 23.45 29.55
CA LEU B 186 -35.00 23.81 28.14
C LEU B 186 -34.28 22.87 27.21
N THR B 187 -34.70 22.82 25.96
CA THR B 187 -34.09 21.93 24.99
C THR B 187 -33.68 22.66 23.73
N ALA B 188 -32.86 22.04 22.90
CA ALA B 188 -32.40 22.68 21.68
C ALA B 188 -33.55 23.15 20.80
N ASP B 189 -34.64 22.39 20.80
CA ASP B 189 -35.78 22.68 19.93
C ASP B 189 -36.90 23.37 20.70
N THR B 190 -36.57 23.92 21.86
CA THR B 190 -37.49 24.79 22.57
C THR B 190 -37.89 25.98 21.72
N TRP B 191 -39.18 26.29 21.76
CA TRP B 191 -39.71 27.55 21.27
C TRP B 191 -40.17 28.34 22.49
N TYR B 192 -40.15 29.66 22.36
CA TYR B 192 -40.53 30.56 23.45
C TYR B 192 -41.35 31.71 22.92
N ARG B 193 -41.89 32.51 23.82
CA ARG B 193 -42.72 33.66 23.48
C ARG B 193 -41.91 34.95 23.63
N PRO B 194 -41.50 35.57 22.52
CA PRO B 194 -40.81 36.84 22.66
C PRO B 194 -41.78 37.95 23.04
N THR B 195 -41.27 39.00 23.69
CA THR B 195 -42.08 40.14 24.06
C THR B 195 -42.83 40.70 22.85
N ASP B 196 -42.10 40.95 21.78
CA ASP B 196 -42.67 41.43 20.52
C ASP B 196 -42.24 40.54 19.34
N ILE B 197 -42.97 40.74 18.25
CA ILE B 197 -42.76 39.98 17.02
C ILE B 197 -42.55 40.93 15.85
N LEU B 198 -41.48 40.71 15.09
CA LEU B 198 -41.21 41.51 13.88
C LEU B 198 -42.11 40.99 12.76
N LYS B 199 -43.41 41.25 12.84
CA LYS B 199 -44.32 40.64 11.88
C LYS B 199 -43.94 41.08 10.47
N ASN B 200 -43.90 40.10 9.57
CA ASN B 200 -43.63 40.35 8.14
C ASN B 200 -42.28 41.02 7.86
N GLY B 201 -41.44 41.11 8.89
CA GLY B 201 -40.18 41.83 8.81
C GLY B 201 -40.33 43.33 8.77
N ASP B 202 -41.46 43.87 9.21
CA ASP B 202 -41.72 45.31 9.07
C ASP B 202 -41.86 46.02 10.39
N THR B 203 -42.86 45.57 11.15
CA THR B 203 -43.28 46.27 12.34
C THR B 203 -43.30 45.33 13.52
N TRP B 204 -42.70 45.81 14.60
CA TRP B 204 -42.70 45.10 15.86
C TRP B 204 -44.08 45.24 16.47
N THR B 205 -44.68 44.11 16.85
CA THR B 205 -45.98 44.09 17.49
C THR B 205 -45.97 43.16 18.69
N ALA B 206 -46.69 43.53 19.74
CA ALA B 206 -46.77 42.73 20.95
C ALA B 206 -47.18 41.33 20.58
N SER B 207 -46.66 40.35 21.31
CA SER B 207 -46.97 38.95 21.02
C SER B 207 -48.25 38.50 21.72
N THR B 208 -48.99 37.61 21.06
CA THR B 208 -50.12 36.89 21.65
C THR B 208 -49.67 35.51 22.02
N GLU B 209 -50.33 34.91 23.02
CA GLU B 209 -49.86 33.65 23.63
C GLU B 209 -49.47 32.56 22.63
N THR B 210 -50.14 32.53 21.49
CA THR B 210 -49.83 31.56 20.45
C THR B 210 -48.59 31.89 19.62
N ASP B 211 -48.13 33.14 19.63
CA ASP B 211 -46.96 33.57 18.85
C ASP B 211 -45.63 33.07 19.45
N MET B 212 -45.36 31.78 19.27
CA MET B 212 -44.16 31.16 19.80
C MET B 212 -43.09 31.16 18.72
N ARG B 213 -41.84 31.30 19.12
CA ARG B 213 -40.75 31.33 18.17
C ARG B 213 -39.62 30.44 18.69
N PRO B 214 -38.81 29.89 17.77
CA PRO B 214 -37.72 29.02 18.20
C PRO B 214 -36.63 29.77 18.91
N LEU B 215 -36.18 29.23 20.02
CA LEU B 215 -35.09 29.81 20.76
C LEU B 215 -33.85 30.02 19.88
N LEU B 216 -33.62 29.13 18.93
CA LEU B 216 -32.44 29.23 18.06
C LEU B 216 -32.49 30.36 17.01
N MET B 217 -33.63 31.06 16.94
CA MET B 217 -33.74 32.27 16.14
C MET B 217 -33.01 33.43 16.79
N THR B 218 -32.86 33.33 18.11
CA THR B 218 -32.40 34.41 18.96
C THR B 218 -31.19 34.08 19.85
N TRP B 219 -30.98 32.83 20.22
CA TRP B 219 -29.92 32.47 21.15
C TRP B 219 -29.23 31.22 20.68
N TRP B 220 -27.96 31.07 21.05
CA TRP B 220 -27.17 29.90 20.69
C TRP B 220 -26.27 29.56 21.85
N PRO B 221 -25.92 28.28 22.01
CA PRO B 221 -25.05 27.87 23.11
C PRO B 221 -23.61 28.31 22.95
N ASP B 222 -23.18 28.55 21.71
CA ASP B 222 -21.80 28.89 21.40
C ASP B 222 -21.69 29.40 19.95
N LYS B 223 -20.54 29.93 19.57
CA LYS B 223 -20.45 30.49 18.22
C LYS B 223 -20.46 29.44 17.13
N GLN B 224 -19.88 28.27 17.39
CA GLN B 224 -19.89 27.20 16.42
C GLN B 224 -21.32 26.86 16.00
N THR B 225 -22.18 26.69 17.00
CA THR B 225 -23.58 26.38 16.76
C THR B 225 -24.27 27.52 16.06
N GLN B 226 -23.99 28.74 16.51
CA GLN B 226 -24.58 29.90 15.86
C GLN B 226 -24.20 29.92 14.38
N ALA B 227 -22.93 29.66 14.08
CA ALA B 227 -22.46 29.77 12.70
C ALA B 227 -23.10 28.68 11.87
N ASN B 228 -23.30 27.53 12.47
CA ASN B 228 -23.93 26.44 11.75
C ASN B 228 -25.40 26.72 11.47
N TYR B 229 -26.09 27.27 12.46
CA TYR B 229 -27.46 27.68 12.27
C TYR B 229 -27.57 28.64 11.10
N LEU B 230 -26.70 29.65 11.05
CA LEU B 230 -26.78 30.67 10.00
C LEU B 230 -26.56 30.06 8.63
N ASN B 231 -25.56 29.19 8.55
CA ASN B 231 -25.25 28.55 7.29
C ASN B 231 -26.39 27.66 6.85
N PHE B 232 -26.99 26.94 7.77
CA PHE B 232 -28.10 26.01 7.45
C PHE B 232 -29.35 26.71 6.93
N MET B 233 -29.77 27.75 7.63
CA MET B 233 -30.94 28.51 7.25
C MET B 233 -30.73 29.27 5.94
N SER B 234 -29.53 29.83 5.75
CA SER B 234 -29.13 30.42 4.46
C SER B 234 -29.39 29.50 3.27
N SER B 235 -29.03 28.24 3.44
CA SER B 235 -29.13 27.23 2.39
C SER B 235 -30.55 26.88 1.99
N LYS B 236 -31.50 27.28 2.82
CA LYS B 236 -32.89 26.98 2.55
C LYS B 236 -33.66 28.14 1.92
N GLY B 237 -32.94 29.03 1.24
CA GLY B 237 -33.57 30.11 0.48
C GLY B 237 -33.64 31.42 1.27
N LEU B 238 -33.38 31.33 2.58
CA LEU B 238 -33.48 32.45 3.53
C LEU B 238 -32.29 33.41 3.35
N GLY B 239 -31.16 32.93 2.85
CA GLY B 239 -30.05 33.82 2.52
C GLY B 239 -29.29 33.34 1.29
N ILE B 240 -28.45 34.22 0.72
CA ILE B 240 -27.41 33.78 -0.21
C ILE B 240 -26.54 32.84 0.61
N THR B 241 -26.32 31.63 0.09
CA THR B 241 -25.61 30.56 0.85
C THR B 241 -24.29 31.08 1.41
N THR B 242 -24.07 30.80 2.69
CA THR B 242 -22.95 31.42 3.39
C THR B 242 -22.14 30.42 4.16
N THR B 243 -20.92 30.84 4.44
CA THR B 243 -20.01 30.08 5.22
C THR B 243 -19.60 30.99 6.32
N TYR B 244 -19.87 30.57 7.53
CA TYR B 244 -19.44 31.26 8.69
C TYR B 244 -18.72 30.25 9.52
N THR B 245 -17.81 30.69 10.38
CA THR B 245 -17.10 29.80 11.28
C THR B 245 -17.25 30.32 12.68
N ALA B 246 -16.90 29.50 13.65
CA ALA B 246 -16.78 29.96 15.01
C ALA B 246 -15.76 31.09 15.11
N ALA B 247 -14.82 31.15 14.18
CA ALA B 247 -13.83 32.23 14.12
C ALA B 247 -14.41 33.60 13.73
N THR B 248 -15.53 33.60 13.00
CA THR B 248 -16.24 34.84 12.63
C THR B 248 -16.54 35.67 13.87
N SER B 249 -16.52 36.99 13.73
CA SER B 249 -16.74 37.86 14.88
C SER B 249 -18.16 37.71 15.35
N GLN B 250 -18.35 37.90 16.65
CA GLN B 250 -19.65 37.74 17.27
C GLN B 250 -20.65 38.74 16.69
N LYS B 251 -20.16 39.95 16.42
CA LYS B 251 -20.98 41.03 15.90
C LYS B 251 -21.56 40.67 14.54
N THR B 252 -20.71 40.12 13.69
CA THR B 252 -21.13 39.75 12.36
C THR B 252 -22.18 38.65 12.39
N LEU B 253 -21.98 37.67 13.27
CA LEU B 253 -22.90 36.54 13.37
C LEU B 253 -24.26 37.02 13.87
N ASN B 254 -24.26 37.91 14.87
CA ASN B 254 -25.51 38.45 15.41
C ASN B 254 -26.28 39.25 14.39
N ASP B 255 -25.57 40.04 13.59
CA ASP B 255 -26.20 40.80 12.49
C ASP B 255 -26.83 39.88 11.46
N ALA B 256 -26.11 38.82 11.14
CA ALA B 256 -26.58 37.85 10.18
C ALA B 256 -27.76 37.06 10.72
N ALA B 257 -27.81 36.85 12.03
CA ALA B 257 -28.94 36.19 12.64
C ALA B 257 -30.21 37.02 12.46
N PHE B 258 -30.06 38.33 12.55
CA PHE B 258 -31.20 39.21 12.43
C PHE B 258 -31.74 39.27 11.01
N VAL B 259 -30.86 39.28 10.01
CA VAL B 259 -31.35 39.28 8.61
C VAL B 259 -32.06 37.97 8.33
N ILE B 260 -31.61 36.90 8.96
CA ILE B 260 -32.34 35.63 8.86
C ILE B 260 -33.68 35.72 9.60
N GLN B 261 -33.70 36.38 10.76
CA GLN B 261 -34.96 36.51 11.52
C GLN B 261 -35.98 37.24 10.67
N THR B 262 -35.55 38.34 10.05
CA THR B 262 -36.41 39.10 9.14
C THR B 262 -36.98 38.18 8.05
N ALA B 263 -36.09 37.51 7.32
CA ALA B 263 -36.52 36.58 6.26
C ALA B 263 -37.49 35.53 6.78
N ILE B 264 -37.28 35.07 8.02
CA ILE B 264 -38.17 34.09 8.62
C ILE B 264 -39.59 34.65 8.79
N GLU B 265 -39.70 35.86 9.30
CA GLU B 265 -41.01 36.43 9.55
C GLU B 265 -41.75 36.67 8.25
N GLN B 266 -41.00 36.85 7.16
CA GLN B 266 -41.59 37.03 5.84
C GLN B 266 -42.19 35.76 5.29
N GLN B 267 -41.50 34.65 5.47
CA GLN B 267 -42.05 33.38 5.05
C GLN B 267 -43.13 32.87 5.98
N ILE B 268 -43.20 33.40 7.21
CA ILE B 268 -44.31 33.09 8.10
C ILE B 268 -45.57 33.81 7.63
N SER B 269 -45.42 35.07 7.22
CA SER B 269 -46.54 35.80 6.65
C SER B 269 -46.97 35.20 5.31
N LEU B 270 -46.01 34.85 4.48
CA LEU B 270 -46.28 34.30 3.15
C LEU B 270 -47.04 32.98 3.27
N LYS B 271 -46.56 32.08 4.13
CA LYS B 271 -47.18 30.76 4.32
C LYS B 271 -48.34 30.73 5.33
N LYS B 272 -48.44 31.77 6.18
CA LYS B 272 -49.43 31.83 7.29
C LYS B 272 -49.35 30.63 8.22
N SER B 273 -48.13 30.16 8.45
CA SER B 273 -47.88 28.91 9.17
C SER B 273 -46.49 28.98 9.78
N THR B 274 -46.27 28.19 10.82
CA THR B 274 -44.94 28.02 11.41
C THR B 274 -44.49 26.56 11.39
N GLU B 275 -45.27 25.67 10.79
CA GLU B 275 -44.92 24.25 10.78
C GLU B 275 -43.69 23.97 9.93
N TRP B 276 -43.56 24.70 8.83
CA TRP B 276 -42.38 24.63 7.98
C TRP B 276 -41.10 24.92 8.78
N LEU B 277 -41.20 25.84 9.73
CA LEU B 277 -40.09 26.20 10.59
C LEU B 277 -39.81 25.13 11.65
N ARG B 278 -40.86 24.58 12.26
CA ARG B 278 -40.70 23.47 13.19
C ARG B 278 -39.83 22.36 12.58
N ASP B 279 -40.08 22.06 11.31
CA ASP B 279 -39.37 21.01 10.60
C ASP B 279 -37.94 21.43 10.26
N ALA B 280 -37.77 22.71 9.94
CA ALA B 280 -36.43 23.23 9.68
C ALA B 280 -35.57 23.21 10.95
N ILE B 281 -36.14 23.59 12.07
CA ILE B 281 -35.39 23.59 13.32
C ILE B 281 -35.07 22.14 13.72
N ASP B 282 -36.06 21.26 13.72
CA ASP B 282 -35.85 19.85 14.03
C ASP B 282 -34.70 19.24 13.26
N SER B 283 -34.69 19.49 11.95
CA SER B 283 -33.65 19.01 11.05
C SER B 283 -32.32 19.56 11.43
N PHE B 284 -32.26 20.87 11.62
CA PHE B 284 -31.03 21.51 11.96
C PHE B 284 -30.47 20.95 13.26
N VAL B 285 -31.32 20.79 14.24
CA VAL B 285 -30.86 20.36 15.55
C VAL B 285 -30.17 19.00 15.50
N LYS B 286 -30.69 18.10 14.69
CA LYS B 286 -30.12 16.75 14.60
C LYS B 286 -28.75 16.76 13.94
N THR B 287 -28.49 17.79 13.14
CA THR B 287 -27.17 18.04 12.53
C THR B 287 -26.04 18.18 13.54
N GLN B 288 -26.33 18.71 14.71
CA GLN B 288 -25.29 19.03 15.67
C GLN B 288 -24.94 17.87 16.60
N ALA B 289 -23.64 17.59 16.76
CA ALA B 289 -23.18 16.45 17.55
C ALA B 289 -23.64 16.44 19.01
N ASN B 290 -23.67 17.58 19.65
CA ASN B 290 -24.20 17.63 21.01
C ASN B 290 -25.68 17.30 21.13
N TRP B 291 -26.39 17.36 20.01
CA TRP B 291 -27.81 17.09 19.96
C TRP B 291 -28.16 15.86 19.13
N ASN B 292 -27.20 14.96 18.95
CA ASN B 292 -27.47 13.69 18.31
C ASN B 292 -26.61 12.56 18.88
N LYS B 293 -26.66 11.38 18.26
CA LYS B 293 -26.08 10.19 18.88
C LYS B 293 -24.56 10.19 18.94
N GLN B 294 -23.94 11.12 18.24
CA GLN B 294 -22.50 11.17 18.20
C GLN B 294 -21.91 11.44 19.56
N THR B 295 -22.66 12.11 20.40
CA THR B 295 -22.25 12.31 21.76
C THR B 295 -22.80 11.26 22.73
N GLU B 296 -23.40 10.20 22.17
CA GLU B 296 -24.01 9.13 22.98
C GLU B 296 -23.19 7.82 22.98
N ASP B 297 -22.11 7.79 22.22
CA ASP B 297 -21.23 6.62 22.20
C ASP B 297 -21.94 5.34 21.80
N GLU B 298 -22.67 5.40 20.68
CA GLU B 298 -23.30 4.20 20.12
C GLU B 298 -22.26 3.08 20.07
N ALA B 299 -22.65 1.90 20.55
CA ALA B 299 -21.83 0.70 20.52
C ALA B 299 -22.73 -0.53 20.27
N PHE B 300 -22.15 -1.60 19.74
CA PHE B 300 -22.93 -2.81 19.41
C PHE B 300 -22.41 -4.13 19.98
N ASP B 301 -21.55 -4.10 20.97
CA ASP B 301 -21.07 -5.36 21.49
C ASP B 301 -21.96 -5.78 22.62
N GLY B 302 -22.12 -7.08 22.81
CA GLY B 302 -23.05 -7.61 23.79
C GLY B 302 -24.49 -7.29 23.39
N LEU B 303 -25.37 -7.20 24.38
CA LEU B 303 -26.76 -6.93 24.11
C LEU B 303 -27.00 -5.55 23.52
N GLN B 304 -25.98 -4.70 23.59
CA GLN B 304 -25.99 -3.42 22.92
C GLN B 304 -26.17 -3.59 21.42
N TRP B 305 -25.82 -4.78 20.91
CA TRP B 305 -26.11 -5.19 19.53
C TRP B 305 -27.56 -4.90 19.09
N LEU B 306 -28.52 -4.94 20.01
CA LEU B 306 -29.90 -4.82 19.63
C LEU B 306 -30.27 -3.43 19.27
N GLN B 307 -29.92 -2.48 20.14
CA GLN B 307 -30.39 -1.11 20.03
C GLN B 307 -29.36 0.04 20.10
N GLY B 308 -28.10 -0.31 20.29
CA GLY B 308 -27.05 0.67 20.13
C GLY B 308 -26.46 1.18 21.43
N GLY B 309 -26.99 0.77 22.58
CA GLY B 309 -26.40 1.16 23.86
C GLY B 309 -27.40 1.58 24.90
N PHE B 310 -26.99 1.61 26.16
CA PHE B 310 -27.92 1.89 27.23
C PHE B 310 -27.47 3.03 28.11
N LEU B 311 -28.46 3.71 28.69
CA LEU B 311 -28.27 4.73 29.73
C LEU B 311 -28.89 4.22 31.00
N ALA B 312 -28.15 4.28 32.10
CA ALA B 312 -28.70 3.97 33.41
C ALA B 312 -29.15 5.24 34.10
N TYR B 313 -30.36 5.26 34.63
CA TYR B 313 -30.83 6.44 35.36
C TYR B 313 -30.27 6.47 36.76
N GLN B 314 -30.05 7.68 37.27
CA GLN B 314 -29.43 7.88 38.58
C GLN B 314 -30.36 8.58 39.55
N ASP B 315 -30.12 8.31 40.84
CA ASP B 315 -30.82 8.95 41.95
C ASP B 315 -30.18 10.29 42.26
N ASP B 316 -30.81 11.39 41.83
CA ASP B 316 -30.17 12.74 41.89
C ASP B 316 -31.21 13.76 42.38
N SER B 317 -31.38 13.79 43.69
CA SER B 317 -32.40 14.62 44.30
C SER B 317 -32.21 16.12 44.08
N HIS B 318 -30.99 16.60 43.89
CA HIS B 318 -30.81 18.04 43.69
C HIS B 318 -31.32 18.54 42.33
N ARG B 319 -31.02 17.86 41.24
CA ARG B 319 -31.42 18.34 39.90
C ARG B 319 -32.68 17.70 39.31
N THR B 320 -33.00 16.49 39.73
CA THR B 320 -33.99 15.67 39.00
C THR B 320 -34.75 14.76 39.98
N PRO B 321 -35.43 15.40 40.93
CA PRO B 321 -35.98 14.67 42.09
C PRO B 321 -37.20 13.80 41.76
N ASN B 322 -37.97 14.14 40.74
CA ASN B 322 -39.11 13.29 40.33
C ASN B 322 -38.64 11.92 39.88
N THR B 323 -37.41 11.88 39.41
CA THR B 323 -36.80 10.72 38.81
C THR B 323 -36.05 9.84 39.83
N ASP B 324 -36.04 10.28 41.09
CA ASP B 324 -35.34 9.54 42.12
C ASP B 324 -35.99 8.18 42.36
N SER B 325 -35.16 7.15 42.55
CA SER B 325 -35.63 5.78 42.73
C SER B 325 -35.81 5.41 44.19
N GLY B 326 -35.62 6.36 45.10
CA GLY B 326 -35.73 6.03 46.52
C GLY B 326 -34.76 4.91 46.86
N ASN B 327 -33.56 5.03 46.28
CA ASN B 327 -32.48 4.09 46.51
C ASN B 327 -32.84 2.63 46.20
N ASN B 328 -33.55 2.44 45.10
CA ASN B 328 -33.99 1.12 44.70
C ASN B 328 -33.74 0.85 43.24
N ARG B 329 -32.48 0.77 42.86
CA ARG B 329 -32.17 0.45 41.48
C ARG B 329 -31.04 -0.55 41.49
N LYS B 330 -31.31 -1.75 42.02
CA LYS B 330 -30.32 -2.83 42.02
C LYS B 330 -30.28 -3.54 40.67
N LEU B 331 -29.10 -3.50 40.05
CA LEU B 331 -28.98 -3.98 38.70
C LEU B 331 -28.40 -5.38 38.68
N GLY B 332 -28.90 -6.23 37.77
CA GLY B 332 -28.31 -7.53 37.49
C GLY B 332 -28.47 -8.56 38.58
N ARG B 333 -29.60 -8.55 39.27
CA ARG B 333 -29.82 -9.55 40.32
C ARG B 333 -30.40 -10.83 39.73
N GLN B 334 -29.74 -11.37 38.70
CA GLN B 334 -30.15 -12.64 38.09
C GLN B 334 -29.99 -13.75 39.14
N PRO B 335 -30.46 -14.97 38.84
CA PRO B 335 -30.49 -15.99 39.87
C PRO B 335 -29.15 -16.24 40.56
N ILE B 336 -28.10 -16.38 39.76
CA ILE B 336 -26.78 -16.63 40.30
C ILE B 336 -26.22 -15.42 41.04
N ASN B 337 -26.82 -14.24 40.86
CA ASN B 337 -26.36 -13.01 41.53
C ASN B 337 -27.47 -12.34 42.29
N ILE B 338 -28.38 -13.13 42.82
CA ILE B 338 -29.58 -12.58 43.43
C ILE B 338 -29.22 -11.67 44.60
N ASP B 339 -28.11 -11.97 45.26
CA ASP B 339 -27.67 -11.18 46.41
C ASP B 339 -26.59 -10.12 46.11
N GLY B 340 -26.31 -9.86 44.83
CA GLY B 340 -25.25 -8.92 44.45
C GLY B 340 -23.81 -9.37 44.67
N SER B 341 -23.60 -10.60 45.15
CA SER B 341 -22.26 -11.03 45.53
C SER B 341 -21.33 -11.24 44.35
N LYS B 342 -21.85 -11.23 43.13
CA LYS B 342 -21.01 -11.27 41.93
C LYS B 342 -21.08 -9.96 41.13
N ASP B 343 -21.38 -8.84 41.78
CA ASP B 343 -21.56 -7.55 41.08
C ASP B 343 -20.32 -7.10 40.34
N THR B 344 -19.15 -7.46 40.86
CA THR B 344 -17.88 -7.01 40.26
C THR B 344 -17.36 -7.92 39.13
N THR B 345 -18.05 -9.02 38.86
CA THR B 345 -17.65 -10.00 37.85
C THR B 345 -18.64 -10.05 36.67
N ASP B 346 -18.34 -10.90 35.70
CA ASP B 346 -19.27 -11.17 34.59
C ASP B 346 -20.54 -11.94 35.03
N GLY B 347 -20.54 -12.45 36.26
CA GLY B 347 -21.71 -13.06 36.86
C GLY B 347 -22.80 -12.06 37.28
N LYS B 348 -22.53 -10.77 37.22
CA LYS B 348 -23.59 -9.79 37.34
C LYS B 348 -24.46 -9.89 36.10
N GLY B 349 -25.75 -9.84 36.33
CA GLY B 349 -26.72 -10.06 35.27
C GLY B 349 -26.77 -8.91 34.31
N SER B 350 -27.04 -9.20 33.06
CA SER B 350 -27.24 -8.16 32.07
C SER B 350 -28.66 -7.58 32.24
N GLU B 351 -28.81 -6.58 33.10
CA GLU B 351 -30.12 -6.04 33.45
C GLU B 351 -30.79 -5.37 32.26
N PHE B 352 -29.96 -4.84 31.36
CA PHE B 352 -30.47 -4.07 30.27
C PHE B 352 -30.53 -4.93 29.07
N LEU B 353 -31.71 -4.95 28.46
CA LEU B 353 -31.93 -5.73 27.25
C LEU B 353 -32.57 -4.89 26.16
N LEU B 354 -33.79 -4.43 26.40
CA LEU B 354 -34.50 -3.66 25.41
C LEU B 354 -35.32 -2.56 26.02
N ALA B 355 -35.47 -1.49 25.24
CA ALA B 355 -36.39 -0.40 25.50
C ALA B 355 -36.20 0.21 26.90
N ASN B 356 -37.30 0.46 27.59
CA ASN B 356 -37.26 1.01 28.92
C ASN B 356 -37.21 -0.11 29.90
N ASP B 357 -36.13 -0.24 30.65
CA ASP B 357 -35.96 -1.38 31.53
C ASP B 357 -36.57 -1.04 32.86
N ILE B 358 -37.55 -1.84 33.25
CA ILE B 358 -38.32 -1.66 34.47
C ILE B 358 -37.49 -2.10 35.68
N ASP B 359 -37.57 -1.30 36.74
CA ASP B 359 -36.84 -1.59 37.99
C ASP B 359 -37.58 -2.60 38.86
N ASN B 360 -37.38 -3.89 38.56
CA ASN B 360 -38.01 -4.97 39.32
C ASN B 360 -37.33 -5.24 40.67
N SER B 361 -36.36 -4.43 41.07
CA SER B 361 -35.79 -4.50 42.43
C SER B 361 -36.53 -3.61 43.40
N ASN B 362 -37.45 -2.79 42.90
CA ASN B 362 -38.24 -1.89 43.73
C ASN B 362 -39.52 -2.59 44.25
N PRO B 363 -39.67 -2.72 45.57
CA PRO B 363 -40.84 -3.43 46.10
C PRO B 363 -42.19 -2.97 45.56
N ILE B 364 -42.34 -1.67 45.30
CA ILE B 364 -43.57 -1.16 44.73
C ILE B 364 -43.82 -1.72 43.32
N VAL B 365 -42.76 -1.78 42.52
CA VAL B 365 -42.85 -2.35 41.18
C VAL B 365 -43.09 -3.87 41.25
N GLN B 366 -42.46 -4.54 42.22
CA GLN B 366 -42.69 -5.98 42.43
C GLN B 366 -44.19 -6.28 42.68
N ALA B 367 -44.84 -5.44 43.48
CA ALA B 367 -46.28 -5.61 43.75
C ALA B 367 -47.08 -5.47 42.48
N GLU B 368 -46.70 -4.50 41.67
CA GLU B 368 -47.41 -4.23 40.44
C GLU B 368 -47.28 -5.41 39.47
N GLN B 369 -46.11 -6.04 39.46
CA GLN B 369 -45.91 -7.21 38.59
C GLN B 369 -46.81 -8.38 39.03
N LEU B 370 -47.07 -8.47 40.32
CA LEU B 370 -47.96 -9.52 40.85
C LEU B 370 -49.41 -9.23 40.49
N ASN B 371 -49.79 -7.95 40.56
CA ASN B 371 -51.09 -7.51 40.11
C ASN B 371 -51.30 -7.94 38.67
N TRP B 372 -50.33 -7.68 37.82
CA TRP B 372 -50.43 -8.04 36.43
C TRP B 372 -50.56 -9.54 36.29
N LEU B 373 -49.78 -10.27 37.08
CA LEU B 373 -49.80 -11.72 37.03
C LEU B 373 -51.15 -12.25 37.40
N HIS B 374 -51.75 -11.64 38.42
CA HIS B 374 -53.07 -12.03 38.83
C HIS B 374 -54.08 -11.77 37.73
N TYR B 375 -53.95 -10.59 37.11
CA TYR B 375 -54.85 -10.23 36.02
C TYR B 375 -54.79 -11.24 34.90
N LEU B 376 -53.61 -11.76 34.60
CA LEU B 376 -53.46 -12.74 33.52
C LEU B 376 -54.08 -14.09 33.89
N MET B 377 -53.81 -14.54 35.11
CA MET B 377 -54.33 -15.82 35.58
C MET B 377 -55.83 -15.80 35.82
N ASN B 378 -56.41 -14.59 35.88
CA ASN B 378 -57.85 -14.44 35.96
C ASN B 378 -58.39 -13.57 34.85
N PHE B 379 -57.74 -13.58 33.70
CA PHE B 379 -58.10 -12.66 32.62
C PHE B 379 -59.56 -12.80 32.24
N GLY B 380 -60.02 -14.03 32.06
CA GLY B 380 -61.40 -14.30 31.66
C GLY B 380 -62.45 -13.89 32.68
N SER B 381 -62.19 -14.14 33.96
CA SER B 381 -63.10 -13.73 35.03
C SER B 381 -63.26 -12.22 35.05
N ILE B 382 -62.14 -11.52 34.87
CA ILE B 382 -62.13 -10.08 35.01
C ILE B 382 -62.71 -9.34 33.81
N THR B 383 -62.37 -9.77 32.61
CA THR B 383 -62.72 -9.05 31.38
C THR B 383 -63.97 -9.55 30.64
N GLY B 384 -64.39 -10.78 30.93
CA GLY B 384 -65.62 -11.34 30.31
C GLY B 384 -66.56 -12.07 31.26
N ASN B 385 -66.30 -11.94 32.56
CA ASN B 385 -66.97 -12.71 33.58
C ASN B 385 -67.16 -14.17 33.17
N ASN B 386 -66.11 -14.76 32.57
CA ASN B 386 -66.08 -16.12 32.02
C ASN B 386 -64.97 -16.92 32.70
N ASP B 387 -65.32 -17.66 33.75
CA ASP B 387 -64.33 -18.41 34.54
C ASP B 387 -63.64 -19.54 33.77
N ASN B 388 -64.01 -19.76 32.52
CA ASN B 388 -63.34 -20.74 31.66
C ASN B 388 -62.36 -20.14 30.65
N ALA B 389 -62.15 -18.84 30.71
CA ALA B 389 -61.32 -18.18 29.75
C ALA B 389 -60.07 -17.62 30.45
N ASN B 390 -59.54 -18.35 31.44
CA ASN B 390 -58.39 -17.89 32.22
C ASN B 390 -57.12 -18.66 31.90
N PHE B 391 -56.00 -17.96 31.85
CA PHE B 391 -54.71 -18.63 31.62
C PHE B 391 -54.40 -19.57 32.78
N ASP B 392 -53.69 -20.66 32.51
CA ASP B 392 -53.40 -21.66 33.55
C ASP B 392 -51.99 -21.60 34.06
N GLY B 393 -51.06 -21.11 33.26
CA GLY B 393 -49.65 -21.09 33.66
C GLY B 393 -48.93 -20.01 32.93
N ILE B 394 -47.63 -19.89 33.20
CA ILE B 394 -46.87 -18.78 32.65
C ILE B 394 -45.51 -19.21 32.07
N ARG B 395 -45.05 -18.43 31.10
CA ARG B 395 -43.67 -18.44 30.65
C ARG B 395 -43.07 -17.15 31.17
N VAL B 396 -41.93 -17.24 31.86
CA VAL B 396 -41.25 -16.04 32.33
C VAL B 396 -40.19 -15.65 31.30
N ASP B 397 -40.46 -14.55 30.59
CA ASP B 397 -39.53 -14.02 29.57
C ASP B 397 -38.31 -13.35 30.24
N ALA B 398 -37.12 -13.65 29.72
CA ALA B 398 -35.93 -12.88 30.04
C ALA B 398 -35.58 -12.92 31.53
N VAL B 399 -35.50 -14.15 32.03
CA VAL B 399 -35.20 -14.40 33.44
C VAL B 399 -33.87 -13.78 33.92
N ASP B 400 -32.86 -13.86 33.07
CA ASP B 400 -31.55 -13.40 33.46
C ASP B 400 -31.39 -11.86 33.38
N ASN B 401 -32.36 -11.18 32.77
CA ASN B 401 -32.37 -9.72 32.64
C ASN B 401 -33.23 -8.94 33.64
N VAL B 402 -33.64 -9.61 34.70
CA VAL B 402 -34.50 -9.05 35.72
C VAL B 402 -34.06 -9.53 37.08
N ASP B 403 -34.69 -8.96 38.10
CA ASP B 403 -34.46 -9.35 39.47
C ASP B 403 -35.09 -10.72 39.74
N ALA B 404 -34.29 -11.66 40.18
CA ALA B 404 -34.73 -13.03 40.40
C ALA B 404 -35.81 -13.18 41.49
N ASP B 405 -36.06 -12.14 42.27
CA ASP B 405 -37.19 -12.15 43.20
C ASP B 405 -38.49 -12.44 42.49
N LEU B 406 -38.64 -11.99 41.26
CA LEU B 406 -39.87 -12.25 40.52
C LEU B 406 -40.23 -13.73 40.39
N LEU B 407 -39.24 -14.61 40.42
CA LEU B 407 -39.49 -16.05 40.37
C LEU B 407 -40.18 -16.53 41.64
N LYS B 408 -39.69 -16.00 42.77
CA LYS B 408 -40.22 -16.37 44.07
C LYS B 408 -41.62 -15.82 44.25
N ILE B 409 -41.80 -14.59 43.80
CA ILE B 409 -43.12 -13.93 43.86
C ILE B 409 -44.15 -14.75 43.08
N ALA B 410 -43.82 -15.13 41.85
CA ALA B 410 -44.68 -15.95 41.01
C ALA B 410 -44.87 -17.35 41.62
N GLY B 411 -43.79 -17.97 42.09
CA GLY B 411 -43.87 -19.30 42.71
C GLY B 411 -44.85 -19.34 43.88
N ASP B 412 -44.63 -18.41 44.82
CA ASP B 412 -45.44 -18.34 46.02
C ASP B 412 -46.89 -18.02 45.77
N TYR B 413 -47.14 -17.19 44.75
CA TYR B 413 -48.52 -16.87 44.32
C TYR B 413 -49.26 -18.13 43.90
N PHE B 414 -48.65 -18.91 43.03
CA PHE B 414 -49.25 -20.17 42.58
C PHE B 414 -49.42 -21.17 43.73
N LYS B 415 -48.50 -21.15 44.70
CA LYS B 415 -48.63 -22.01 45.86
C LYS B 415 -49.84 -21.62 46.67
N ALA B 416 -49.96 -20.33 46.93
CA ALA B 416 -51.06 -19.79 47.72
C ALA B 416 -52.43 -20.05 47.07
N LEU B 417 -52.57 -19.76 45.79
CA LEU B 417 -53.87 -19.80 45.12
C LEU B 417 -54.24 -21.13 44.56
N TYR B 418 -53.26 -21.98 44.22
CA TYR B 418 -53.57 -23.27 43.57
C TYR B 418 -53.01 -24.51 44.32
N GLY B 419 -52.34 -24.30 45.45
CA GLY B 419 -51.75 -25.38 46.20
C GLY B 419 -50.85 -26.25 45.35
N THR B 420 -49.99 -25.63 44.55
CA THR B 420 -49.12 -26.36 43.64
C THR B 420 -48.07 -27.19 44.38
N ASP B 421 -47.76 -26.81 45.61
CA ASP B 421 -46.83 -27.58 46.43
C ASP B 421 -47.48 -28.76 47.16
N LYS B 422 -48.79 -28.91 47.00
CA LYS B 422 -49.58 -29.98 47.64
C LYS B 422 -49.52 -31.32 46.93
N SER B 423 -49.60 -31.31 45.61
CA SER B 423 -49.68 -32.54 44.84
C SER B 423 -49.17 -32.32 43.43
N ASP B 424 -48.88 -33.42 42.75
CA ASP B 424 -48.50 -33.36 41.35
C ASP B 424 -49.68 -32.96 40.45
N ALA B 425 -50.91 -33.30 40.85
CA ALA B 425 -52.09 -32.94 40.07
C ALA B 425 -52.34 -31.44 40.06
N ASN B 426 -52.14 -30.81 41.22
CA ASN B 426 -52.22 -29.35 41.33
C ASN B 426 -51.10 -28.65 40.55
N ALA B 427 -49.89 -29.10 40.77
CA ALA B 427 -48.73 -28.56 40.12
C ALA B 427 -48.89 -28.66 38.62
N ASN B 428 -49.22 -29.85 38.13
CA ASN B 428 -49.24 -30.09 36.68
C ASN B 428 -50.47 -29.51 36.00
N LYS B 429 -51.45 -29.04 36.77
CA LYS B 429 -52.59 -28.27 36.22
C LYS B 429 -52.22 -26.83 35.84
N HIS B 430 -51.06 -26.38 36.31
CA HIS B 430 -50.58 -25.03 36.04
C HIS B 430 -49.11 -25.08 35.62
N LEU B 431 -48.87 -25.81 34.54
CA LEU B 431 -47.54 -25.89 33.94
C LEU B 431 -46.98 -24.50 33.69
N SER B 432 -45.76 -24.26 34.17
CA SER B 432 -45.06 -22.97 34.04
C SER B 432 -43.57 -23.15 33.68
N ILE B 433 -43.10 -22.39 32.70
CA ILE B 433 -41.73 -22.55 32.20
C ILE B 433 -40.93 -21.27 32.31
N LEU B 434 -39.62 -21.39 32.27
CA LEU B 434 -38.70 -20.26 32.33
C LEU B 434 -37.89 -20.20 31.04
N GLU B 435 -37.70 -18.99 30.51
CA GLU B 435 -36.63 -18.70 29.56
C GLU B 435 -35.38 -18.32 30.39
N ASP B 436 -34.63 -19.35 30.82
CA ASP B 436 -33.47 -19.18 31.73
C ASP B 436 -32.19 -19.73 31.10
N TRP B 437 -31.51 -18.89 30.36
CA TRP B 437 -30.44 -19.39 29.49
C TRP B 437 -29.14 -19.71 30.22
N ASN B 438 -28.87 -19.08 31.37
CA ASN B 438 -27.56 -19.27 31.99
C ASN B 438 -27.37 -20.71 32.36
N GLY B 439 -26.18 -21.21 32.09
CA GLY B 439 -25.84 -22.60 32.35
C GLY B 439 -25.90 -23.04 33.80
N LYS B 440 -25.94 -22.10 34.75
CA LYS B 440 -26.04 -22.45 36.19
C LYS B 440 -27.45 -22.20 36.78
N ASP B 441 -28.39 -21.80 35.93
CA ASP B 441 -29.79 -21.59 36.35
C ASP B 441 -30.49 -22.91 36.78
N PRO B 442 -30.31 -24.03 36.05
CA PRO B 442 -30.94 -25.28 36.44
C PRO B 442 -30.74 -25.63 37.88
N GLN B 443 -29.52 -25.47 38.40
CA GLN B 443 -29.23 -25.89 39.77
C GLN B 443 -29.84 -24.93 40.78
N TYR B 444 -29.80 -23.64 40.46
CA TYR B 444 -30.51 -22.66 41.27
C TYR B 444 -32.00 -23.00 41.32
N VAL B 445 -32.63 -23.17 40.16
CA VAL B 445 -34.07 -23.41 40.09
C VAL B 445 -34.46 -24.61 40.93
N ASN B 446 -33.63 -25.62 40.90
CA ASN B 446 -33.89 -26.82 41.67
C ASN B 446 -33.70 -26.60 43.18
N GLN B 447 -32.70 -25.82 43.58
CA GLN B 447 -32.54 -25.46 45.00
C GLN B 447 -33.73 -24.67 45.49
N GLN B 448 -34.36 -23.89 44.62
CA GLN B 448 -35.55 -23.14 45.00
C GLN B 448 -36.88 -23.90 44.82
N GLY B 449 -36.82 -25.23 44.63
CA GLY B 449 -38.03 -26.08 44.63
C GLY B 449 -38.76 -26.22 43.32
N ASN B 450 -38.14 -25.86 42.22
CA ASN B 450 -38.74 -26.03 40.90
C ASN B 450 -40.15 -25.46 40.78
N ALA B 451 -40.34 -24.21 41.18
CA ALA B 451 -41.66 -23.57 41.04
C ALA B 451 -42.02 -23.38 39.57
N GLN B 452 -41.02 -23.21 38.71
CA GLN B 452 -41.25 -23.21 37.27
C GLN B 452 -40.19 -24.13 36.67
N LEU B 453 -40.51 -24.70 35.52
CA LEU B 453 -39.58 -25.63 34.88
C LEU B 453 -38.42 -24.90 34.21
N THR B 454 -37.19 -25.29 34.55
CA THR B 454 -36.03 -24.82 33.81
C THR B 454 -36.01 -25.37 32.39
N MET B 455 -35.41 -24.65 31.47
CA MET B 455 -35.11 -25.23 30.14
C MET B 455 -33.93 -26.16 30.32
N ASP B 456 -33.70 -27.02 29.32
CA ASP B 456 -32.52 -27.89 29.28
C ASP B 456 -31.70 -27.61 28.02
N TYR B 457 -30.83 -26.60 28.11
CA TYR B 457 -30.04 -26.21 26.97
C TYR B 457 -29.02 -27.27 26.58
N THR B 458 -28.62 -28.13 27.52
CA THR B 458 -27.55 -29.08 27.26
C THR B 458 -27.94 -30.01 26.11
N VAL B 459 -29.22 -30.38 26.07
CA VAL B 459 -29.71 -31.24 25.00
C VAL B 459 -29.98 -30.45 23.72
N THR B 460 -30.56 -29.27 23.84
CA THR B 460 -30.78 -28.41 22.68
C THR B 460 -29.43 -28.13 21.97
N SER B 461 -28.40 -27.91 22.78
CA SER B 461 -27.05 -27.60 22.32
C SER B 461 -26.49 -28.77 21.53
N GLN B 462 -26.64 -29.97 22.07
CA GLN B 462 -26.08 -31.14 21.44
C GLN B 462 -26.79 -31.44 20.13
N PHE B 463 -28.07 -31.08 20.01
CA PHE B 463 -28.76 -31.24 18.72
C PHE B 463 -28.11 -30.34 17.69
N GLY B 464 -27.77 -29.13 18.11
CA GLY B 464 -27.05 -28.21 17.25
C GLY B 464 -25.77 -28.82 16.72
N ASN B 465 -24.97 -29.40 17.61
CA ASN B 465 -23.64 -29.91 17.26
C ASN B 465 -23.64 -31.19 16.47
N SER B 466 -24.52 -32.09 16.83
CA SER B 466 -24.54 -33.43 16.23
C SER B 466 -25.53 -33.65 15.05
N LEU B 467 -26.54 -32.81 14.88
CA LEU B 467 -27.57 -33.03 13.85
C LEU B 467 -28.05 -31.79 13.14
N THR B 468 -28.46 -30.81 13.93
CA THR B 468 -29.20 -29.66 13.46
C THR B 468 -28.33 -28.62 12.71
N HIS B 469 -27.09 -28.43 13.13
CA HIS B 469 -26.21 -27.42 12.50
C HIS B 469 -25.08 -28.02 11.65
N GLY B 470 -24.96 -27.48 10.44
CA GLY B 470 -23.83 -27.77 9.60
C GLY B 470 -24.06 -28.92 8.66
N ALA B 471 -23.60 -28.72 7.42
CA ALA B 471 -23.75 -29.71 6.37
C ALA B 471 -22.86 -30.90 6.61
N ASN B 472 -21.70 -30.70 7.24
CA ASN B 472 -20.77 -31.82 7.42
C ASN B 472 -20.14 -32.03 8.82
N ASN B 473 -19.31 -31.09 9.29
CA ASN B 473 -18.48 -31.44 10.43
C ASN B 473 -19.34 -31.30 11.64
N ARG B 474 -19.75 -32.43 12.19
CA ARG B 474 -20.74 -32.45 13.25
C ARG B 474 -20.16 -33.29 14.34
N SER B 475 -20.53 -33.00 15.58
CA SER B 475 -20.05 -33.84 16.68
C SER B 475 -20.71 -35.18 16.56
N ASN B 476 -20.01 -36.20 16.99
CA ASN B 476 -20.60 -37.53 16.97
C ASN B 476 -21.84 -37.65 17.85
N MET B 477 -22.69 -38.60 17.47
CA MET B 477 -23.86 -38.96 18.28
C MET B 477 -23.42 -39.47 19.66
N TRP B 478 -22.22 -40.04 19.75
CA TRP B 478 -21.61 -40.40 21.03
C TRP B 478 -21.77 -39.33 22.11
N TYR B 479 -21.68 -38.07 21.73
CA TYR B 479 -21.81 -36.98 22.71
C TYR B 479 -23.15 -36.89 23.42
N PHE B 480 -24.20 -37.42 22.80
CA PHE B 480 -25.51 -37.48 23.45
C PHE B 480 -25.50 -38.36 24.70
N LEU B 481 -24.59 -39.31 24.78
CA LEU B 481 -24.56 -40.18 25.95
C LEU B 481 -24.02 -39.54 27.23
N ASP B 482 -23.01 -38.69 27.12
CA ASP B 482 -22.32 -38.14 28.29
C ASP B 482 -21.84 -39.28 29.19
N THR B 483 -20.94 -40.11 28.64
CA THR B 483 -20.45 -41.28 29.37
C THR B 483 -19.66 -40.94 30.63
N GLY B 484 -19.02 -39.79 30.64
CA GLY B 484 -18.35 -39.29 31.83
C GLY B 484 -19.23 -39.31 33.06
N TYR B 485 -20.55 -39.33 32.87
CA TYR B 485 -21.49 -39.45 33.96
C TYR B 485 -21.10 -40.63 34.85
N TYR B 486 -20.72 -41.73 34.22
CA TYR B 486 -20.21 -42.92 34.92
C TYR B 486 -18.70 -42.85 35.13
N LEU B 487 -18.24 -43.55 36.15
CA LEU B 487 -16.87 -43.50 36.58
C LEU B 487 -16.04 -44.24 35.56
N ASN B 488 -15.01 -43.56 35.04
CA ASN B 488 -14.13 -44.06 33.94
C ASN B 488 -14.83 -44.24 32.60
N GLY B 489 -16.01 -43.66 32.43
CA GLY B 489 -16.88 -43.95 31.30
C GLY B 489 -17.22 -45.42 31.08
N ASP B 490 -17.28 -46.23 32.14
CA ASP B 490 -17.50 -47.68 32.06
C ASP B 490 -18.95 -48.13 31.90
N LEU B 491 -19.33 -48.45 30.67
CA LEU B 491 -20.69 -48.81 30.39
C LEU B 491 -20.95 -50.23 30.74
N ASN B 492 -19.93 -50.93 31.21
CA ASN B 492 -20.16 -52.24 31.79
C ASN B 492 -20.42 -52.19 33.29
N LYS B 493 -19.68 -51.38 34.01
CA LYS B 493 -19.76 -51.36 35.48
C LYS B 493 -20.77 -50.34 36.04
N LYS B 494 -20.91 -49.20 35.37
CA LYS B 494 -21.95 -48.19 35.66
C LYS B 494 -21.95 -47.62 37.06
N ILE B 495 -20.79 -47.25 37.55
CA ILE B 495 -20.69 -46.67 38.86
C ILE B 495 -20.75 -45.21 38.59
N VAL B 496 -21.72 -44.52 39.19
CA VAL B 496 -21.91 -43.09 38.97
C VAL B 496 -20.76 -42.33 39.61
N ASP B 497 -20.29 -41.30 38.94
CA ASP B 497 -19.17 -40.56 39.47
C ASP B 497 -19.73 -39.43 40.33
N LYS B 498 -19.55 -39.60 41.64
CA LYS B 498 -20.02 -38.65 42.63
C LYS B 498 -19.25 -37.32 42.56
N ASN B 499 -17.98 -37.43 42.19
CA ASN B 499 -17.06 -36.32 42.17
C ASN B 499 -16.96 -35.67 40.78
N ARG B 500 -17.99 -35.81 39.94
CA ARG B 500 -17.90 -35.25 38.57
C ARG B 500 -17.83 -33.72 38.64
N PRO B 501 -17.07 -33.11 37.70
CA PRO B 501 -16.67 -31.67 37.53
C PRO B 501 -17.81 -30.67 37.22
N ASN B 502 -19.07 -31.15 37.25
CA ASN B 502 -20.34 -30.38 37.03
C ASN B 502 -20.58 -30.06 35.56
N SER B 503 -19.92 -30.86 34.73
CA SER B 503 -19.91 -30.69 33.30
C SER B 503 -20.65 -31.92 32.79
N GLY B 504 -21.67 -31.70 31.98
CA GLY B 504 -22.39 -32.84 31.38
C GLY B 504 -23.80 -32.46 31.03
N THR B 505 -24.53 -33.41 30.47
CA THR B 505 -25.94 -33.21 30.14
C THR B 505 -26.77 -33.34 31.44
N LEU B 506 -27.87 -32.60 31.51
CA LEU B 506 -28.69 -32.49 32.73
C LEU B 506 -29.26 -33.80 33.23
N VAL B 507 -29.68 -34.64 32.29
CA VAL B 507 -30.33 -35.92 32.61
C VAL B 507 -29.63 -37.01 31.83
N ASN B 508 -29.03 -37.97 32.53
CA ASN B 508 -28.38 -39.05 31.82
C ASN B 508 -29.43 -40.06 31.36
N ARG B 509 -29.26 -40.55 30.13
CA ARG B 509 -30.23 -41.46 29.53
C ARG B 509 -29.61 -42.74 29.00
N ILE B 510 -28.40 -43.06 29.47
CA ILE B 510 -27.70 -44.24 28.99
C ILE B 510 -28.45 -45.44 29.49
N ALA B 511 -28.80 -45.42 30.77
CA ALA B 511 -29.62 -46.48 31.35
C ALA B 511 -30.49 -45.92 32.46
N ASN B 512 -31.49 -45.14 32.05
CA ASN B 512 -32.35 -44.42 32.99
C ASN B 512 -33.55 -45.26 33.41
N SER B 513 -33.45 -45.83 34.61
CA SER B 513 -34.52 -46.66 35.20
C SER B 513 -35.42 -45.89 36.18
N GLY B 514 -35.26 -44.58 36.26
CA GLY B 514 -36.04 -43.76 37.21
C GLY B 514 -35.60 -43.86 38.66
N ASP B 515 -34.45 -44.45 38.92
CA ASP B 515 -33.97 -44.66 40.29
C ASP B 515 -33.28 -43.45 40.93
N THR B 516 -32.72 -42.54 40.13
CA THR B 516 -32.03 -41.37 40.67
C THR B 516 -32.85 -40.12 40.41
N LYS B 517 -32.92 -39.25 41.43
CA LYS B 517 -33.68 -38.00 41.36
C LYS B 517 -33.04 -37.07 40.33
N VAL B 518 -33.85 -36.41 39.52
CA VAL B 518 -33.32 -35.57 38.46
C VAL B 518 -34.12 -34.26 38.36
N ILE B 519 -33.53 -33.22 37.76
CA ILE B 519 -34.14 -31.89 37.75
C ILE B 519 -35.22 -31.78 36.67
N PRO B 520 -36.47 -31.49 37.07
CA PRO B 520 -37.55 -31.44 36.08
C PRO B 520 -37.34 -30.29 35.10
N ASN B 521 -37.71 -30.52 33.85
CA ASN B 521 -37.36 -29.60 32.79
C ASN B 521 -38.18 -29.71 31.53
N TYR B 522 -38.16 -28.65 30.73
CA TYR B 522 -38.65 -28.73 29.37
C TYR B 522 -37.49 -28.65 28.40
N SER B 523 -37.66 -29.17 27.20
CA SER B 523 -36.61 -29.15 26.20
C SER B 523 -37.18 -28.92 24.83
N PHE B 524 -36.36 -28.44 23.91
CA PHE B 524 -36.83 -28.18 22.55
C PHE B 524 -35.71 -28.27 21.52
N VAL B 525 -36.11 -28.35 20.26
CA VAL B 525 -35.20 -28.28 19.13
C VAL B 525 -35.11 -26.85 18.60
N ARG B 526 -36.26 -26.19 18.41
CA ARG B 526 -36.30 -24.78 18.00
C ARG B 526 -37.30 -23.99 18.82
N ALA B 527 -37.24 -22.68 18.68
CA ALA B 527 -38.17 -21.80 19.35
C ALA B 527 -38.43 -20.55 18.52
N HIS B 528 -39.41 -19.76 18.94
CA HIS B 528 -39.75 -18.52 18.24
C HIS B 528 -38.53 -17.63 18.19
N ASP B 529 -37.70 -17.76 19.23
CA ASP B 529 -36.46 -17.02 19.39
C ASP B 529 -35.19 -17.91 19.43
N TYR B 530 -35.23 -19.10 18.84
CA TYR B 530 -34.01 -19.90 18.73
C TYR B 530 -34.02 -20.60 17.39
N ASP B 531 -32.96 -20.40 16.63
CA ASP B 531 -32.81 -20.87 15.26
C ASP B 531 -33.95 -20.39 14.32
N ALA B 532 -34.45 -19.18 14.54
CA ALA B 532 -35.42 -18.61 13.64
C ALA B 532 -35.04 -17.19 13.20
N GLN B 533 -34.96 -16.29 14.18
CA GLN B 533 -34.80 -14.85 13.86
C GLN B 533 -33.52 -14.55 13.09
N ASP B 534 -32.43 -15.23 13.44
CA ASP B 534 -31.18 -15.01 12.72
C ASP B 534 -31.19 -15.58 11.28
N PRO B 535 -31.46 -16.89 11.13
CA PRO B 535 -31.58 -17.40 9.76
C PRO B 535 -32.52 -16.58 8.86
N ILE B 536 -33.71 -16.25 9.34
CA ILE B 536 -34.67 -15.54 8.51
C ILE B 536 -34.08 -14.20 8.02
N ARG B 537 -33.28 -13.55 8.88
CA ARG B 537 -32.64 -12.28 8.51
C ARG B 537 -31.43 -12.48 7.62
N LYS B 538 -30.60 -13.47 7.94
CA LYS B 538 -29.47 -13.83 7.06
C LYS B 538 -29.94 -14.06 5.64
N ALA B 539 -31.09 -14.71 5.49
CA ALA B 539 -31.67 -14.93 4.17
C ALA B 539 -32.00 -13.60 3.48
N MET B 540 -32.57 -12.65 4.22
CA MET B 540 -32.93 -11.35 3.63
C MET B 540 -31.70 -10.55 3.25
N ILE B 541 -30.68 -10.64 4.09
CA ILE B 541 -29.39 -9.97 3.85
C ILE B 541 -28.69 -10.56 2.63
N ASP B 542 -28.67 -11.89 2.57
CA ASP B 542 -28.05 -12.64 1.49
C ASP B 542 -28.68 -12.31 0.13
N HIS B 543 -29.95 -11.94 0.08
CA HIS B 543 -30.64 -11.59 -1.17
C HIS B 543 -30.85 -10.07 -1.32
N GLY B 544 -30.06 -9.29 -0.60
CA GLY B 544 -30.06 -7.82 -0.74
C GLY B 544 -31.33 -7.09 -0.32
N ILE B 545 -32.16 -7.73 0.48
CA ILE B 545 -33.43 -7.14 0.89
C ILE B 545 -33.19 -6.14 2.03
N ILE B 546 -32.22 -6.42 2.87
CA ILE B 546 -31.77 -5.46 3.88
C ILE B 546 -30.25 -5.54 3.93
N LYS B 547 -29.63 -4.59 4.62
CA LYS B 547 -28.18 -4.58 4.77
C LYS B 547 -27.72 -5.10 6.12
N ASN B 548 -28.38 -4.69 7.20
CA ASN B 548 -27.99 -5.09 8.56
C ASN B 548 -29.03 -5.90 9.30
N MET B 549 -28.58 -6.69 10.29
CA MET B 549 -29.52 -7.45 11.10
C MET B 549 -30.46 -6.56 11.90
N GLN B 550 -29.97 -5.38 12.27
CA GLN B 550 -30.77 -4.40 13.04
C GLN B 550 -31.59 -3.49 12.13
N ASP B 551 -31.48 -3.72 10.84
CA ASP B 551 -32.18 -2.91 9.88
C ASP B 551 -33.70 -3.03 10.09
N THR B 552 -34.40 -1.94 9.86
CA THR B 552 -35.85 -1.97 9.81
C THR B 552 -36.29 -2.53 8.48
N PHE B 553 -37.22 -3.48 8.52
CA PHE B 553 -37.83 -3.97 7.29
C PHE B 553 -39.34 -3.91 7.38
N THR B 554 -39.94 -3.81 6.21
CA THR B 554 -41.37 -3.78 6.05
C THR B 554 -41.89 -5.23 5.94
N PHE B 555 -43.20 -5.40 6.07
CA PHE B 555 -43.80 -6.73 5.97
C PHE B 555 -43.62 -7.32 4.57
N ASP B 556 -43.69 -6.50 3.52
CA ASP B 556 -43.42 -6.97 2.14
C ASP B 556 -42.01 -7.43 1.97
N GLN B 557 -41.10 -6.73 2.62
CA GLN B 557 -39.70 -7.12 2.60
C GLN B 557 -39.57 -8.49 3.25
N LEU B 558 -40.26 -8.67 4.37
CA LEU B 558 -40.30 -9.96 5.06
C LEU B 558 -40.88 -11.08 4.18
N ALA B 559 -41.98 -10.81 3.49
CA ALA B 559 -42.63 -11.81 2.63
C ALA B 559 -41.73 -12.32 1.52
N GLN B 560 -40.98 -11.41 0.89
CA GLN B 560 -40.03 -11.77 -0.18
C GLN B 560 -38.91 -12.64 0.33
N GLY B 561 -38.36 -12.25 1.47
CA GLY B 561 -37.31 -13.02 2.13
C GLY B 561 -37.80 -14.41 2.50
N MET B 562 -39.03 -14.47 2.99
CA MET B 562 -39.61 -15.71 3.40
C MET B 562 -39.68 -16.70 2.24
N GLU B 563 -39.90 -16.19 1.04
CA GLU B 563 -39.97 -17.08 -0.13
C GLU B 563 -38.64 -17.77 -0.41
N PHE B 564 -37.53 -17.08 -0.18
CA PHE B 564 -36.19 -17.68 -0.31
C PHE B 564 -35.94 -18.69 0.84
N TYR B 565 -36.38 -18.32 2.04
CA TYR B 565 -36.25 -19.15 3.22
C TYR B 565 -36.96 -20.47 3.04
N TYR B 566 -38.18 -20.39 2.53
CA TYR B 566 -38.97 -21.60 2.27
C TYR B 566 -38.30 -22.46 1.18
N LYS B 567 -37.86 -21.81 0.11
CA LYS B 567 -37.17 -22.47 -1.01
C LYS B 567 -35.91 -23.25 -0.54
N ASP B 568 -35.16 -22.65 0.38
CA ASP B 568 -33.97 -23.28 1.00
C ASP B 568 -34.33 -24.42 1.93
N GLN B 569 -35.37 -24.22 2.75
CA GLN B 569 -35.86 -25.23 3.69
C GLN B 569 -36.26 -26.52 2.99
N GLU B 570 -36.99 -26.38 1.87
CA GLU B 570 -37.56 -27.50 1.13
C GLU B 570 -36.67 -27.95 -0.05
N ASN B 571 -35.41 -27.52 -0.06
CA ASN B 571 -34.52 -27.81 -1.18
C ASN B 571 -34.29 -29.31 -1.34
N PRO B 572 -34.62 -29.88 -2.53
CA PRO B 572 -34.46 -31.33 -2.75
C PRO B 572 -33.02 -31.80 -2.74
N SER B 573 -32.09 -30.90 -3.04
CA SER B 573 -30.66 -31.21 -2.94
C SER B 573 -30.36 -31.79 -1.57
N GLY B 574 -31.01 -31.24 -0.55
CA GLY B 574 -30.77 -31.63 0.83
C GLY B 574 -29.87 -30.68 1.60
N PHE B 575 -29.26 -29.74 0.86
CA PHE B 575 -28.38 -28.73 1.42
C PHE B 575 -29.25 -27.58 1.93
N LYS B 576 -28.85 -27.00 3.06
CA LYS B 576 -29.58 -25.91 3.72
C LYS B 576 -28.60 -24.81 4.13
N LYS B 577 -28.87 -23.59 3.67
CA LYS B 577 -27.98 -22.48 3.93
C LYS B 577 -28.39 -21.74 5.17
N TYR B 578 -29.70 -21.52 5.35
CA TYR B 578 -30.24 -20.79 6.52
C TYR B 578 -30.94 -21.73 7.49
N ASN B 579 -31.63 -22.73 6.95
CA ASN B 579 -32.43 -23.65 7.74
C ASN B 579 -31.62 -24.74 8.42
N ASP B 580 -32.25 -25.40 9.38
CA ASP B 580 -31.63 -26.47 10.17
C ASP B 580 -31.78 -27.86 9.51
N TYR B 581 -30.74 -28.66 9.66
CA TYR B 581 -30.71 -30.02 9.14
C TYR B 581 -31.33 -30.99 10.13
N ASN B 582 -31.84 -32.11 9.61
CA ASN B 582 -32.24 -33.27 10.41
C ASN B 582 -33.33 -33.02 11.47
N LEU B 583 -34.26 -32.12 11.18
CA LEU B 583 -35.30 -31.79 12.17
C LEU B 583 -36.19 -32.97 12.56
N PRO B 584 -36.61 -33.81 11.59
CA PRO B 584 -37.31 -35.04 11.91
C PRO B 584 -36.57 -35.92 12.89
N SER B 585 -35.27 -36.13 12.63
CA SER B 585 -34.46 -37.01 13.46
C SER B 585 -34.31 -36.40 14.88
N ALA B 586 -34.18 -35.07 14.93
CA ALA B 586 -34.12 -34.35 16.20
C ALA B 586 -35.39 -34.52 17.00
N TYR B 587 -36.52 -34.36 16.34
CA TYR B 587 -37.81 -34.50 17.01
C TYR B 587 -38.03 -35.93 17.48
N ALA B 588 -37.55 -36.88 16.71
CA ALA B 588 -37.69 -38.27 17.13
C ALA B 588 -37.03 -38.50 18.46
N MET B 589 -35.90 -37.84 18.71
CA MET B 589 -35.22 -38.00 19.97
C MET B 589 -35.89 -37.17 21.06
N LEU B 590 -36.25 -35.95 20.72
CA LEU B 590 -36.89 -35.08 21.68
C LEU B 590 -38.12 -35.75 22.25
N LEU B 591 -38.89 -36.38 21.38
CA LEU B 591 -40.22 -36.88 21.74
C LEU B 591 -40.23 -38.25 22.40
N THR B 592 -39.09 -38.90 22.43
CA THR B 592 -38.96 -40.19 23.10
C THR B 592 -38.18 -40.12 24.41
N ASN B 593 -37.58 -38.97 24.72
CA ASN B 593 -36.72 -38.87 25.89
C ASN B 593 -37.50 -38.90 27.20
N LYS B 594 -37.01 -39.70 28.13
CA LYS B 594 -37.56 -39.76 29.48
C LYS B 594 -37.14 -38.52 30.28
N ASP B 595 -37.92 -38.18 31.31
CA ASP B 595 -37.61 -37.09 32.23
C ASP B 595 -37.44 -35.74 31.54
N THR B 596 -38.46 -35.35 30.80
CA THR B 596 -38.52 -34.04 30.17
C THR B 596 -39.95 -33.80 29.70
N VAL B 597 -40.35 -32.54 29.71
CA VAL B 597 -41.53 -32.10 29.02
C VAL B 597 -41.10 -31.52 27.68
N PRO B 598 -41.28 -32.24 26.58
CA PRO B 598 -40.88 -31.66 25.30
C PRO B 598 -41.75 -30.50 24.84
N ARG B 599 -41.13 -29.54 24.15
CA ARG B 599 -41.86 -28.45 23.52
C ARG B 599 -41.66 -28.41 22.00
N VAL B 600 -42.77 -28.23 21.32
CA VAL B 600 -42.80 -28.23 19.86
C VAL B 600 -43.05 -26.84 19.29
N TYR B 601 -42.27 -26.50 18.25
CA TYR B 601 -42.31 -25.17 17.67
C TYR B 601 -43.23 -25.10 16.48
N TYR B 602 -44.23 -24.22 16.56
CA TYR B 602 -45.16 -23.97 15.44
C TYR B 602 -44.46 -23.98 14.08
N GLY B 603 -43.29 -23.35 14.01
CA GLY B 603 -42.56 -23.17 12.74
C GLY B 603 -41.87 -24.39 12.17
N ASP B 604 -41.84 -25.47 12.93
CA ASP B 604 -41.44 -26.78 12.43
C ASP B 604 -42.62 -27.57 11.90
N MET B 605 -43.82 -27.13 12.25
CA MET B 605 -45.06 -27.78 11.81
C MET B 605 -45.69 -26.98 10.66
N TYR B 606 -45.64 -25.66 10.73
CA TYR B 606 -46.21 -24.80 9.71
C TYR B 606 -45.16 -23.79 9.33
N LEU B 607 -45.35 -23.14 8.19
CA LEU B 607 -44.39 -22.18 7.70
C LEU B 607 -44.41 -20.94 8.59
N GLU B 608 -43.22 -20.43 8.90
CA GLU B 608 -43.07 -19.35 9.89
C GLU B 608 -43.63 -18.01 9.47
N GLY B 609 -43.79 -17.81 8.16
CA GLY B 609 -44.37 -16.58 7.64
C GLY B 609 -45.79 -16.72 7.12
N GLY B 610 -46.31 -15.62 6.59
CA GLY B 610 -47.64 -15.62 6.03
C GLY B 610 -48.65 -15.79 7.13
N GLN B 611 -49.76 -16.42 6.79
CA GLN B 611 -50.94 -16.48 7.63
C GLN B 611 -50.87 -17.65 8.59
N TYR B 612 -51.57 -17.58 9.71
CA TYR B 612 -51.41 -18.58 10.78
C TYR B 612 -51.94 -19.91 10.29
N MET B 613 -51.12 -20.94 10.36
CA MET B 613 -51.48 -22.26 9.88
C MET B 613 -51.86 -22.33 8.40
N GLU B 614 -51.31 -21.43 7.59
CA GLU B 614 -51.66 -21.36 6.17
C GLU B 614 -51.19 -22.57 5.38
N LYS B 615 -50.02 -23.09 5.72
CA LYS B 615 -49.45 -24.21 4.98
C LYS B 615 -48.47 -24.99 5.85
N GLY B 616 -48.64 -26.32 5.90
CA GLY B 616 -47.77 -27.17 6.70
C GLY B 616 -46.39 -27.22 6.07
N THR B 617 -45.41 -27.61 6.87
CA THR B 617 -44.02 -27.74 6.42
C THR B 617 -43.85 -29.15 5.91
N ILE B 618 -42.73 -29.42 5.27
CA ILE B 618 -42.46 -30.79 4.81
C ILE B 618 -42.27 -31.75 6.00
N TYR B 619 -41.89 -31.22 7.15
CA TYR B 619 -41.68 -32.04 8.33
C TYR B 619 -42.98 -32.45 9.05
N ASN B 620 -44.07 -31.76 8.74
CA ASN B 620 -45.34 -31.96 9.46
C ASN B 620 -45.80 -33.42 9.62
N PRO B 621 -45.81 -34.20 8.52
CA PRO B 621 -46.30 -35.57 8.64
C PRO B 621 -45.51 -36.40 9.65
N VAL B 622 -44.18 -36.28 9.60
CA VAL B 622 -43.30 -37.12 10.42
C VAL B 622 -43.46 -36.75 11.89
N ILE B 623 -43.47 -35.46 12.14
CA ILE B 623 -43.58 -34.96 13.50
C ILE B 623 -44.96 -35.33 14.06
N SER B 624 -45.99 -35.21 13.22
CA SER B 624 -47.35 -35.54 13.64
C SER B 624 -47.46 -37.01 14.05
N ALA B 625 -46.80 -37.87 13.28
CA ALA B 625 -46.78 -39.30 13.57
C ALA B 625 -46.06 -39.59 14.88
N LEU B 626 -44.90 -38.96 15.04
CA LEU B 626 -44.11 -39.07 16.28
C LEU B 626 -44.92 -38.66 17.51
N LEU B 627 -45.72 -37.62 17.34
CA LEU B 627 -46.50 -37.08 18.42
C LEU B 627 -47.61 -38.02 18.85
N LYS B 628 -48.26 -38.64 17.86
CA LYS B 628 -49.35 -39.59 18.13
C LYS B 628 -48.83 -40.92 18.66
N ALA B 629 -47.68 -41.32 18.15
CA ALA B 629 -47.00 -42.48 18.65
C ALA B 629 -46.54 -42.29 20.10
N ARG B 630 -46.20 -41.04 20.48
CA ARG B 630 -45.78 -40.74 21.86
C ARG B 630 -46.91 -41.05 22.84
N ILE B 631 -48.14 -40.74 22.44
CA ILE B 631 -49.29 -41.01 23.27
C ILE B 631 -49.46 -42.50 23.51
N LYS B 632 -49.39 -43.27 22.42
CA LYS B 632 -49.61 -44.73 22.42
C LYS B 632 -48.53 -45.58 23.07
N TYR B 633 -47.27 -45.26 22.79
CA TYR B 633 -46.18 -46.17 23.13
C TYR B 633 -45.14 -45.65 24.13
N VAL B 634 -44.99 -44.35 24.29
CA VAL B 634 -43.85 -43.85 25.03
C VAL B 634 -44.10 -43.91 26.53
N SER B 635 -43.46 -44.88 27.18
CA SER B 635 -43.42 -44.92 28.63
C SER B 635 -42.31 -45.85 29.12
N GLY B 636 -42.13 -45.87 30.44
CA GLY B 636 -41.15 -46.72 31.10
C GLY B 636 -39.74 -46.20 31.02
N GLY B 637 -38.80 -47.07 31.37
CA GLY B 637 -37.39 -46.69 31.44
C GLY B 637 -36.82 -46.40 30.07
N GLN B 638 -35.60 -45.89 30.05
CA GLN B 638 -34.91 -45.60 28.80
C GLN B 638 -33.52 -46.15 28.80
N THR B 639 -33.03 -46.49 27.60
CA THR B 639 -31.60 -46.67 27.37
C THR B 639 -31.19 -45.99 26.09
N MET B 640 -29.90 -45.75 26.00
CA MET B 640 -29.36 -45.05 24.87
C MET B 640 -27.92 -45.51 24.73
N ALA B 641 -27.51 -45.81 23.50
CA ALA B 641 -26.14 -46.24 23.19
C ALA B 641 -25.75 -45.76 21.79
N THR B 642 -24.45 -45.83 21.47
CA THR B 642 -24.00 -45.54 20.10
C THR B 642 -22.99 -46.56 19.67
N ASP B 643 -22.93 -46.82 18.37
CA ASP B 643 -21.90 -47.66 17.79
C ASP B 643 -20.65 -46.81 17.66
N SER B 644 -20.07 -46.46 18.80
CA SER B 644 -19.04 -45.45 18.82
C SER B 644 -18.49 -45.36 20.21
N SER B 645 -17.21 -45.01 20.31
CA SER B 645 -16.54 -44.92 21.60
C SER B 645 -15.95 -43.53 21.92
N GLY B 646 -16.09 -42.55 21.02
CA GLY B 646 -15.44 -41.25 21.24
C GLY B 646 -15.53 -40.34 20.04
N LYS B 647 -14.65 -39.35 19.97
CA LYS B 647 -14.55 -38.47 18.78
C LYS B 647 -14.29 -39.24 17.47
N ASP B 648 -13.44 -40.26 17.54
CA ASP B 648 -12.90 -40.91 16.36
C ASP B 648 -13.46 -42.31 16.25
N LEU B 649 -13.65 -42.78 15.02
CA LEU B 649 -14.35 -44.05 14.75
C LEU B 649 -13.41 -45.14 14.29
N LYS B 650 -13.47 -46.29 14.95
CA LYS B 650 -12.77 -47.49 14.47
C LYS B 650 -13.41 -48.04 13.18
N ASP B 651 -12.75 -49.06 12.63
CA ASP B 651 -13.11 -49.64 11.33
C ASP B 651 -14.61 -49.98 11.12
N GLY B 652 -15.18 -50.83 11.98
CA GLY B 652 -16.57 -51.26 11.82
C GLY B 652 -17.59 -50.20 12.22
N GLU B 653 -17.14 -49.20 12.97
CA GLU B 653 -18.05 -48.29 13.72
C GLU B 653 -18.81 -47.29 12.85
N THR B 654 -20.10 -47.19 13.14
CA THR B 654 -21.04 -46.39 12.37
C THR B 654 -21.43 -45.05 13.00
N ASP B 655 -21.27 -44.96 14.32
CA ASP B 655 -21.74 -43.80 15.11
C ASP B 655 -23.24 -43.60 14.96
N LEU B 656 -23.97 -44.72 15.02
CA LEU B 656 -25.42 -44.72 14.89
C LEU B 656 -25.96 -44.87 16.31
N LEU B 657 -26.87 -43.99 16.68
CA LEU B 657 -27.39 -43.94 18.04
C LEU B 657 -28.67 -44.77 18.15
N THR B 658 -28.77 -45.56 19.22
CA THR B 658 -29.96 -46.36 19.46
C THR B 658 -30.61 -45.97 20.78
N SER B 659 -31.84 -45.47 20.72
CA SER B 659 -32.58 -45.04 21.90
C SER B 659 -33.83 -45.90 22.00
N VAL B 660 -34.09 -46.40 23.20
CA VAL B 660 -35.18 -47.33 23.47
C VAL B 660 -36.00 -46.88 24.67
N ARG B 661 -37.32 -47.05 24.60
CA ARG B 661 -38.20 -46.99 25.77
C ARG B 661 -38.94 -48.33 25.88
N PHE B 662 -39.12 -48.81 27.11
CA PHE B 662 -39.58 -50.19 27.37
C PHE B 662 -41.11 -50.41 27.50
N GLY B 663 -41.88 -49.43 27.97
CA GLY B 663 -43.30 -49.65 28.24
C GLY B 663 -43.59 -49.29 29.68
N LYS B 664 -44.83 -49.34 30.14
CA LYS B 664 -45.22 -48.58 31.35
C LYS B 664 -44.48 -48.78 32.66
N GLY B 665 -44.40 -50.00 33.12
CA GLY B 665 -43.70 -50.24 34.36
C GLY B 665 -42.36 -50.92 34.20
N ILE B 666 -41.85 -50.93 32.97
CA ILE B 666 -40.58 -51.58 32.67
C ILE B 666 -39.47 -50.53 32.69
N MET B 667 -38.55 -50.69 33.63
CA MET B 667 -37.55 -49.69 33.87
C MET B 667 -36.18 -50.06 33.37
N THR B 668 -35.97 -51.33 32.99
CA THR B 668 -34.64 -51.84 32.65
C THR B 668 -34.68 -52.79 31.45
N SER B 669 -33.52 -52.95 30.80
CA SER B 669 -33.30 -53.95 29.76
C SER B 669 -33.76 -55.34 30.18
N ASP B 670 -33.34 -55.74 31.38
CA ASP B 670 -33.48 -57.12 31.84
C ASP B 670 -34.72 -57.39 32.67
N GLN B 671 -35.44 -56.35 33.05
CA GLN B 671 -36.72 -56.53 33.72
C GLN B 671 -37.71 -57.15 32.73
N THR B 672 -38.36 -58.21 33.18
CA THR B 672 -39.23 -59.04 32.34
C THR B 672 -40.71 -58.77 32.60
N THR B 673 -41.04 -58.24 33.78
CA THR B 673 -42.44 -57.93 34.10
C THR B 673 -42.61 -56.87 35.20
N THR B 674 -43.79 -56.24 35.22
CA THR B 674 -44.11 -55.15 36.15
C THR B 674 -44.24 -55.65 37.60
N GLN B 675 -44.03 -54.75 38.57
CA GLN B 675 -44.17 -55.08 39.99
C GLN B 675 -45.64 -55.16 40.42
N ASP B 676 -46.48 -54.31 39.84
CA ASP B 676 -47.94 -54.36 40.08
C ASP B 676 -48.71 -55.35 39.17
N ASN B 677 -47.98 -56.17 38.41
CA ASN B 677 -48.61 -57.14 37.48
C ASN B 677 -49.61 -56.60 36.44
N SER B 678 -49.48 -55.32 36.08
CA SER B 678 -50.24 -54.72 34.98
C SER B 678 -49.62 -55.15 33.67
N GLN B 679 -50.46 -55.30 32.64
CA GLN B 679 -50.02 -55.83 31.34
C GLN B 679 -49.77 -54.79 30.26
N ASP B 680 -50.00 -53.52 30.60
CA ASP B 680 -49.98 -52.43 29.62
C ASP B 680 -48.67 -52.41 28.83
N TYR B 681 -47.59 -52.77 29.50
CA TYR B 681 -46.26 -52.72 28.92
C TYR B 681 -46.05 -53.50 27.62
N LYS B 682 -46.73 -54.63 27.47
CA LYS B 682 -46.43 -55.53 26.34
C LYS B 682 -46.53 -54.86 24.94
N ASN B 683 -47.51 -53.98 24.75
CA ASN B 683 -47.67 -53.31 23.45
C ASN B 683 -47.17 -51.89 23.42
N GLN B 684 -46.36 -51.57 24.40
CA GLN B 684 -45.81 -50.25 24.51
C GLN B 684 -44.32 -50.32 24.23
N GLY B 685 -43.67 -49.17 24.35
CA GLY B 685 -42.24 -49.07 24.10
C GLY B 685 -42.00 -48.66 22.66
N ILE B 686 -40.76 -48.23 22.38
CA ILE B 686 -40.41 -47.71 21.07
C ILE B 686 -38.91 -47.80 20.87
N GLY B 687 -38.50 -47.94 19.62
CA GLY B 687 -37.08 -47.98 19.27
C GLY B 687 -36.72 -46.92 18.24
N VAL B 688 -35.64 -46.20 18.51
CA VAL B 688 -35.19 -45.15 17.60
C VAL B 688 -33.73 -45.32 17.24
N ILE B 689 -33.46 -45.22 15.94
CA ILE B 689 -32.11 -45.28 15.41
C ILE B 689 -31.87 -44.03 14.57
N VAL B 690 -30.78 -43.32 14.84
CA VAL B 690 -30.51 -42.06 14.13
C VAL B 690 -29.03 -41.85 13.86
N GLY B 691 -28.74 -41.29 12.68
CA GLY B 691 -27.37 -41.03 12.25
C GLY B 691 -27.27 -39.64 11.68
N ASN B 692 -26.04 -39.13 11.69
CA ASN B 692 -25.73 -37.81 11.21
C ASN B 692 -24.82 -37.84 9.99
N ASN B 693 -24.77 -38.98 9.32
CA ASN B 693 -23.87 -39.13 8.20
C ASN B 693 -24.64 -39.58 6.96
N PRO B 694 -24.88 -38.66 6.02
CA PRO B 694 -25.67 -38.98 4.83
C PRO B 694 -24.93 -39.87 3.84
N ASP B 695 -23.61 -39.96 3.98
CA ASP B 695 -22.78 -40.78 3.13
C ASP B 695 -22.41 -42.06 3.88
N LEU B 696 -23.24 -42.46 4.84
CA LEU B 696 -22.97 -43.66 5.63
C LEU B 696 -23.25 -44.92 4.81
N LYS B 697 -22.27 -45.82 4.75
CA LYS B 697 -22.42 -47.14 4.13
C LYS B 697 -21.93 -48.21 5.12
N LEU B 698 -22.73 -49.25 5.38
CA LEU B 698 -22.29 -50.29 6.32
C LEU B 698 -21.33 -51.30 5.69
N ASN B 699 -20.45 -51.92 6.47
CA ASN B 699 -19.68 -53.10 6.02
C ASN B 699 -20.63 -54.27 5.86
N ASN B 700 -20.31 -55.23 5.01
CA ASN B 700 -21.24 -56.35 4.79
C ASN B 700 -21.42 -57.23 6.04
N ASP B 701 -20.35 -57.34 6.83
CA ASP B 701 -20.35 -58.04 8.12
C ASP B 701 -21.26 -57.40 9.19
N LYS B 702 -21.36 -56.07 9.16
CA LYS B 702 -21.89 -55.28 10.29
C LYS B 702 -23.37 -55.50 10.58
N THR B 703 -23.69 -55.62 11.87
CA THR B 703 -25.08 -55.70 12.33
C THR B 703 -25.33 -54.63 13.39
N ILE B 704 -26.50 -54.02 13.33
CA ILE B 704 -26.90 -52.96 14.28
C ILE B 704 -28.15 -53.38 15.05
N THR B 705 -28.11 -53.22 16.37
CA THR B 705 -29.11 -53.81 17.25
C THR B 705 -29.83 -52.81 18.17
N LEU B 706 -31.15 -53.02 18.27
CA LEU B 706 -32.00 -52.30 19.21
C LEU B 706 -32.36 -53.25 20.35
N HIS B 707 -31.85 -53.00 21.54
CA HIS B 707 -32.15 -53.85 22.68
C HIS B 707 -33.49 -53.42 23.26
N MET B 708 -34.56 -53.94 22.66
CA MET B 708 -35.94 -53.60 23.04
C MET B 708 -36.32 -54.10 24.42
N GLY B 709 -35.54 -55.01 24.98
CA GLY B 709 -35.68 -55.44 26.36
C GLY B 709 -36.23 -56.85 26.55
N LYS B 710 -35.89 -57.45 27.69
CA LYS B 710 -36.31 -58.82 28.03
C LYS B 710 -37.79 -58.92 28.44
N ALA B 711 -38.48 -57.79 28.51
CA ALA B 711 -39.93 -57.79 28.61
C ALA B 711 -40.60 -57.93 27.22
N HIS B 712 -39.80 -58.01 26.15
CA HIS B 712 -40.32 -58.10 24.78
C HIS B 712 -39.61 -59.17 23.97
N LYS B 713 -39.43 -60.33 24.59
CA LYS B 713 -38.84 -61.48 23.91
C LYS B 713 -39.77 -61.94 22.78
N ASN B 714 -39.18 -62.28 21.64
CA ASN B 714 -39.89 -62.93 20.52
C ASN B 714 -41.05 -62.16 19.91
N GLN B 715 -41.12 -60.87 20.23
CA GLN B 715 -42.23 -60.02 19.82
C GLN B 715 -42.05 -59.44 18.42
N LEU B 716 -43.17 -59.23 17.73
CA LEU B 716 -43.16 -58.64 16.39
C LEU B 716 -43.25 -57.16 16.52
N TYR B 717 -42.34 -56.48 15.82
CA TYR B 717 -42.28 -55.01 15.79
C TYR B 717 -42.49 -54.54 14.34
N ARG B 718 -43.07 -53.35 14.17
CA ARG B 718 -43.26 -52.76 12.83
C ARG B 718 -42.77 -51.32 12.77
N ALA B 719 -42.32 -50.90 11.59
CA ALA B 719 -41.77 -49.55 11.41
C ALA B 719 -42.83 -48.45 11.49
N LEU B 720 -42.50 -47.36 12.16
CA LEU B 720 -43.31 -46.16 12.17
C LEU B 720 -42.78 -45.18 11.14
N VAL B 721 -41.45 -45.13 11.02
CA VAL B 721 -40.77 -44.12 10.23
C VAL B 721 -39.45 -44.69 9.75
N LEU B 722 -39.22 -44.61 8.43
CA LEU B 722 -37.96 -45.08 7.82
C LEU B 722 -37.46 -44.15 6.71
N SER B 723 -36.19 -43.79 6.78
CA SER B 723 -35.59 -42.88 5.82
C SER B 723 -35.17 -43.60 4.56
N ASN B 724 -35.07 -42.84 3.48
CA ASN B 724 -34.57 -43.34 2.21
C ASN B 724 -34.07 -42.16 1.37
N ASP B 725 -33.66 -42.41 0.13
CA ASP B 725 -32.92 -41.42 -0.67
C ASP B 725 -33.75 -40.29 -1.26
N SER B 726 -35.07 -40.44 -1.24
CA SER B 726 -35.97 -39.38 -1.69
C SER B 726 -36.82 -38.73 -0.58
N GLY B 727 -36.96 -39.40 0.56
CA GLY B 727 -37.66 -38.83 1.71
C GLY B 727 -37.62 -39.70 2.95
N ILE B 728 -38.66 -39.59 3.78
CA ILE B 728 -38.84 -40.44 4.95
C ILE B 728 -40.28 -40.91 4.88
N ASP B 729 -40.44 -42.23 4.77
CA ASP B 729 -41.75 -42.86 4.74
C ASP B 729 -42.34 -42.89 6.14
N VAL B 730 -43.65 -42.65 6.22
CA VAL B 730 -44.40 -42.67 7.47
C VAL B 730 -45.48 -43.76 7.39
N TYR B 731 -45.53 -44.65 8.37
CA TYR B 731 -46.50 -45.73 8.37
C TYR B 731 -47.57 -45.52 9.45
N ASP B 732 -48.83 -45.39 9.02
CA ASP B 732 -49.90 -44.95 9.93
C ASP B 732 -50.50 -46.07 10.77
N SER B 733 -50.36 -47.30 10.31
CA SER B 733 -50.91 -48.44 11.02
C SER B 733 -50.09 -49.71 10.74
N ASP B 734 -50.36 -50.76 11.52
CA ASP B 734 -49.54 -51.97 11.48
C ASP B 734 -49.53 -52.63 10.11
N ASP B 735 -50.66 -52.61 9.41
CA ASP B 735 -50.79 -53.34 8.12
C ASP B 735 -49.93 -52.79 7.00
N LYS B 736 -49.76 -51.46 6.96
CA LYS B 736 -49.07 -50.80 5.87
C LYS B 736 -47.55 -50.80 6.01
N ALA B 737 -47.06 -51.29 7.15
CA ALA B 737 -45.64 -51.25 7.44
C ALA B 737 -44.94 -52.61 7.40
N PRO B 738 -43.65 -52.59 7.10
CA PRO B 738 -42.80 -53.76 7.27
C PRO B 738 -42.66 -54.18 8.73
N THR B 739 -42.71 -55.49 8.98
CA THR B 739 -42.52 -56.04 10.33
C THR B 739 -41.17 -56.69 10.47
N LEU B 740 -40.77 -56.91 11.71
CA LEU B 740 -39.56 -57.61 12.04
C LEU B 740 -39.72 -58.06 13.48
N ARG B 741 -39.24 -59.25 13.78
CA ARG B 741 -39.46 -59.84 15.09
C ARG B 741 -38.19 -59.86 15.92
N THR B 742 -38.35 -59.65 17.23
CA THR B 742 -37.23 -59.67 18.15
C THR B 742 -36.86 -61.11 18.48
N ASN B 743 -35.62 -61.32 18.90
CA ASN B 743 -35.16 -62.67 19.25
C ASN B 743 -35.53 -63.06 20.69
N ASP B 744 -34.91 -64.12 21.19
CA ASP B 744 -35.17 -64.61 22.55
C ASP B 744 -34.77 -63.58 23.62
N ASN B 745 -33.64 -62.91 23.42
CA ASN B 745 -33.21 -61.88 24.36
C ASN B 745 -33.91 -60.52 24.19
N GLY B 746 -34.71 -60.37 23.14
CA GLY B 746 -35.48 -59.17 22.91
C GLY B 746 -34.79 -58.13 22.04
N ASP B 747 -33.86 -58.56 21.20
CA ASP B 747 -33.14 -57.64 20.33
C ASP B 747 -33.66 -57.69 18.89
N LEU B 748 -33.86 -56.51 18.30
CA LEU B 748 -34.09 -56.39 16.85
C LEU B 748 -32.75 -56.25 16.13
N ILE B 749 -32.41 -57.20 15.28
CA ILE B 749 -31.13 -57.16 14.57
C ILE B 749 -31.30 -56.60 13.15
N PHE B 750 -30.41 -55.70 12.78
CA PHE B 750 -30.42 -55.05 11.46
C PHE B 750 -29.07 -55.26 10.76
N HIS B 751 -29.12 -55.45 9.44
CA HIS B 751 -27.91 -55.67 8.63
C HIS B 751 -27.79 -54.59 7.56
N LYS B 752 -26.69 -54.61 6.81
CA LYS B 752 -26.53 -53.71 5.66
C LYS B 752 -27.72 -53.88 4.71
N THR B 753 -28.06 -55.13 4.45
CA THR B 753 -29.20 -55.47 3.62
C THR B 753 -30.26 -56.17 4.47
N ASN B 754 -31.51 -55.74 4.34
CA ASN B 754 -32.61 -56.31 5.10
C ASN B 754 -33.74 -56.69 4.19
N THR B 755 -34.34 -57.85 4.45
CA THR B 755 -35.56 -58.22 3.77
C THR B 755 -36.66 -58.35 4.84
N PHE B 756 -37.55 -57.36 4.88
CA PHE B 756 -38.63 -57.34 5.87
C PHE B 756 -39.87 -57.87 5.20
N VAL B 757 -40.75 -58.46 5.99
CA VAL B 757 -42.05 -58.90 5.48
C VAL B 757 -43.15 -58.06 6.12
N LYS B 758 -44.09 -57.62 5.29
CA LYS B 758 -45.32 -57.03 5.79
C LYS B 758 -46.02 -58.11 6.58
N GLN B 759 -46.88 -57.73 7.52
CA GLN B 759 -47.57 -58.77 8.28
C GLN B 759 -48.43 -59.56 7.33
N ASP B 760 -49.18 -58.87 6.48
CA ASP B 760 -49.92 -59.54 5.47
C ASP B 760 -49.71 -58.77 4.20
N GLY B 761 -49.18 -59.48 3.22
CA GLY B 761 -48.82 -58.90 1.98
C GLY B 761 -47.38 -59.23 1.66
N THR B 762 -46.88 -58.47 0.71
CA THR B 762 -45.59 -58.71 0.12
C THR B 762 -44.37 -58.47 1.05
N ILE B 763 -43.23 -58.96 0.57
CA ILE B 763 -41.91 -58.74 1.16
C ILE B 763 -41.41 -57.33 0.82
N ILE B 764 -40.57 -56.75 1.67
CA ILE B 764 -39.96 -55.44 1.42
C ILE B 764 -38.42 -55.50 1.54
N ASN B 765 -37.71 -54.77 0.66
CA ASN B 765 -36.24 -54.61 0.75
C ASN B 765 -35.81 -53.24 1.27
N TYR B 766 -34.84 -53.23 2.19
CA TYR B 766 -34.39 -51.98 2.82
C TYR B 766 -32.93 -52.03 3.21
N GLU B 767 -32.19 -51.00 2.79
CA GLU B 767 -30.78 -50.89 3.14
C GLU B 767 -30.57 -49.89 4.30
N MET B 768 -29.77 -50.30 5.29
CA MET B 768 -29.24 -49.38 6.27
C MET B 768 -28.20 -48.53 5.57
N LYS B 769 -28.65 -47.35 5.18
CA LYS B 769 -27.96 -46.49 4.25
C LYS B 769 -28.20 -45.06 4.72
N GLY B 770 -27.15 -44.28 4.87
CA GLY B 770 -27.33 -42.85 5.08
C GLY B 770 -27.94 -42.25 3.82
N SER B 771 -28.83 -41.27 3.96
CA SER B 771 -29.49 -40.65 2.82
C SER B 771 -29.31 -39.14 2.86
N LEU B 772 -29.59 -38.49 1.75
CA LEU B 772 -29.53 -37.04 1.69
C LEU B 772 -30.70 -36.52 0.86
N ASN B 773 -31.57 -35.75 1.51
CA ASN B 773 -32.69 -35.06 0.86
C ASN B 773 -33.19 -33.94 1.77
N ALA B 774 -34.29 -33.27 1.39
CA ALA B 774 -34.82 -32.14 2.20
C ALA B 774 -35.15 -32.52 3.66
N LEU B 775 -35.58 -33.76 3.89
CA LEU B 775 -35.99 -34.20 5.23
C LEU B 775 -34.87 -34.81 6.10
N ILE B 776 -33.77 -35.25 5.49
CA ILE B 776 -32.70 -35.85 6.28
C ILE B 776 -31.30 -35.74 5.65
N SER B 777 -30.30 -35.62 6.52
CA SER B 777 -28.90 -35.78 6.18
C SER B 777 -28.31 -36.73 7.21
N GLY B 778 -28.57 -38.02 6.98
CA GLY B 778 -28.16 -39.11 7.88
C GLY B 778 -29.14 -40.27 7.80
N TYR B 779 -29.30 -41.00 8.91
CA TYR B 779 -30.28 -42.08 8.96
C TYR B 779 -31.34 -41.83 10.03
N LEU B 780 -32.56 -42.34 9.79
CA LEU B 780 -33.63 -42.38 10.80
C LEU B 780 -34.54 -43.61 10.64
N GLY B 781 -34.61 -44.41 11.69
CA GLY B 781 -35.55 -45.51 11.78
C GLY B 781 -36.24 -45.53 13.14
N VAL B 782 -37.56 -45.62 13.12
CA VAL B 782 -38.33 -45.81 14.34
C VAL B 782 -39.21 -47.03 14.24
N TRP B 783 -39.22 -47.85 15.29
CA TRP B 783 -39.97 -49.11 15.33
C TRP B 783 -40.85 -49.23 16.57
N VAL B 784 -42.05 -49.75 16.36
CA VAL B 784 -43.04 -49.92 17.43
C VAL B 784 -43.61 -51.34 17.45
N PRO B 785 -44.07 -51.81 18.62
CA PRO B 785 -44.69 -53.13 18.68
C PRO B 785 -46.01 -53.15 17.94
N VAL B 786 -46.21 -54.21 17.15
CA VAL B 786 -47.49 -54.42 16.47
C VAL B 786 -48.51 -54.85 17.52
N GLY B 787 -49.78 -54.65 17.18
CA GLY B 787 -50.87 -55.03 18.04
C GLY B 787 -51.33 -53.94 19.00
N ALA B 788 -50.97 -52.70 18.71
CA ALA B 788 -51.35 -51.61 19.58
C ALA B 788 -52.82 -51.26 19.34
N SER B 789 -53.60 -51.23 20.42
CA SER B 789 -55.00 -50.77 20.37
C SER B 789 -55.14 -49.35 19.77
N ASP B 790 -56.31 -49.03 19.23
CA ASP B 790 -56.58 -47.69 18.64
C ASP B 790 -56.65 -46.58 19.66
N SER B 791 -57.09 -46.91 20.86
CA SER B 791 -57.23 -45.94 21.93
C SER B 791 -56.14 -46.15 22.99
N GLN B 792 -55.10 -46.89 22.65
CA GLN B 792 -54.03 -47.14 23.60
C GLN B 792 -53.39 -45.81 24.03
N ASP B 793 -53.26 -45.64 25.34
CA ASP B 793 -52.72 -44.43 25.96
C ASP B 793 -51.70 -44.85 27.02
N ALA B 794 -50.43 -44.51 26.82
CA ALA B 794 -49.33 -44.94 27.69
C ALA B 794 -49.00 -43.88 28.76
N ARG B 795 -49.78 -42.82 28.80
CA ARG B 795 -49.50 -41.71 29.72
C ARG B 795 -49.96 -41.99 31.13
N THR B 796 -49.38 -41.31 32.09
CA THR B 796 -49.69 -41.54 33.48
C THR B 796 -50.43 -40.30 33.98
N VAL B 797 -51.53 -40.52 34.67
CA VAL B 797 -52.23 -39.42 35.31
C VAL B 797 -51.50 -38.99 36.60
N ALA B 798 -51.57 -37.70 36.89
CA ALA B 798 -50.97 -37.14 38.08
C ALA B 798 -51.77 -37.43 39.35
N THR B 799 -51.07 -37.75 40.42
CA THR B 799 -51.71 -38.17 41.67
C THR B 799 -52.03 -37.02 42.63
N GLU B 800 -53.18 -37.15 43.29
CA GLU B 800 -53.71 -36.13 44.19
C GLU B 800 -53.09 -36.16 45.58
N SER B 801 -52.36 -37.22 45.87
CA SER B 801 -51.75 -37.43 47.18
C SER B 801 -50.53 -36.55 47.37
N SER B 802 -50.20 -36.26 48.62
CA SER B 802 -48.94 -35.61 48.91
C SER B 802 -47.80 -36.63 48.83
N SER B 803 -47.32 -36.83 47.62
CA SER B 803 -46.14 -37.66 47.31
C SER B 803 -44.88 -37.26 48.08
N SER B 804 -44.65 -35.93 48.18
CA SER B 804 -43.38 -35.39 48.65
C SER B 804 -43.59 -34.27 49.67
N ASN B 805 -42.81 -34.36 50.74
CA ASN B 805 -42.69 -33.29 51.72
C ASN B 805 -41.43 -32.41 51.49
N ASP B 806 -40.73 -32.62 50.36
CA ASP B 806 -39.49 -31.86 50.02
C ASP B 806 -39.68 -30.34 49.83
N GLY B 807 -40.93 -29.86 49.77
CA GLY B 807 -41.25 -28.43 49.58
C GLY B 807 -41.41 -28.04 48.11
N SER B 808 -40.83 -28.87 47.24
CA SER B 808 -40.79 -28.65 45.80
C SER B 808 -42.18 -28.74 45.16
N VAL B 809 -42.33 -28.04 44.03
CA VAL B 809 -43.53 -28.02 43.24
C VAL B 809 -43.48 -29.12 42.19
N PHE B 810 -42.67 -28.95 41.14
CA PHE B 810 -42.59 -29.98 40.07
C PHE B 810 -41.66 -31.15 40.44
N HIS B 811 -42.00 -32.34 39.94
CA HIS B 811 -41.17 -33.54 40.12
C HIS B 811 -41.08 -34.29 38.82
N SER B 812 -39.86 -34.65 38.41
CA SER B 812 -39.70 -35.33 37.13
C SER B 812 -40.13 -36.76 37.36
N ASN B 813 -41.22 -37.14 36.71
CA ASN B 813 -41.74 -38.48 36.81
C ASN B 813 -42.61 -38.77 35.59
N ALA B 814 -43.20 -39.97 35.53
CA ALA B 814 -43.97 -40.41 34.37
C ALA B 814 -45.19 -39.53 34.09
N ALA B 815 -45.78 -38.97 35.15
CA ALA B 815 -46.91 -38.06 35.00
C ALA B 815 -46.47 -36.75 34.36
N LEU B 816 -45.41 -36.12 34.86
CA LEU B 816 -44.94 -34.88 34.26
C LEU B 816 -44.53 -35.12 32.80
N ASP B 817 -43.86 -36.25 32.56
CA ASP B 817 -43.37 -36.61 31.22
C ASP B 817 -44.50 -36.82 30.21
N SER B 818 -45.72 -37.03 30.70
CA SER B 818 -46.89 -37.24 29.85
C SER B 818 -47.41 -35.97 29.21
N ASN B 819 -46.82 -34.84 29.60
CA ASN B 819 -47.18 -33.54 29.03
C ASN B 819 -46.37 -33.18 27.79
N VAL B 820 -46.96 -32.30 26.99
CA VAL B 820 -46.30 -31.74 25.82
C VAL B 820 -46.74 -30.32 25.65
N ILE B 821 -45.79 -29.41 25.53
CA ILE B 821 -46.08 -28.01 25.33
C ILE B 821 -45.96 -27.68 23.86
N TYR B 822 -46.88 -26.86 23.36
CA TYR B 822 -46.81 -26.41 21.97
C TYR B 822 -46.62 -24.93 21.98
N GLU B 823 -45.48 -24.49 21.49
CA GLU B 823 -45.22 -23.08 21.32
C GLU B 823 -45.84 -22.70 19.98
N GLY B 824 -47.02 -22.11 20.05
CA GLY B 824 -47.87 -22.01 18.89
C GLY B 824 -47.94 -20.67 18.22
N PHE B 825 -46.79 -20.14 17.84
CA PHE B 825 -46.73 -18.88 17.13
C PHE B 825 -45.34 -18.70 16.61
N SER B 826 -45.21 -17.79 15.67
CA SER B 826 -43.93 -17.42 15.10
C SER B 826 -43.86 -15.93 15.07
N ASN B 827 -42.68 -15.39 15.37
CA ASN B 827 -42.50 -13.96 15.35
C ASN B 827 -42.68 -13.35 13.98
N PHE B 828 -42.64 -14.14 12.92
CA PHE B 828 -42.62 -13.62 11.58
C PHE B 828 -43.89 -13.88 10.81
N GLN B 829 -44.94 -14.23 11.54
CA GLN B 829 -46.27 -14.33 10.94
C GLN B 829 -46.63 -13.01 10.32
N ALA B 830 -47.30 -13.04 9.19
CA ALA B 830 -47.83 -11.85 8.57
C ALA B 830 -48.99 -11.33 9.39
N MET B 831 -49.40 -10.08 9.15
CA MET B 831 -50.58 -9.55 9.81
C MET B 831 -51.81 -10.21 9.18
N PRO B 832 -52.87 -10.48 9.98
CA PRO B 832 -54.08 -11.10 9.42
C PRO B 832 -54.68 -10.28 8.27
N THR B 833 -54.92 -10.93 7.14
CA THR B 833 -55.58 -10.29 6.02
C THR B 833 -57.05 -10.07 6.33
N SER B 834 -57.63 -10.88 7.20
CA SER B 834 -59.04 -10.74 7.56
C SER B 834 -59.29 -11.18 9.01
N PRO B 835 -60.38 -10.68 9.63
CA PRO B 835 -60.66 -11.06 11.03
C PRO B 835 -60.75 -12.55 11.23
N GLU B 836 -61.16 -13.27 10.20
CA GLU B 836 -61.40 -14.69 10.29
C GLU B 836 -60.10 -15.45 10.38
N GLN B 837 -59.01 -14.90 9.87
CA GLN B 837 -57.72 -15.60 9.86
C GLN B 837 -56.80 -15.22 10.99
N SER B 838 -57.34 -14.52 11.99
CA SER B 838 -56.54 -14.15 13.14
C SER B 838 -56.19 -15.37 13.93
N THR B 839 -54.94 -15.42 14.38
CA THR B 839 -54.39 -16.59 15.08
C THR B 839 -55.37 -17.20 16.09
N ASN B 840 -55.90 -16.39 17.00
CA ASN B 840 -56.78 -16.89 18.07
C ASN B 840 -58.18 -17.37 17.62
N VAL B 841 -58.68 -16.85 16.51
CA VAL B 841 -59.89 -17.40 15.89
C VAL B 841 -59.57 -18.81 15.39
N VAL B 842 -58.46 -18.92 14.64
CA VAL B 842 -58.05 -20.20 14.09
C VAL B 842 -57.79 -21.21 15.19
N ILE B 843 -57.13 -20.81 16.27
CA ILE B 843 -56.85 -21.73 17.35
C ILE B 843 -58.14 -22.34 17.90
N ALA B 844 -59.19 -21.52 18.02
CA ALA B 844 -60.48 -22.01 18.52
C ALA B 844 -61.08 -23.08 17.61
N THR B 845 -61.14 -22.83 16.31
CA THR B 845 -61.69 -23.83 15.39
C THR B 845 -60.83 -25.13 15.35
N LYS B 846 -59.53 -25.02 15.57
CA LYS B 846 -58.63 -26.17 15.43
C LYS B 846 -58.18 -26.85 16.75
N ALA B 847 -58.76 -26.48 17.89
CA ALA B 847 -58.34 -27.03 19.19
C ALA B 847 -58.25 -28.57 19.18
N ASN B 848 -59.30 -29.22 18.67
CA ASN B 848 -59.32 -30.66 18.38
C ASN B 848 -57.97 -31.24 17.92
N LEU B 849 -57.41 -30.69 16.85
CA LEU B 849 -56.21 -31.20 16.21
C LEU B 849 -55.04 -31.34 17.18
N PHE B 850 -54.95 -30.45 18.14
CA PHE B 850 -53.86 -30.46 19.12
C PHE B 850 -54.11 -31.42 20.27
N LYS B 851 -55.38 -31.65 20.60
CA LYS B 851 -55.72 -32.64 21.60
C LYS B 851 -55.18 -33.99 21.12
N GLU B 852 -55.38 -34.29 19.84
CA GLU B 852 -54.99 -35.58 19.23
C GLU B 852 -53.50 -35.75 18.95
N LEU B 853 -52.73 -34.65 18.99
CA LEU B 853 -51.26 -34.68 18.97
C LEU B 853 -50.66 -34.78 20.39
N GLY B 854 -51.52 -34.73 21.40
CA GLY B 854 -51.11 -34.97 22.78
C GLY B 854 -50.61 -33.73 23.51
N ILE B 855 -50.97 -32.56 22.98
CA ILE B 855 -50.59 -31.30 23.63
C ILE B 855 -51.42 -31.19 24.89
N THR B 856 -50.76 -30.98 26.01
CA THR B 856 -51.45 -30.76 27.26
C THR B 856 -51.43 -29.30 27.68
N SER B 857 -50.48 -28.52 27.13
CA SER B 857 -50.40 -27.06 27.36
C SER B 857 -49.99 -26.26 26.10
N PHE B 858 -50.73 -25.20 25.83
CA PHE B 858 -50.57 -24.42 24.60
C PHE B 858 -49.93 -23.11 24.99
N GLU B 859 -48.71 -22.89 24.53
CA GLU B 859 -48.02 -21.64 24.80
C GLU B 859 -48.43 -20.67 23.71
N LEU B 860 -49.24 -19.68 24.11
CA LEU B 860 -49.72 -18.64 23.20
C LEU B 860 -48.73 -17.49 23.17
N ALA B 861 -48.70 -16.80 22.03
CA ALA B 861 -47.90 -15.60 21.90
C ALA B 861 -48.31 -14.58 22.98
N PRO B 862 -47.43 -13.62 23.25
CA PRO B 862 -47.79 -12.56 24.15
C PRO B 862 -48.88 -11.71 23.50
N GLN B 863 -49.92 -11.44 24.27
CA GLN B 863 -51.14 -10.86 23.72
C GLN B 863 -51.25 -9.36 23.86
N TYR B 864 -50.15 -8.71 24.22
CA TYR B 864 -50.21 -7.31 24.64
C TYR B 864 -50.15 -6.44 23.43
N ARG B 865 -50.75 -5.26 23.48
CA ARG B 865 -50.83 -4.41 22.31
C ARG B 865 -49.47 -3.88 21.89
N SER B 866 -49.15 -4.11 20.62
CA SER B 866 -47.84 -3.78 20.08
C SER B 866 -47.65 -2.31 20.03
N SER B 867 -46.42 -1.89 20.31
CA SER B 867 -46.06 -0.50 20.23
C SER B 867 -45.85 -0.10 18.77
N GLY B 868 -45.69 -1.08 17.90
CA GLY B 868 -45.84 -0.84 16.48
C GLY B 868 -44.73 -0.04 15.87
N ASP B 869 -45.11 0.88 14.99
CA ASP B 869 -44.15 1.79 14.34
C ASP B 869 -43.79 3.03 15.16
N THR B 870 -44.44 3.21 16.30
CA THR B 870 -44.10 4.31 17.18
C THR B 870 -42.62 4.24 17.60
N ASN B 871 -41.94 5.37 17.55
CA ASN B 871 -40.52 5.42 17.84
C ASN B 871 -40.14 6.83 18.27
N TYR B 872 -39.93 7.03 19.57
CA TYR B 872 -39.64 8.39 20.08
C TYR B 872 -38.16 8.77 19.92
N GLY B 873 -37.30 7.79 19.78
CA GLY B 873 -35.92 8.02 19.37
C GLY B 873 -35.21 6.69 19.38
N GLY B 874 -34.01 6.64 18.83
CA GLY B 874 -33.20 5.43 18.98
C GLY B 874 -33.64 4.36 18.02
N MET B 875 -33.04 3.18 18.13
CA MET B 875 -33.30 2.13 17.14
C MET B 875 -34.57 1.39 17.47
N SER B 876 -35.43 1.26 16.47
CA SER B 876 -36.59 0.40 16.58
C SER B 876 -36.16 -1.06 16.54
N PHE B 877 -36.89 -1.93 17.23
CA PHE B 877 -36.57 -3.36 17.28
C PHE B 877 -37.64 -4.14 16.57
N LEU B 878 -37.30 -5.31 16.03
CA LEU B 878 -38.25 -6.07 15.20
C LEU B 878 -39.54 -6.52 15.93
N ASP B 879 -39.43 -6.81 17.22
CA ASP B 879 -40.59 -7.11 18.04
C ASP B 879 -41.66 -6.05 17.88
N SER B 880 -41.22 -4.80 17.77
CA SER B 880 -42.15 -3.70 17.73
C SER B 880 -42.76 -3.56 16.36
N PHE B 881 -41.94 -3.52 15.32
CA PHE B 881 -42.50 -3.28 14.00
C PHE B 881 -43.10 -4.52 13.36
N LEU B 882 -42.79 -5.69 13.90
CA LEU B 882 -43.49 -6.92 13.48
C LEU B 882 -44.70 -7.26 14.35
N ASN B 883 -45.01 -6.38 15.33
CA ASN B 883 -46.21 -6.53 16.14
C ASN B 883 -46.36 -7.91 16.79
N ASN B 884 -45.25 -8.49 17.17
CA ASN B 884 -45.32 -9.84 17.69
C ASN B 884 -45.79 -9.90 19.14
N GLY B 885 -45.85 -8.76 19.82
CA GLY B 885 -46.45 -8.72 21.16
C GLY B 885 -45.44 -8.66 22.29
N TYR B 886 -44.19 -8.96 21.99
CA TYR B 886 -43.13 -8.75 22.97
C TYR B 886 -42.77 -7.27 23.21
N ALA B 887 -43.15 -6.37 22.29
CA ALA B 887 -42.88 -4.95 22.47
C ALA B 887 -44.22 -4.23 22.59
N PHE B 888 -44.50 -3.67 23.77
CA PHE B 888 -45.82 -3.15 24.06
C PHE B 888 -45.79 -1.89 24.90
N THR B 889 -46.84 -1.08 24.75
CA THR B 889 -47.00 0.17 25.46
C THR B 889 -47.87 -0.04 26.68
N ASP B 890 -48.93 -0.84 26.52
CA ASP B 890 -49.94 -1.05 27.57
C ASP B 890 -49.98 -2.51 27.94
N ARG B 891 -49.66 -2.83 29.18
CA ARG B 891 -49.50 -4.23 29.59
C ARG B 891 -50.84 -4.96 29.78
N TYR B 892 -51.90 -4.19 29.99
CA TYR B 892 -53.20 -4.76 30.27
C TYR B 892 -54.13 -4.73 29.07
N ASP B 893 -53.72 -4.09 27.96
CA ASP B 893 -54.50 -4.10 26.73
C ASP B 893 -54.17 -5.33 25.90
N LEU B 894 -55.07 -6.32 25.92
CA LEU B 894 -54.85 -7.57 25.19
C LEU B 894 -55.73 -7.70 23.93
N GLY B 895 -56.21 -6.57 23.44
CA GLY B 895 -56.99 -6.54 22.21
C GLY B 895 -58.35 -5.88 22.34
N PHE B 896 -58.48 -5.01 23.35
CA PHE B 896 -59.73 -4.33 23.59
C PHE B 896 -60.08 -3.36 22.49
N ASN B 897 -61.36 -3.07 22.39
CA ASN B 897 -61.86 -2.17 21.39
C ASN B 897 -61.44 -0.74 21.66
N LYS B 898 -61.41 0.04 20.60
CA LYS B 898 -61.26 1.48 20.69
C LYS B 898 -62.36 1.99 21.55
N ALA B 899 -62.15 3.17 22.14
CA ALA B 899 -63.16 3.75 23.01
C ALA B 899 -64.45 4.12 22.27
N ASP B 900 -64.32 4.43 20.97
CA ASP B 900 -65.49 4.69 20.10
C ASP B 900 -66.32 3.45 19.80
N GLY B 901 -65.87 2.29 20.25
CA GLY B 901 -66.65 1.06 20.07
C GLY B 901 -66.08 0.13 19.01
N ASN B 902 -65.26 0.66 18.11
CA ASN B 902 -64.73 -0.11 17.01
C ASN B 902 -63.72 -1.14 17.44
N PRO B 903 -63.65 -2.25 16.71
CA PRO B 903 -62.68 -3.28 17.02
C PRO B 903 -61.25 -2.76 16.89
N ASN B 904 -60.35 -3.33 17.68
CA ASN B 904 -58.95 -2.94 17.67
C ASN B 904 -58.07 -4.15 18.03
N PRO B 905 -58.05 -5.14 17.14
CA PRO B 905 -57.33 -6.35 17.46
C PRO B 905 -55.82 -6.15 17.59
N THR B 906 -55.18 -7.04 18.35
CA THR B 906 -53.76 -7.21 18.28
C THR B 906 -53.46 -7.92 16.98
N LYS B 907 -52.24 -8.41 16.81
CA LYS B 907 -51.90 -9.20 15.62
C LYS B 907 -52.63 -10.55 15.64
N TYR B 908 -53.07 -10.94 16.83
CA TYR B 908 -53.65 -12.23 17.06
C TYR B 908 -55.20 -12.19 17.23
N GLY B 909 -55.77 -10.99 17.28
CA GLY B 909 -57.22 -10.83 17.34
C GLY B 909 -57.68 -10.08 18.55
N THR B 910 -58.99 -9.93 18.69
CA THR B 910 -59.55 -9.14 19.79
C THR B 910 -59.45 -9.90 21.11
N ASP B 911 -59.84 -9.23 22.19
CA ASP B 911 -59.90 -9.86 23.50
C ASP B 911 -60.93 -10.97 23.57
N GLN B 912 -62.05 -10.83 22.85
CA GLN B 912 -63.03 -11.91 22.77
C GLN B 912 -62.44 -13.13 22.07
N ASP B 913 -61.73 -12.89 20.97
CA ASP B 913 -61.09 -13.97 20.25
C ASP B 913 -60.16 -14.74 21.16
N LEU B 914 -59.48 -14.04 22.07
CA LEU B 914 -58.55 -14.66 23.01
C LEU B 914 -59.30 -15.49 24.05
N ARG B 915 -60.34 -14.93 24.64
CA ARG B 915 -61.14 -15.69 25.60
C ARG B 915 -61.77 -16.92 24.98
N ASN B 916 -62.18 -16.81 23.72
CA ASN B 916 -62.71 -17.95 23.00
C ASN B 916 -61.67 -19.00 22.70
N ALA B 917 -60.48 -18.53 22.34
CA ALA B 917 -59.38 -19.43 22.10
C ALA B 917 -58.99 -20.17 23.38
N ILE B 918 -59.00 -19.48 24.53
CA ILE B 918 -58.61 -20.09 25.82
C ILE B 918 -59.64 -21.12 26.28
N GLU B 919 -60.91 -20.74 26.15
CA GLU B 919 -62.02 -21.63 26.48
C GLU B 919 -61.97 -22.90 25.61
N ALA B 920 -61.83 -22.71 24.30
CA ALA B 920 -61.69 -23.84 23.36
C ALA B 920 -60.59 -24.83 23.75
N LEU B 921 -59.48 -24.33 24.28
CA LEU B 921 -58.41 -25.20 24.71
C LEU B 921 -58.79 -25.97 25.97
N HIS B 922 -59.57 -25.37 26.88
CA HIS B 922 -60.06 -26.08 28.07
C HIS B 922 -61.11 -27.12 27.72
N LYS B 923 -62.03 -26.76 26.83
CA LYS B 923 -63.00 -27.72 26.26
C LYS B 923 -62.28 -28.95 25.68
N ASN B 924 -61.05 -28.77 25.19
CA ASN B 924 -60.25 -29.88 24.68
C ASN B 924 -59.14 -30.35 25.63
N GLY B 925 -59.29 -30.02 26.92
CA GLY B 925 -58.45 -30.56 27.98
C GLY B 925 -57.02 -30.07 27.98
N MET B 926 -56.77 -28.90 27.35
CA MET B 926 -55.43 -28.31 27.27
C MET B 926 -55.38 -27.05 28.09
N GLN B 927 -54.18 -26.75 28.61
CA GLN B 927 -53.92 -25.51 29.34
C GLN B 927 -53.47 -24.39 28.40
N ALA B 928 -53.62 -23.15 28.86
CA ALA B 928 -53.13 -21.98 28.12
C ALA B 928 -52.08 -21.24 28.92
N ILE B 929 -50.93 -21.03 28.29
CA ILE B 929 -49.80 -20.35 28.91
C ILE B 929 -49.75 -18.87 28.52
N ALA B 930 -49.65 -18.02 29.53
CA ALA B 930 -49.50 -16.59 29.36
C ALA B 930 -48.02 -16.24 29.33
N ASP B 931 -47.61 -15.45 28.34
CA ASP B 931 -46.24 -14.94 28.32
C ASP B 931 -46.13 -13.75 29.28
N TRP B 932 -45.49 -13.95 30.44
CA TRP B 932 -45.23 -12.87 31.40
C TRP B 932 -43.88 -12.17 31.06
N VAL B 933 -43.97 -10.88 30.73
CA VAL B 933 -42.86 -10.07 30.19
C VAL B 933 -42.63 -8.85 31.09
N PRO B 934 -41.99 -9.08 32.23
CA PRO B 934 -41.79 -8.01 33.21
C PRO B 934 -40.55 -7.10 32.98
N ASP B 935 -39.65 -7.49 32.07
CA ASP B 935 -38.39 -6.76 31.93
C ASP B 935 -38.52 -5.33 31.38
N GLN B 936 -39.36 -5.12 30.38
CA GLN B 936 -39.44 -3.80 29.77
C GLN B 936 -40.79 -3.39 29.21
N ILE B 937 -40.85 -2.11 28.82
CA ILE B 937 -42.03 -1.56 28.18
C ILE B 937 -41.59 -0.54 27.12
N TYR B 938 -42.34 -0.41 26.03
CA TYR B 938 -41.91 0.39 24.87
C TYR B 938 -42.71 1.69 24.72
N ALA B 939 -42.14 2.65 24.01
CA ALA B 939 -42.88 3.81 23.45
C ALA B 939 -43.86 4.49 24.39
N LEU B 940 -43.33 5.05 25.48
CA LEU B 940 -44.10 5.82 26.44
C LEU B 940 -44.16 7.28 25.98
N PRO B 941 -45.35 7.87 25.94
CA PRO B 941 -45.50 9.13 25.21
C PRO B 941 -45.08 10.38 25.96
N GLY B 942 -44.80 10.29 27.26
CA GLY B 942 -44.55 11.48 28.05
C GLY B 942 -43.09 11.63 28.42
N LYS B 943 -42.56 12.86 28.33
CA LYS B 943 -41.13 13.13 28.58
C LYS B 943 -40.84 13.51 30.01
N GLU B 944 -39.67 13.12 30.50
CA GLU B 944 -39.15 13.58 31.78
C GLU B 944 -37.69 13.80 31.61
N VAL B 945 -37.08 14.54 32.54
CA VAL B 945 -35.64 14.78 32.51
C VAL B 945 -35.01 13.89 33.54
N VAL B 946 -34.18 12.97 33.10
CA VAL B 946 -33.47 12.08 34.01
C VAL B 946 -32.01 12.51 34.07
N THR B 947 -31.33 12.01 35.09
CA THR B 947 -29.89 12.04 35.16
C THR B 947 -29.36 10.65 34.71
N ALA B 948 -28.53 10.66 33.68
CA ALA B 948 -28.19 9.43 33.03
C ALA B 948 -26.68 9.25 32.85
N THR B 949 -26.23 8.01 32.99
CA THR B 949 -24.87 7.59 32.67
C THR B 949 -24.87 6.51 31.57
N ARG B 950 -23.96 6.61 30.62
CA ARG B 950 -23.86 5.60 29.57
C ARG B 950 -23.24 4.30 30.10
N VAL B 951 -23.92 3.18 29.88
CA VAL B 951 -23.53 1.90 30.47
C VAL B 951 -23.69 0.76 29.47
N ASP B 952 -23.01 -0.35 29.77
CA ASP B 952 -23.17 -1.61 29.01
C ASP B 952 -24.34 -2.44 29.61
N GLU B 953 -24.58 -3.63 29.08
CA GLU B 953 -25.75 -4.45 29.47
C GLU B 953 -25.87 -4.74 30.96
N ARG B 954 -24.75 -4.84 31.64
CA ARG B 954 -24.73 -5.07 33.08
C ARG B 954 -24.80 -3.81 33.92
N GLY B 955 -25.00 -2.65 33.29
CA GLY B 955 -25.10 -1.39 34.02
C GLY B 955 -23.76 -0.85 34.52
N ASN B 956 -22.67 -1.27 33.90
CA ASN B 956 -21.36 -0.74 34.20
C ASN B 956 -21.00 0.38 33.26
N GLN B 957 -20.46 1.46 33.80
CA GLN B 957 -20.15 2.64 33.02
C GLN B 957 -19.18 2.24 31.92
N LEU B 958 -19.39 2.72 30.71
CA LEU B 958 -18.42 2.49 29.65
C LEU B 958 -17.09 3.10 30.05
N LYS B 959 -15.96 2.49 29.63
CA LYS B 959 -14.64 2.89 30.16
C LYS B 959 -14.21 4.30 29.74
N ASP B 960 -14.43 4.64 28.47
CA ASP B 960 -13.93 5.89 27.93
C ASP B 960 -15.06 6.83 27.53
N THR B 961 -15.98 7.12 28.46
CA THR B 961 -17.16 7.93 28.15
C THR B 961 -17.23 9.21 28.98
N ASP B 962 -17.59 10.28 28.28
CA ASP B 962 -17.82 11.56 28.93
C ASP B 962 -19.26 11.63 29.39
N PHE B 963 -20.11 10.68 28.98
CA PHE B 963 -21.54 10.73 29.29
C PHE B 963 -21.75 10.16 30.67
N VAL B 964 -21.58 10.99 31.70
CA VAL B 964 -21.71 10.57 33.08
C VAL B 964 -22.52 11.59 33.85
N ASN B 965 -23.51 11.12 34.61
CA ASN B 965 -24.46 11.98 35.32
C ASN B 965 -24.93 13.23 34.55
N LEU B 966 -25.24 13.12 33.26
CA LEU B 966 -25.76 14.25 32.49
C LEU B 966 -27.31 14.26 32.46
N LEU B 967 -27.91 15.43 32.27
CA LEU B 967 -29.34 15.54 32.15
C LEU B 967 -29.71 15.16 30.73
N TYR B 968 -30.78 14.37 30.65
CA TYR B 968 -31.25 13.76 29.41
C TYR B 968 -32.78 13.73 29.43
N VAL B 969 -33.37 13.98 28.27
CA VAL B 969 -34.80 13.88 28.11
C VAL B 969 -35.11 12.48 27.66
N ALA B 970 -35.84 11.74 28.47
CA ALA B 970 -36.24 10.38 28.13
C ALA B 970 -37.73 10.34 27.93
N ASN B 971 -38.21 9.33 27.21
CA ASN B 971 -39.64 9.07 27.16
C ASN B 971 -40.02 7.95 28.15
N THR B 972 -40.46 8.35 29.34
CA THR B 972 -40.63 7.43 30.46
C THR B 972 -42.01 7.44 31.10
N LYS B 973 -42.86 8.35 30.68
CA LYS B 973 -44.12 8.54 31.33
C LYS B 973 -45.27 7.99 30.49
N SER B 974 -46.11 7.18 31.11
CA SER B 974 -47.25 6.56 30.48
C SER B 974 -48.38 7.60 30.32
N SER B 975 -49.33 7.32 29.44
CA SER B 975 -50.43 8.26 29.16
C SER B 975 -51.28 8.58 30.39
N GLY B 976 -51.38 7.62 31.32
CA GLY B 976 -52.18 7.79 32.53
C GLY B 976 -53.68 7.64 32.32
N VAL B 977 -54.07 7.32 31.09
CA VAL B 977 -55.46 7.19 30.73
C VAL B 977 -55.70 5.88 29.93
N ASP B 978 -54.79 4.92 30.09
CA ASP B 978 -54.75 3.65 29.33
C ASP B 978 -55.24 2.51 30.20
N TYR B 979 -55.08 1.26 29.78
CA TYR B 979 -55.57 0.15 30.61
C TYR B 979 -54.69 -0.10 31.82
N GLN B 980 -53.44 0.35 31.75
CA GLN B 980 -52.56 0.34 32.93
C GLN B 980 -53.09 1.25 34.03
N ALA B 981 -53.77 2.31 33.63
CA ALA B 981 -54.39 3.22 34.57
C ALA B 981 -55.68 2.62 35.15
N LYS B 982 -56.48 1.96 34.31
CA LYS B 982 -57.67 1.31 34.79
C LYS B 982 -57.36 0.18 35.77
N TYR B 983 -56.61 -0.82 35.33
CA TYR B 983 -56.37 -2.03 36.13
C TYR B 983 -55.14 -2.02 37.05
N GLY B 984 -54.29 -0.99 36.98
CA GLY B 984 -53.06 -0.95 37.77
C GLY B 984 -53.35 -1.07 39.25
N GLY B 985 -52.65 -2.01 39.91
CA GLY B 985 -52.80 -2.24 41.36
C GLY B 985 -54.16 -2.59 41.96
N GLU B 986 -55.17 -2.75 41.13
CA GLU B 986 -56.56 -2.89 41.62
C GLU B 986 -56.83 -4.17 42.41
N PHE B 987 -56.14 -5.24 42.07
CA PHE B 987 -56.42 -6.55 42.65
C PHE B 987 -55.60 -6.86 43.91
N LEU B 988 -54.65 -5.99 44.23
CA LEU B 988 -53.76 -6.21 45.35
C LEU B 988 -54.46 -6.18 46.70
N ASP B 989 -55.42 -5.26 46.87
CA ASP B 989 -56.05 -5.10 48.18
C ASP B 989 -56.83 -6.34 48.54
N LYS B 990 -57.60 -6.81 47.57
CA LYS B 990 -58.30 -8.05 47.70
C LYS B 990 -57.34 -9.20 48.04
N LEU B 991 -56.20 -9.26 47.36
CA LEU B 991 -55.20 -10.31 47.59
C LEU B 991 -54.52 -10.25 48.96
N ARG B 992 -54.25 -9.04 49.47
CA ARG B 992 -53.59 -8.87 50.77
C ARG B 992 -54.51 -9.37 51.88
N GLU B 993 -55.78 -9.00 51.77
CA GLU B 993 -56.81 -9.47 52.66
C GLU B 993 -56.91 -10.99 52.67
N GLU B 994 -56.93 -11.61 51.50
CA GLU B 994 -57.08 -13.08 51.38
C GLU B 994 -55.83 -13.92 51.65
N TYR B 995 -54.64 -13.40 51.36
CA TYR B 995 -53.41 -14.18 51.53
C TYR B 995 -52.32 -13.30 52.13
N PRO B 996 -52.51 -12.87 53.39
CA PRO B 996 -51.58 -11.90 54.02
C PRO B 996 -50.09 -12.19 53.85
N SER B 997 -49.71 -13.47 53.89
CA SER B 997 -48.31 -13.87 53.92
C SER B 997 -47.53 -13.48 52.66
N LEU B 998 -48.21 -13.48 51.52
CA LEU B 998 -47.59 -13.03 50.27
C LEU B 998 -47.04 -11.62 50.43
N PHE B 999 -47.74 -10.81 51.21
CA PHE B 999 -47.38 -9.41 51.40
C PHE B 999 -46.45 -9.16 52.60
N LYS B 1000 -46.28 -10.20 53.42
CA LYS B 1000 -45.40 -10.14 54.59
C LYS B 1000 -44.06 -10.84 54.42
N GLN B 1001 -44.00 -11.77 53.46
CA GLN B 1001 -42.78 -12.49 53.13
C GLN B 1001 -41.69 -11.61 52.53
N ASN B 1002 -40.48 -11.67 53.11
CA ASN B 1002 -39.35 -10.92 52.57
C ASN B 1002 -38.74 -11.55 51.35
N GLN B 1003 -38.35 -10.70 50.42
CA GLN B 1003 -37.65 -11.11 49.22
C GLN B 1003 -36.15 -11.06 49.45
N VAL B 1004 -35.38 -11.86 48.72
CA VAL B 1004 -33.96 -12.02 49.01
C VAL B 1004 -33.13 -10.83 48.59
N SER B 1005 -33.33 -10.38 47.37
CA SER B 1005 -32.50 -9.32 46.82
C SER B 1005 -32.64 -7.98 47.56
N THR B 1006 -33.82 -7.73 48.16
CA THR B 1006 -34.12 -6.45 48.80
C THR B 1006 -34.12 -6.50 50.31
N GLY B 1007 -34.26 -7.68 50.89
CA GLY B 1007 -34.49 -7.80 52.34
C GLY B 1007 -35.91 -7.41 52.78
N GLN B 1008 -36.74 -7.01 51.83
CA GLN B 1008 -38.01 -6.35 52.12
C GLN B 1008 -39.11 -7.18 51.55
N PRO B 1009 -40.36 -7.01 52.08
CA PRO B 1009 -41.50 -7.60 51.42
C PRO B 1009 -42.01 -6.68 50.31
N ILE B 1010 -42.80 -7.25 49.41
CA ILE B 1010 -43.42 -6.44 48.35
C ILE B 1010 -44.32 -5.40 48.97
N ASP B 1011 -44.46 -4.28 48.29
CA ASP B 1011 -45.16 -3.11 48.83
C ASP B 1011 -46.35 -2.72 47.95
N ALA B 1012 -47.54 -3.10 48.42
CA ALA B 1012 -48.80 -2.75 47.77
C ALA B 1012 -49.42 -1.43 48.32
N SER B 1013 -48.71 -0.72 49.20
CA SER B 1013 -49.20 0.54 49.76
C SER B 1013 -49.24 1.67 48.70
N THR B 1014 -48.55 1.45 47.58
CA THR B 1014 -48.57 2.35 46.44
C THR B 1014 -48.94 1.58 45.15
N LYS B 1015 -49.86 2.14 44.39
CA LYS B 1015 -50.33 1.53 43.14
C LYS B 1015 -49.71 2.24 41.94
N ILE B 1016 -49.41 1.50 40.88
CA ILE B 1016 -48.84 2.11 39.67
C ILE B 1016 -49.91 2.21 38.59
N LYS B 1017 -50.56 3.38 38.47
CA LYS B 1017 -51.50 3.63 37.38
C LYS B 1017 -50.82 4.28 36.21
N GLN B 1018 -49.70 4.92 36.48
CA GLN B 1018 -48.92 5.60 35.45
C GLN B 1018 -47.41 5.34 35.61
N TRP B 1019 -46.78 4.81 34.59
CA TRP B 1019 -45.35 4.62 34.64
C TRP B 1019 -44.62 5.96 34.55
N SER B 1020 -43.44 6.00 35.12
CA SER B 1020 -42.58 7.14 35.04
C SER B 1020 -41.17 6.69 35.40
N ALA B 1021 -40.22 7.58 35.15
CA ALA B 1021 -38.82 7.23 35.21
C ALA B 1021 -38.40 6.65 36.55
N LYS B 1022 -39.06 7.07 37.63
CA LYS B 1022 -38.63 6.62 38.96
C LYS B 1022 -38.77 5.12 39.15
N TYR B 1023 -39.56 4.47 38.31
CA TYR B 1023 -39.70 3.01 38.34
C TYR B 1023 -38.82 2.30 37.31
N MET B 1024 -37.93 3.03 36.63
CA MET B 1024 -37.12 2.46 35.57
C MET B 1024 -35.64 2.44 35.93
N ASN B 1025 -34.93 1.44 35.45
CA ASN B 1025 -33.47 1.41 35.56
C ASN B 1025 -32.79 2.21 34.46
N GLY B 1026 -33.39 2.26 33.27
CA GLY B 1026 -32.79 3.00 32.18
C GLY B 1026 -33.51 2.85 30.88
N THR B 1027 -32.78 3.05 29.81
CA THR B 1027 -33.35 3.05 28.48
C THR B 1027 -32.26 2.84 27.48
N ASN B 1028 -32.65 2.38 26.32
CA ASN B 1028 -31.75 2.40 25.19
C ASN B 1028 -31.52 3.85 24.82
N ILE B 1029 -30.34 4.15 24.32
CA ILE B 1029 -30.02 5.50 23.89
C ILE B 1029 -31.02 5.99 22.83
N LEU B 1030 -31.45 7.26 22.98
CA LEU B 1030 -32.54 7.81 22.19
C LEU B 1030 -32.10 8.76 21.08
N HIS B 1031 -30.78 8.86 20.89
CA HIS B 1031 -30.20 9.66 19.81
C HIS B 1031 -30.49 11.15 19.93
N ARG B 1032 -30.61 11.64 21.16
CA ARG B 1032 -30.97 13.03 21.38
C ARG B 1032 -29.78 13.93 21.67
N GLY B 1033 -28.74 13.35 22.26
CA GLY B 1033 -27.49 14.03 22.49
C GLY B 1033 -27.21 14.18 23.97
N ALA B 1034 -25.92 14.31 24.28
CA ALA B 1034 -25.49 14.57 25.64
C ALA B 1034 -25.93 15.94 26.21
N TYR B 1035 -26.11 16.92 25.32
CA TYR B 1035 -26.45 18.30 25.74
C TYR B 1035 -27.65 18.86 25.01
N TYR B 1036 -28.66 18.03 24.83
CA TYR B 1036 -29.95 18.44 24.28
C TYR B 1036 -30.70 19.25 25.31
N VAL B 1037 -30.46 18.93 26.57
CA VAL B 1037 -30.92 19.73 27.69
C VAL B 1037 -29.91 20.86 27.81
N LEU B 1038 -30.37 22.10 27.67
CA LEU B 1038 -29.48 23.26 27.47
C LEU B 1038 -28.87 23.73 28.74
N LYS B 1039 -27.62 24.12 28.56
CA LYS B 1039 -26.66 24.33 29.64
C LYS B 1039 -25.77 25.52 29.27
N ASP B 1040 -25.33 26.30 30.24
CA ASP B 1040 -24.34 27.37 29.99
C ASP B 1040 -22.94 26.83 30.21
N TRP B 1041 -22.05 26.96 29.20
CA TRP B 1041 -20.71 26.36 29.31
C TRP B 1041 -19.85 27.00 30.38
N ALA B 1042 -20.07 28.28 30.63
CA ALA B 1042 -19.25 29.03 31.56
C ALA B 1042 -19.40 28.62 33.02
N THR B 1043 -20.65 28.49 33.47
CA THR B 1043 -20.97 28.13 34.84
C THR B 1043 -21.31 26.66 35.00
N ASN B 1044 -21.60 26.02 33.87
CA ASN B 1044 -22.08 24.63 33.84
C ASN B 1044 -23.43 24.38 34.49
N GLN B 1045 -24.21 25.44 34.67
CA GLN B 1045 -25.55 25.32 35.21
C GLN B 1045 -26.52 25.15 34.07
N TYR B 1046 -27.56 24.35 34.28
CA TYR B 1046 -28.56 24.10 33.24
C TYR B 1046 -29.62 25.18 33.37
N PHE B 1047 -30.18 25.63 32.26
CA PHE B 1047 -31.24 26.65 32.32
C PHE B 1047 -32.48 25.99 32.88
N ASN B 1048 -33.23 26.80 33.62
CA ASN B 1048 -34.46 26.35 34.27
C ASN B 1048 -35.42 27.51 34.54
N ILE B 1049 -36.72 27.22 34.47
CA ILE B 1049 -37.77 28.25 34.64
C ILE B 1049 -38.95 27.78 35.48
N ALA B 1050 -38.74 26.74 36.28
CA ALA B 1050 -39.83 26.03 36.92
C ALA B 1050 -40.42 26.88 38.02
N LYS B 1051 -39.55 27.43 38.84
CA LYS B 1051 -39.95 28.26 39.96
C LYS B 1051 -39.34 29.64 39.80
N THR B 1052 -40.15 30.71 39.87
CA THR B 1052 -39.65 32.10 39.73
C THR B 1052 -38.53 32.51 40.72
N ASN B 1053 -38.41 31.81 41.86
CA ASN B 1053 -37.30 31.99 42.83
C ASN B 1053 -35.88 31.55 42.36
N GLU B 1054 -35.84 30.66 41.37
CA GLU B 1054 -34.62 29.98 40.99
C GLU B 1054 -34.60 29.84 39.47
N VAL B 1055 -34.91 30.93 38.78
CA VAL B 1055 -34.77 30.98 37.34
C VAL B 1055 -33.29 31.10 36.95
N PHE B 1056 -32.92 30.44 35.86
CA PHE B 1056 -31.63 30.66 35.24
C PHE B 1056 -31.85 30.69 33.74
N LEU B 1057 -31.61 31.84 33.13
CA LEU B 1057 -31.71 32.00 31.68
C LEU B 1057 -30.52 32.79 31.11
N PRO B 1058 -30.30 32.71 29.80
CA PRO B 1058 -29.34 33.62 29.20
C PRO B 1058 -29.79 35.05 29.39
N LEU B 1059 -28.83 35.96 29.55
CA LEU B 1059 -29.18 37.34 29.90
C LEU B 1059 -29.93 38.07 28.78
N GLN B 1060 -29.66 37.75 27.51
CA GLN B 1060 -30.40 38.33 26.36
C GLN B 1060 -31.91 38.15 26.49
N LEU B 1061 -32.31 36.99 27.00
CA LEU B 1061 -33.72 36.65 27.06
C LEU B 1061 -34.43 37.38 28.20
N GLN B 1062 -33.65 37.87 29.17
CA GLN B 1062 -34.20 38.68 30.26
C GLN B 1062 -34.01 40.18 30.03
N ASN B 1063 -33.69 40.56 28.79
CA ASN B 1063 -33.40 41.93 28.43
C ASN B 1063 -32.36 42.56 29.35
N LYS B 1064 -31.28 41.82 29.58
CA LYS B 1064 -30.11 42.35 30.23
C LYS B 1064 -28.97 42.24 29.24
N ASP B 1065 -27.85 42.84 29.57
CA ASP B 1065 -26.73 42.92 28.64
C ASP B 1065 -25.82 41.73 28.80
N ALA B 1066 -25.63 40.98 27.71
CA ALA B 1066 -24.78 39.81 27.71
C ALA B 1066 -23.51 40.16 27.00
N GLN B 1067 -22.41 40.17 27.75
CA GLN B 1067 -21.14 40.39 27.12
C GLN B 1067 -20.45 39.08 26.93
N THR B 1068 -19.73 38.96 25.83
CA THR B 1068 -19.12 37.68 25.52
C THR B 1068 -17.77 37.88 24.90
N GLY B 1069 -16.82 37.05 25.32
CA GLY B 1069 -15.47 37.08 24.75
C GLY B 1069 -14.39 36.94 25.80
N PHE B 1070 -13.16 37.01 25.34
CA PHE B 1070 -12.00 36.98 26.20
C PHE B 1070 -11.60 38.42 26.52
N ILE B 1071 -11.26 38.68 27.78
CA ILE B 1071 -10.81 39.98 28.18
C ILE B 1071 -9.65 39.86 29.12
N SER B 1072 -8.55 40.57 28.82
CA SER B 1072 -7.38 40.62 29.69
C SER B 1072 -7.54 41.68 30.75
N ASP B 1073 -7.03 41.38 31.95
CA ASP B 1073 -6.79 42.42 32.96
C ASP B 1073 -5.42 42.22 33.60
N ALA B 1074 -5.04 43.03 34.56
CA ALA B 1074 -3.71 42.93 35.12
C ALA B 1074 -3.41 41.56 35.69
N SER B 1075 -4.42 40.93 36.29
CA SER B 1075 -4.25 39.59 36.88
C SER B 1075 -4.19 38.44 35.87
N GLY B 1076 -5.00 38.50 34.82
CA GLY B 1076 -4.97 37.47 33.80
C GLY B 1076 -6.14 37.58 32.82
N VAL B 1077 -6.50 36.47 32.17
CA VAL B 1077 -7.51 36.50 31.13
C VAL B 1077 -8.81 35.88 31.65
N LYS B 1078 -9.93 36.48 31.27
CA LYS B 1078 -11.24 36.05 31.71
C LYS B 1078 -12.06 35.79 30.48
N TYR B 1079 -13.15 35.07 30.63
CA TYR B 1079 -13.99 34.74 29.48
C TYR B 1079 -15.44 34.82 29.84
N TYR B 1080 -16.24 35.36 28.91
CA TYR B 1080 -17.68 35.45 29.10
C TYR B 1080 -18.40 34.71 27.98
N SER B 1081 -19.34 33.84 28.33
CA SER B 1081 -20.04 33.00 27.35
C SER B 1081 -21.06 33.82 26.59
N ILE B 1082 -21.64 33.25 25.55
CA ILE B 1082 -22.68 33.94 24.78
C ILE B 1082 -23.86 34.37 25.64
N SER B 1083 -24.12 33.67 26.73
CA SER B 1083 -25.24 34.02 27.59
C SER B 1083 -24.88 35.10 28.60
N GLY B 1084 -23.61 35.49 28.61
CA GLY B 1084 -23.17 36.64 29.39
C GLY B 1084 -22.61 36.31 30.76
N TYR B 1085 -22.20 35.07 30.97
CA TYR B 1085 -21.68 34.68 32.29
C TYR B 1085 -20.18 34.41 32.26
N GLN B 1086 -19.53 34.66 33.38
CA GLN B 1086 -18.10 34.48 33.47
C GLN B 1086 -17.81 33.02 33.66
N ALA B 1087 -16.79 32.55 32.95
CA ALA B 1087 -16.31 31.18 33.06
C ALA B 1087 -15.50 30.99 34.32
N LYS B 1088 -15.95 30.06 35.15
CA LYS B 1088 -15.21 29.65 36.35
C LYS B 1088 -15.27 28.14 36.47
N ASP B 1089 -14.11 27.54 36.70
CA ASP B 1089 -13.98 26.13 36.96
C ASP B 1089 -14.63 25.35 35.82
N THR B 1090 -14.11 25.61 34.62
CA THR B 1090 -14.67 25.03 33.41
C THR B 1090 -13.69 25.14 32.25
N PHE B 1091 -13.82 24.27 31.27
CA PHE B 1091 -12.95 24.28 30.11
C PHE B 1091 -13.70 25.01 29.04
N ILE B 1092 -13.00 25.76 28.22
CA ILE B 1092 -13.66 26.58 27.21
C ILE B 1092 -12.85 26.50 25.93
N GLU B 1093 -13.55 26.48 24.81
CA GLU B 1093 -12.93 26.32 23.51
C GLU B 1093 -13.13 27.58 22.74
N ASP B 1094 -12.08 28.11 22.14
CA ASP B 1094 -12.25 29.33 21.36
C ASP B 1094 -12.68 29.00 19.94
N GLY B 1095 -12.89 30.03 19.14
CA GLY B 1095 -13.42 29.89 17.78
C GLY B 1095 -12.45 29.24 16.83
N ASN B 1096 -11.16 29.21 17.16
CA ASN B 1096 -10.14 28.52 16.35
C ASN B 1096 -9.84 27.10 16.79
N GLY B 1097 -10.54 26.61 17.79
CA GLY B 1097 -10.36 25.24 18.20
C GLY B 1097 -9.44 25.03 19.39
N ASN B 1098 -8.87 26.09 19.95
CA ASN B 1098 -8.01 25.93 21.11
C ASN B 1098 -8.79 25.83 22.39
N TRP B 1099 -8.28 25.06 23.33
CA TRP B 1099 -8.97 24.82 24.61
C TRP B 1099 -8.23 25.48 25.75
N TYR B 1100 -8.99 25.96 26.72
CA TYR B 1100 -8.46 26.65 27.87
C TYR B 1100 -9.14 26.15 29.13
N TYR B 1101 -8.48 26.28 30.27
CA TYR B 1101 -9.13 26.00 31.56
C TYR B 1101 -9.17 27.26 32.43
N PHE B 1102 -10.35 27.58 32.93
CA PHE B 1102 -10.54 28.71 33.82
C PHE B 1102 -10.75 28.21 35.23
N ASP B 1103 -9.93 28.70 36.16
CA ASP B 1103 -9.89 28.19 37.54
C ASP B 1103 -11.07 28.74 38.33
N LYS B 1104 -11.10 28.41 39.62
CA LYS B 1104 -12.21 28.81 40.46
C LYS B 1104 -12.37 30.33 40.43
N ASP B 1105 -11.25 31.04 40.46
CA ASP B 1105 -11.26 32.50 40.51
C ASP B 1105 -11.67 33.18 39.21
N GLY B 1106 -11.80 32.40 38.15
CA GLY B 1106 -12.32 32.93 36.88
C GLY B 1106 -11.22 33.32 35.92
N TYR B 1107 -10.00 32.84 36.19
CA TYR B 1107 -8.85 33.20 35.39
C TYR B 1107 -8.30 32.01 34.64
N MET B 1108 -8.04 32.22 33.35
CA MET B 1108 -7.34 31.27 32.50
C MET B 1108 -6.05 30.81 33.14
N VAL B 1109 -5.79 29.50 33.11
CA VAL B 1109 -4.54 28.98 33.64
C VAL B 1109 -3.49 29.10 32.54
N ARG B 1110 -2.32 29.59 32.89
CA ARG B 1110 -1.23 29.75 31.93
C ARG B 1110 0.10 29.47 32.60
N SER B 1111 1.05 28.94 31.85
CA SER B 1111 2.36 28.65 32.43
C SER B 1111 3.18 29.92 32.54
N GLN B 1112 3.97 29.98 33.61
CA GLN B 1112 4.90 31.08 33.86
C GLN B 1112 6.29 30.59 33.48
N GLN B 1113 7.23 31.53 33.28
CA GLN B 1113 8.65 31.19 33.06
C GLN B 1113 9.25 30.45 34.27
N GLY B 1114 10.05 29.42 34.00
CA GLY B 1114 10.79 28.72 35.05
C GLY B 1114 9.97 27.81 35.93
N GLU B 1115 8.68 27.70 35.65
CA GLU B 1115 7.75 26.91 36.43
C GLU B 1115 7.17 25.74 35.62
N ASN B 1116 6.63 24.76 36.33
CA ASN B 1116 6.05 23.59 35.69
C ASN B 1116 4.74 23.93 34.98
N PRO B 1117 4.69 23.73 33.66
CA PRO B 1117 3.46 23.97 32.91
C PRO B 1117 2.37 22.93 33.15
N ILE B 1118 2.72 21.79 33.73
CA ILE B 1118 1.74 20.74 34.00
C ILE B 1118 0.90 21.10 35.18
N ARG B 1119 -0.42 21.09 35.02
CA ARG B 1119 -1.30 21.40 36.14
C ARG B 1119 -2.34 20.33 36.31
N THR B 1120 -2.61 20.01 37.58
CA THR B 1120 -3.66 19.10 37.97
C THR B 1120 -4.99 19.83 38.05
N VAL B 1121 -6.01 19.32 37.38
CA VAL B 1121 -7.32 19.97 37.35
C VAL B 1121 -8.38 19.08 38.00
N GLU B 1122 -9.13 19.65 38.94
CA GLU B 1122 -10.30 19.04 39.53
C GLU B 1122 -11.49 19.95 39.33
N THR B 1123 -12.39 19.55 38.45
CA THR B 1123 -13.51 20.37 38.01
C THR B 1123 -14.83 19.80 38.49
N SER B 1124 -15.81 20.68 38.57
CA SER B 1124 -17.22 20.29 38.67
C SER B 1124 -17.55 19.12 37.70
N VAL B 1125 -17.13 19.23 36.45
CA VAL B 1125 -17.24 18.13 35.49
C VAL B 1125 -16.08 17.13 35.73
N ASN B 1126 -16.38 16.10 36.50
CA ASN B 1126 -15.42 15.10 36.96
C ASN B 1126 -14.72 14.33 35.89
N THR B 1127 -15.40 14.09 34.77
CA THR B 1127 -14.84 13.25 33.74
C THR B 1127 -13.58 13.90 33.18
N ARG B 1128 -13.51 15.22 33.24
CA ARG B 1128 -12.36 15.97 32.74
C ARG B 1128 -11.22 16.10 33.74
N ASN B 1129 -11.38 15.64 34.97
CA ASN B 1129 -10.27 15.67 35.92
C ASN B 1129 -9.05 14.97 35.37
N GLY B 1130 -7.89 15.48 35.72
CA GLY B 1130 -6.64 14.91 35.22
C GLY B 1130 -5.52 15.95 35.18
N ASN B 1131 -4.40 15.59 34.56
CA ASN B 1131 -3.26 16.49 34.43
C ASN B 1131 -3.15 17.04 33.03
N TYR B 1132 -3.10 18.35 32.95
CA TYR B 1132 -3.03 19.04 31.69
C TYR B 1132 -1.75 19.85 31.55
N TYR B 1133 -1.46 20.27 30.33
CA TYR B 1133 -0.26 21.04 30.02
C TYR B 1133 -0.69 22.34 29.36
N PHE B 1134 -0.68 23.44 30.10
CA PHE B 1134 -1.10 24.73 29.55
C PHE B 1134 0.10 25.57 29.22
N MET B 1135 0.09 26.16 28.04
CA MET B 1135 1.21 26.95 27.55
C MET B 1135 1.13 28.38 28.08
N PRO B 1136 2.09 29.24 27.74
CA PRO B 1136 2.06 30.57 28.34
C PRO B 1136 0.88 31.38 27.88
N ASN B 1137 0.37 31.13 26.69
CA ASN B 1137 -0.85 31.81 26.22
C ASN B 1137 -2.14 31.03 26.52
N GLY B 1138 -2.02 30.01 27.39
CA GLY B 1138 -3.17 29.35 28.02
C GLY B 1138 -3.74 28.17 27.26
N VAL B 1139 -3.16 27.91 26.08
CA VAL B 1139 -3.59 26.89 25.16
C VAL B 1139 -3.20 25.56 25.76
N GLU B 1140 -4.16 24.64 25.73
CA GLU B 1140 -3.97 23.28 26.24
C GLU B 1140 -3.29 22.47 25.11
N LEU B 1141 -2.19 21.79 25.45
CA LEU B 1141 -1.51 20.90 24.54
C LEU B 1141 -2.31 19.61 24.46
N ARG B 1142 -2.47 19.14 23.22
CA ARG B 1142 -3.28 17.98 22.92
C ARG B 1142 -2.60 17.12 21.84
N LYS B 1143 -2.54 15.81 22.11
CA LYS B 1143 -2.06 14.84 21.15
C LYS B 1143 -0.60 15.10 20.86
N GLY B 1144 0.17 15.23 21.92
CA GLY B 1144 1.58 15.56 21.75
C GLY B 1144 2.37 15.54 23.05
N PHE B 1145 3.68 15.66 22.91
CA PHE B 1145 4.56 15.58 24.06
C PHE B 1145 4.83 16.94 24.67
N GLY B 1146 4.97 16.99 25.99
CA GLY B 1146 5.32 18.22 26.68
C GLY B 1146 6.43 18.05 27.72
N THR B 1147 7.43 18.91 27.69
CA THR B 1147 8.52 18.85 28.65
C THR B 1147 8.19 19.73 29.85
N ASP B 1148 8.53 19.27 31.05
CA ASP B 1148 8.37 20.07 32.26
C ASP B 1148 9.63 20.88 32.50
N ASN B 1149 9.65 21.66 33.57
CA ASN B 1149 10.83 22.49 33.94
C ASN B 1149 12.14 21.71 34.20
N SER B 1150 12.03 20.45 34.59
CA SER B 1150 13.18 19.63 34.95
C SER B 1150 13.69 18.73 33.82
N GLY B 1151 13.13 18.86 32.62
CA GLY B 1151 13.53 18.03 31.49
C GLY B 1151 12.81 16.71 31.26
N ASN B 1152 11.87 16.34 32.12
CA ASN B 1152 11.07 15.12 31.91
C ASN B 1152 10.04 15.30 30.83
N VAL B 1153 9.86 14.30 29.99
CA VAL B 1153 8.85 14.37 28.95
C VAL B 1153 7.57 13.63 29.33
N TYR B 1154 6.40 14.22 29.05
CA TYR B 1154 5.11 13.55 29.21
C TYR B 1154 4.33 13.58 27.89
N TYR B 1155 3.26 12.78 27.78
CA TYR B 1155 2.39 12.84 26.60
C TYR B 1155 0.97 13.15 27.03
N PHE B 1156 0.24 13.86 26.16
CA PHE B 1156 -1.09 14.33 26.48
C PHE B 1156 -2.01 14.01 25.32
N ASP B 1157 -3.19 13.50 25.63
CA ASP B 1157 -4.00 12.79 24.64
C ASP B 1157 -4.89 13.73 23.83
N ASP B 1158 -5.75 13.16 22.99
CA ASP B 1158 -6.69 13.91 22.16
C ASP B 1158 -7.36 15.02 22.91
N GLN B 1159 -7.72 14.77 24.17
CA GLN B 1159 -8.50 15.70 24.98
C GLN B 1159 -7.69 16.46 26.02
N GLY B 1160 -6.38 16.37 25.94
CA GLY B 1160 -5.49 17.17 26.80
C GLY B 1160 -4.96 16.48 28.04
N LYS B 1161 -5.54 15.32 28.38
CA LYS B 1161 -5.17 14.58 29.59
C LYS B 1161 -3.82 13.91 29.46
N MET B 1162 -3.10 13.86 30.57
CA MET B 1162 -1.81 13.21 30.60
C MET B 1162 -2.09 11.75 30.52
N VAL B 1163 -1.18 11.03 29.88
CA VAL B 1163 -1.27 9.60 29.78
C VAL B 1163 -0.20 8.96 30.65
N ARG B 1164 -0.60 7.90 31.36
CA ARG B 1164 0.28 7.19 32.31
C ARG B 1164 0.25 5.69 32.08
N ASP B 1165 1.40 5.05 32.34
CA ASP B 1165 1.47 3.61 32.52
C ASP B 1165 0.94 2.88 31.28
N LYS B 1166 1.52 3.19 30.12
CA LYS B 1166 1.19 2.45 28.93
C LYS B 1166 2.11 2.77 27.73
N TYR B 1167 2.09 1.88 26.74
CA TYR B 1167 2.78 2.14 25.51
C TYR B 1167 1.84 2.94 24.61
N ILE B 1168 2.46 3.71 23.72
CA ILE B 1168 1.75 4.64 22.86
C ILE B 1168 2.40 4.64 21.47
N ASN B 1169 1.57 4.64 20.42
CA ASN B 1169 2.05 4.57 19.03
C ASN B 1169 1.78 5.87 18.27
N ASP B 1170 2.48 5.98 17.15
CA ASP B 1170 2.61 7.22 16.40
C ASP B 1170 2.18 6.92 14.96
N ASP B 1171 1.71 7.93 14.21
CA ASP B 1171 1.41 7.77 12.75
C ASP B 1171 2.60 7.25 11.89
N ALA B 1172 3.83 7.61 12.27
CA ALA B 1172 5.02 7.11 11.59
C ALA B 1172 5.55 5.77 12.15
N ASN B 1173 4.80 5.16 13.07
CA ASN B 1173 5.15 3.84 13.61
C ASN B 1173 6.22 3.88 14.72
N ASN B 1174 6.35 5.03 15.36
CA ASN B 1174 7.21 5.17 16.51
C ASN B 1174 6.50 4.77 17.76
N PHE B 1175 7.18 4.05 18.63
CA PHE B 1175 6.59 3.57 19.86
C PHE B 1175 7.25 4.24 21.07
N TYR B 1176 6.44 4.64 22.05
CA TYR B 1176 6.95 5.22 23.31
C TYR B 1176 6.26 4.60 24.53
N HIS B 1177 6.96 4.65 25.67
CA HIS B 1177 6.42 4.14 26.94
C HIS B 1177 6.32 5.23 27.96
N LEU B 1178 5.19 5.24 28.66
CA LEU B 1178 4.96 6.18 29.73
C LEU B 1178 4.86 5.43 31.04
N ASN B 1179 5.73 5.83 31.96
CA ASN B 1179 5.78 5.27 33.31
C ASN B 1179 4.51 5.60 34.08
N VAL B 1180 4.42 5.12 35.32
CA VAL B 1180 3.22 5.33 36.14
C VAL B 1180 3.12 6.80 36.57
N ASP B 1181 4.24 7.38 36.98
CA ASP B 1181 4.27 8.81 37.31
C ASP B 1181 4.10 9.73 36.09
N GLY B 1182 3.91 9.15 34.89
CA GLY B 1182 3.63 9.92 33.68
C GLY B 1182 4.81 10.07 32.74
N THR B 1183 6.02 9.94 33.28
CA THR B 1183 7.22 10.24 32.51
C THR B 1183 7.41 9.22 31.41
N MET B 1184 8.18 9.61 30.41
CA MET B 1184 8.44 8.78 29.25
C MET B 1184 9.82 8.14 29.37
N SER B 1185 9.84 6.83 29.53
CA SER B 1185 11.08 6.08 29.48
C SER B 1185 11.77 6.21 28.10
#